data_9FHW
#
_entry.id   9FHW
#
_cell.length_a   196.935
_cell.length_b   89.034
_cell.length_c   145.908
_cell.angle_alpha   90.000
_cell.angle_beta   120.362
_cell.angle_gamma   90.000
#
_symmetry.space_group_name_H-M   'C 1 2 1'
#
loop_
_entity.id
_entity.type
_entity.pdbx_description
1 polymer 'Alginate lyase family protein'
2 branched 'alpha-L-gulopyranuronic acid-(1-4)-alpha-L-gulopyranuronic acid-(1-4)-alpha-L-gulopyranuronic acid-(1-4)-alpha-L-gulopyranuronic acid'
3 non-polymer 'SULFATE ION'
4 water water
#
_entity_poly.entity_id   1
_entity_poly.type   'polypeptide(L)'
_entity_poly.pdbx_seq_one_letter_code
;MGSSHHHHHHSSGLVPRGSHMASAPLGPFNATLLEQLKNDYQKGEKEVTRYIELQEKVAEKYIKMTPLSVTAKKKLPPSK
DPRDYMTLSPYWWPDSTKIDGLPYIRKDGERNPEVYEYPERENANRFGDAAYCLGVLYYITGKEVYAKACANHLRTWFTD
PKLGMNPNMTYAQAVPGMKKMRGSGFIDSRRFSRALGVAKLIEGSKSWTPSDKKKLDDWATAFCYWMENSTQGQRESHAA
NNHGLWYEAIHLMVLAYLDRTDRIREVAEQSILPKMGAQIADDGSLPQELKRTLSLHYSTFALEALMEANQITSQIGINL
WSTPASNGKVASQAVDYLYPFYLNPEDWKFKQIKPFDQSRAAILLYEAGTALGNQKYVDTAKRIGLKYSTSDVETIPYLV
LKKK
;
_entity_poly.pdbx_strand_id   A,B,C,D
#
loop_
_chem_comp.id
_chem_comp.type
_chem_comp.name
_chem_comp.formula
LGU L-saccharide, alpha linking 'alpha-L-gulopyranuronic acid' 'C6 H10 O7'
SO4 non-polymer 'SULFATE ION' 'O4 S -2'
#
# COMPACT_ATOMS: atom_id res chain seq x y z
N ALA A 24 -6.10 52.29 -24.74
CA ALA A 24 -4.89 51.86 -24.03
C ALA A 24 -3.98 51.03 -24.95
N PRO A 25 -2.66 51.17 -24.78
CA PRO A 25 -1.74 50.28 -25.51
C PRO A 25 -1.94 48.82 -25.12
N LEU A 26 -1.64 47.94 -26.06
CA LEU A 26 -1.72 46.50 -25.83
C LEU A 26 -0.84 46.09 -24.66
N GLY A 27 -1.43 45.44 -23.65
CA GLY A 27 -0.67 44.99 -22.50
C GLY A 27 -1.47 44.09 -21.57
N PRO A 28 -0.83 43.64 -20.47
CA PRO A 28 -1.39 42.62 -19.55
C PRO A 28 -2.23 43.20 -18.43
N PHE A 29 -3.44 43.63 -18.79
CA PHE A 29 -4.35 44.31 -17.89
C PHE A 29 -5.68 44.42 -18.59
N ASN A 30 -6.73 44.61 -17.80
CA ASN A 30 -8.05 44.88 -18.35
C ASN A 30 -8.06 46.28 -18.92
N ALA A 31 -7.83 46.39 -20.24
CA ALA A 31 -7.72 47.70 -20.87
C ALA A 31 -9.02 48.47 -20.83
N THR A 32 -10.16 47.79 -20.77
CA THR A 32 -11.42 48.51 -20.66
C THR A 32 -11.51 49.25 -19.33
N LEU A 33 -11.18 48.57 -18.23
CA LEU A 33 -11.23 49.22 -16.93
C LEU A 33 -10.18 50.34 -16.84
N LEU A 34 -9.01 50.14 -17.44
CA LEU A 34 -7.96 51.14 -17.38
C LEU A 34 -8.37 52.42 -18.10
N GLU A 35 -8.87 52.30 -19.33
CA GLU A 35 -9.31 53.50 -20.07
C GLU A 35 -10.39 54.24 -19.29
N GLN A 36 -11.40 53.50 -18.81
CA GLN A 36 -12.47 54.11 -18.05
C GLN A 36 -11.92 54.90 -16.86
N LEU A 37 -10.94 54.35 -16.13
CA LEU A 37 -10.33 55.07 -15.02
C LEU A 37 -9.58 56.30 -15.51
N LYS A 38 -8.87 56.20 -16.64
CA LYS A 38 -8.14 57.36 -17.13
C LYS A 38 -9.12 58.46 -17.52
N ASN A 39 -10.19 58.11 -18.25
CA ASN A 39 -11.27 59.03 -18.58
C ASN A 39 -11.79 59.76 -17.34
N ASP A 40 -12.31 58.98 -16.39
CA ASP A 40 -12.96 59.56 -15.22
C ASP A 40 -12.00 60.40 -14.39
N TYR A 41 -10.72 59.98 -14.29
CA TYR A 41 -9.74 60.80 -13.58
C TYR A 41 -9.50 62.11 -14.31
N GLN A 42 -9.41 62.04 -15.64
CA GLN A 42 -9.20 63.26 -16.40
C GLN A 42 -10.46 64.13 -16.41
N LYS A 43 -11.64 63.51 -16.50
CA LYS A 43 -12.87 64.29 -16.42
C LYS A 43 -13.04 64.98 -15.07
N GLY A 44 -12.40 64.47 -14.02
CA GLY A 44 -12.53 65.07 -12.72
C GLY A 44 -13.60 64.44 -11.87
N GLU A 45 -14.18 63.34 -12.32
CA GLU A 45 -15.18 62.61 -11.55
C GLU A 45 -14.65 62.35 -10.14
N LYS A 46 -15.48 62.62 -9.15
CA LYS A 46 -14.95 62.65 -7.78
C LYS A 46 -14.60 61.25 -7.30
N GLU A 47 -15.46 60.25 -7.55
CA GLU A 47 -15.22 58.88 -7.07
C GLU A 47 -13.88 58.33 -7.52
N VAL A 48 -13.59 58.41 -8.82
CA VAL A 48 -12.34 57.86 -9.33
C VAL A 48 -11.17 58.67 -8.83
N THR A 49 -11.31 60.01 -8.83
CA THR A 49 -10.25 60.86 -8.31
C THR A 49 -9.94 60.50 -6.87
N ARG A 50 -10.96 60.22 -6.05
CA ARG A 50 -10.70 59.77 -4.69
C ARG A 50 -9.93 58.46 -4.72
N TYR A 51 -10.39 57.53 -5.54
CA TYR A 51 -9.74 56.23 -5.64
C TYR A 51 -8.31 56.33 -6.17
N ILE A 52 -8.09 57.12 -7.24
CA ILE A 52 -6.74 57.26 -7.76
C ILE A 52 -5.81 57.95 -6.76
N GLU A 53 -6.34 58.86 -5.94
CA GLU A 53 -5.47 59.51 -4.95
C GLU A 53 -5.07 58.53 -3.86
N LEU A 54 -5.97 57.63 -3.48
CA LEU A 54 -5.59 56.54 -2.58
C LEU A 54 -4.45 55.72 -3.19
N GLN A 55 -4.59 55.33 -4.47
CA GLN A 55 -3.55 54.54 -5.14
C GLN A 55 -2.21 55.26 -5.10
N GLU A 56 -2.24 56.58 -5.27
CA GLU A 56 -1.00 57.35 -5.26
C GLU A 56 -0.35 57.30 -3.89
N LYS A 57 -1.16 57.28 -2.83
CA LYS A 57 -0.59 57.19 -1.48
C LYS A 57 0.02 55.81 -1.26
N VAL A 58 -0.61 54.77 -1.81
CA VAL A 58 -0.05 53.43 -1.78
C VAL A 58 1.23 53.34 -2.60
N ALA A 59 1.25 53.99 -3.76
CA ALA A 59 2.36 53.88 -4.70
C ALA A 59 3.62 54.55 -4.20
N GLU A 60 3.54 55.26 -3.08
CA GLU A 60 4.67 56.10 -2.71
C GLU A 60 5.89 55.25 -2.34
N LYS A 61 5.66 54.10 -1.71
CA LYS A 61 6.77 53.22 -1.34
C LYS A 61 7.53 52.72 -2.57
N TYR A 62 6.87 52.64 -3.72
CA TYR A 62 7.57 52.19 -4.90
C TYR A 62 8.48 53.25 -5.44
N ILE A 63 8.19 54.53 -5.15
CA ILE A 63 9.08 55.61 -5.58
C ILE A 63 10.35 55.63 -4.74
N LYS A 64 10.22 55.38 -3.43
CA LYS A 64 11.34 55.35 -2.51
C LYS A 64 12.10 54.03 -2.57
N MET A 65 11.43 52.96 -3.02
CA MET A 65 12.00 51.63 -3.05
C MET A 65 13.25 51.58 -3.92
N THR A 66 14.28 50.92 -3.42
CA THR A 66 15.48 50.72 -4.22
C THR A 66 15.23 49.66 -5.29
N PRO A 67 15.65 49.89 -6.53
CA PRO A 67 15.56 48.84 -7.56
C PRO A 67 16.21 47.51 -7.17
N LEU A 68 15.48 46.40 -7.39
CA LEU A 68 15.96 45.05 -7.13
C LEU A 68 16.68 44.47 -8.34
N SER A 69 17.53 43.48 -8.08
CA SER A 69 18.29 42.80 -9.11
C SER A 69 18.35 41.31 -8.81
N VAL A 70 18.35 40.48 -9.86
CA VAL A 70 18.52 39.04 -9.62
C VAL A 70 19.92 38.73 -9.14
N THR A 71 20.87 39.66 -9.31
CA THR A 71 22.25 39.40 -8.92
C THR A 71 22.47 39.49 -7.42
N ALA A 72 21.48 39.92 -6.65
CA ALA A 72 21.65 40.06 -5.20
C ALA A 72 21.49 38.69 -4.55
N LYS A 73 22.47 37.83 -4.79
CA LYS A 73 22.45 36.50 -4.19
C LYS A 73 23.86 36.01 -3.95
N LYS A 74 24.02 35.21 -2.89
CA LYS A 74 25.33 34.65 -2.59
C LYS A 74 25.57 33.32 -3.29
N LYS A 75 24.65 32.36 -3.12
CA LYS A 75 24.82 31.04 -3.73
C LYS A 75 24.55 31.17 -5.23
N LEU A 76 25.55 30.83 -6.06
CA LEU A 76 25.43 31.03 -7.51
C LEU A 76 24.84 29.82 -8.21
N PRO A 77 24.28 30.02 -9.40
CA PRO A 77 23.81 28.87 -10.22
C PRO A 77 24.97 28.06 -10.79
N PRO A 78 24.70 26.89 -11.35
CA PRO A 78 25.81 26.12 -11.96
C PRO A 78 26.60 26.92 -12.98
N SER A 79 25.98 27.92 -13.63
CA SER A 79 26.69 28.78 -14.56
C SER A 79 27.68 29.73 -13.90
N LYS A 80 27.66 29.85 -12.57
CA LYS A 80 28.45 30.86 -11.85
C LYS A 80 28.14 32.26 -12.38
N ASP A 81 26.93 32.49 -12.86
CA ASP A 81 26.55 33.80 -13.34
C ASP A 81 25.47 34.35 -12.43
N PRO A 82 25.73 35.41 -11.67
CA PRO A 82 24.67 35.95 -10.80
C PRO A 82 23.52 36.59 -11.58
N ARG A 83 23.71 36.84 -12.88
CA ARG A 83 22.62 37.36 -13.70
C ARG A 83 21.62 36.28 -14.13
N ASP A 84 21.84 35.02 -13.75
CA ASP A 84 20.94 33.93 -14.07
C ASP A 84 19.89 33.80 -12.99
N TYR A 85 18.64 33.80 -13.38
CA TYR A 85 17.57 33.59 -12.42
C TYR A 85 17.60 32.14 -11.91
N MET A 86 17.53 31.96 -10.60
CA MET A 86 17.42 30.63 -10.01
C MET A 86 16.51 30.62 -8.81
N THR A 87 15.55 29.69 -8.79
CA THR A 87 14.77 29.43 -7.62
C THR A 87 14.72 27.93 -7.41
N LEU A 88 14.23 27.52 -6.25
CA LEU A 88 14.02 26.12 -5.91
C LEU A 88 12.57 25.73 -6.16
N SER A 89 12.36 24.55 -6.72
CA SER A 89 11.00 24.09 -6.97
C SER A 89 10.31 23.89 -5.63
N PRO A 90 9.14 24.52 -5.42
CA PRO A 90 8.61 24.68 -4.05
C PRO A 90 8.18 23.41 -3.34
N TYR A 91 7.91 22.32 -4.03
CA TYR A 91 7.38 21.14 -3.36
C TYR A 91 8.44 20.05 -3.19
N TRP A 92 9.72 20.37 -3.38
CA TRP A 92 10.78 19.37 -3.33
C TRP A 92 11.60 19.55 -2.07
N TRP A 93 11.68 18.48 -1.27
CA TRP A 93 12.25 18.54 0.07
C TRP A 93 13.47 17.66 0.20
N PRO A 94 14.43 18.03 1.04
CA PRO A 94 15.53 17.12 1.35
C PRO A 94 14.98 15.82 1.89
N ASP A 95 15.59 14.71 1.46
CA ASP A 95 15.17 13.38 1.88
C ASP A 95 15.98 12.99 3.12
N SER A 96 15.31 12.88 4.27
CA SER A 96 16.04 12.67 5.52
C SER A 96 16.76 11.32 5.56
N THR A 97 16.28 10.32 4.80
CA THR A 97 16.89 8.99 4.82
C THR A 97 18.19 8.89 4.01
N LYS A 98 18.61 9.97 3.35
CA LYS A 98 19.87 9.99 2.63
C LYS A 98 20.87 10.84 3.39
N ILE A 99 22.15 10.48 3.28
CA ILE A 99 23.16 11.10 4.12
C ILE A 99 23.27 12.59 3.81
N ASP A 100 23.21 12.96 2.54
CA ASP A 100 23.28 14.35 2.12
C ASP A 100 21.90 14.90 1.77
N GLY A 101 20.86 14.11 2.00
CA GLY A 101 19.51 14.55 1.73
C GLY A 101 19.07 14.42 0.30
N LEU A 102 20.03 14.05 -0.65
CA LEU A 102 19.86 13.99 -2.08
C LEU A 102 19.51 12.57 -2.52
N PRO A 103 18.68 12.44 -3.57
CA PRO A 103 17.99 13.52 -4.30
C PRO A 103 16.73 14.00 -3.56
N TYR A 104 16.32 15.25 -3.75
CA TYR A 104 15.11 15.76 -3.10
C TYR A 104 13.90 14.95 -3.53
N ILE A 105 12.84 15.05 -2.72
CA ILE A 105 11.61 14.31 -2.91
C ILE A 105 10.43 15.25 -2.88
N ARG A 106 9.38 14.87 -3.59
CA ARG A 106 8.25 15.75 -3.84
C ARG A 106 7.11 15.48 -2.87
N LYS A 107 6.54 16.54 -2.34
CA LYS A 107 5.37 16.45 -1.47
C LYS A 107 4.39 17.50 -2.01
N ASP A 108 3.49 17.08 -2.89
CA ASP A 108 2.66 18.04 -3.59
C ASP A 108 1.84 18.85 -2.60
N GLY A 109 1.97 20.18 -2.69
CA GLY A 109 1.18 21.11 -1.92
C GLY A 109 1.87 21.69 -0.70
N GLU A 110 3.02 21.14 -0.32
CA GLU A 110 3.74 21.57 0.88
C GLU A 110 4.95 22.36 0.42
N ARG A 111 4.92 23.69 0.64
CA ARG A 111 6.03 24.54 0.21
C ARG A 111 7.23 24.40 1.15
N ASN A 112 8.35 23.97 0.60
CA ASN A 112 9.59 23.87 1.35
C ASN A 112 10.12 25.27 1.62
N PRO A 113 10.24 25.69 2.88
CA PRO A 113 10.74 27.04 3.18
C PRO A 113 12.12 27.32 2.66
N GLU A 114 12.88 26.29 2.25
CA GLU A 114 14.17 26.56 1.59
C GLU A 114 14.02 27.44 0.36
N VAL A 115 12.81 27.56 -0.20
CA VAL A 115 12.63 28.44 -1.35
C VAL A 115 13.07 29.86 -1.01
N TYR A 116 12.90 30.28 0.24
CA TYR A 116 13.22 31.66 0.53
C TYR A 116 14.72 31.91 0.63
N GLU A 117 15.55 30.87 0.54
CA GLU A 117 16.98 31.11 0.43
C GLU A 117 17.36 31.59 -0.97
N TYR A 118 16.40 31.71 -1.88
CA TYR A 118 16.69 32.24 -3.21
C TYR A 118 16.06 33.63 -3.33
N PRO A 119 16.86 34.70 -3.27
CA PRO A 119 16.28 36.05 -3.17
C PRO A 119 15.32 36.39 -4.31
N GLU A 120 15.54 35.92 -5.54
CA GLU A 120 14.70 36.34 -6.65
C GLU A 120 13.29 35.79 -6.55
N ARG A 121 13.05 34.76 -5.74
CA ARG A 121 11.69 34.28 -5.60
C ARG A 121 10.76 35.39 -5.14
N GLU A 122 11.10 36.05 -4.04
CA GLU A 122 10.29 37.18 -3.59
C GLU A 122 10.63 38.47 -4.33
N ASN A 123 11.86 38.61 -4.81
CA ASN A 123 12.26 39.88 -5.41
C ASN A 123 11.62 40.12 -6.78
N ALA A 124 11.34 39.08 -7.55
CA ALA A 124 10.58 39.27 -8.78
C ALA A 124 9.13 39.69 -8.52
N ASN A 125 8.54 39.24 -7.41
CA ASN A 125 7.24 39.73 -7.00
C ASN A 125 7.30 41.20 -6.61
N ARG A 126 8.32 41.58 -5.84
CA ARG A 126 8.43 42.96 -5.38
C ARG A 126 8.70 43.88 -6.55
N PHE A 127 9.69 43.54 -7.37
CA PHE A 127 9.94 44.31 -8.59
C PHE A 127 8.69 44.35 -9.47
N GLY A 128 8.08 43.20 -9.73
CA GLY A 128 6.92 43.17 -10.62
C GLY A 128 5.79 44.02 -10.09
N ASP A 129 5.51 43.92 -8.79
CA ASP A 129 4.53 44.80 -8.15
C ASP A 129 4.91 46.27 -8.31
N ALA A 130 6.17 46.63 -8.03
CA ALA A 130 6.58 48.02 -8.08
C ALA A 130 6.39 48.62 -9.48
N ALA A 131 6.91 47.95 -10.51
CA ALA A 131 6.87 48.50 -11.86
C ALA A 131 5.45 48.50 -12.41
N TYR A 132 4.68 47.46 -12.11
CA TYR A 132 3.31 47.36 -12.61
C TYR A 132 2.45 48.50 -12.07
N CYS A 133 2.46 48.69 -10.75
CA CYS A 133 1.69 49.78 -10.15
C CYS A 133 2.14 51.14 -10.70
N LEU A 134 3.44 51.40 -10.69
CA LEU A 134 3.94 52.66 -11.21
C LEU A 134 3.54 52.87 -12.69
N GLY A 135 3.61 51.82 -13.50
CA GLY A 135 3.27 51.97 -14.90
C GLY A 135 1.81 52.27 -15.14
N VAL A 136 0.93 51.64 -14.36
CA VAL A 136 -0.50 51.89 -14.50
C VAL A 136 -0.84 53.30 -14.01
N LEU A 137 -0.33 53.68 -12.84
CA LEU A 137 -0.60 55.01 -12.32
C LEU A 137 -0.05 56.07 -13.27
N TYR A 138 1.05 55.77 -13.94
CA TYR A 138 1.53 56.69 -14.96
C TYR A 138 0.55 56.78 -16.12
N TYR A 139 0.02 55.65 -16.57
CA TYR A 139 -0.92 55.69 -17.67
C TYR A 139 -2.12 56.55 -17.31
N ILE A 140 -2.61 56.39 -16.08
CA ILE A 140 -3.86 57.04 -15.66
C ILE A 140 -3.64 58.53 -15.40
N THR A 141 -2.57 58.89 -14.70
CA THR A 141 -2.40 60.26 -14.24
C THR A 141 -1.54 61.12 -15.16
N GLY A 142 -0.71 60.50 -16.01
CA GLY A 142 0.22 61.22 -16.86
C GLY A 142 1.38 61.84 -16.13
N LYS A 143 1.51 61.59 -14.83
CA LYS A 143 2.59 62.17 -14.03
C LYS A 143 3.94 61.51 -14.32
N GLU A 144 4.92 62.33 -14.71
CA GLU A 144 6.25 61.84 -15.03
C GLU A 144 6.96 61.17 -13.84
N VAL A 145 6.56 61.48 -12.60
CA VAL A 145 7.29 60.93 -11.47
C VAL A 145 7.10 59.45 -11.39
N TYR A 146 5.98 58.94 -11.92
CA TYR A 146 5.70 57.50 -11.91
C TYR A 146 6.42 56.78 -13.03
N ALA A 147 6.49 57.40 -14.22
CA ALA A 147 7.29 56.82 -15.30
C ALA A 147 8.76 56.76 -14.92
N LYS A 148 9.24 57.82 -14.24
CA LYS A 148 10.63 57.86 -13.83
C LYS A 148 10.93 56.73 -12.86
N ALA A 149 9.99 56.46 -11.94
CA ALA A 149 10.18 55.40 -10.98
C ALA A 149 10.08 54.04 -11.66
N CYS A 150 9.07 53.85 -12.51
CA CYS A 150 8.91 52.57 -13.21
C CYS A 150 10.15 52.27 -14.05
N ALA A 151 10.61 53.26 -14.81
CA ALA A 151 11.79 53.08 -15.63
C ALA A 151 13.01 52.72 -14.81
N ASN A 152 13.15 53.28 -13.61
CA ASN A 152 14.26 52.88 -12.74
C ASN A 152 14.22 51.38 -12.46
N HIS A 153 13.03 50.86 -12.14
CA HIS A 153 12.88 49.44 -11.85
C HIS A 153 13.12 48.58 -13.09
N LEU A 154 12.55 49.01 -14.23
CA LEU A 154 12.68 48.25 -15.46
C LEU A 154 14.14 48.16 -15.93
N ARG A 155 14.87 49.29 -15.89
CA ARG A 155 16.28 49.25 -16.25
C ARG A 155 17.07 48.27 -15.39
N THR A 156 16.91 48.35 -14.08
CA THR A 156 17.76 47.56 -13.21
C THR A 156 17.44 46.07 -13.31
N TRP A 157 16.15 45.73 -13.41
CA TRP A 157 15.79 44.31 -13.41
C TRP A 157 16.16 43.64 -14.73
N PHE A 158 15.91 44.32 -15.85
CA PHE A 158 15.96 43.68 -17.15
C PHE A 158 17.26 43.91 -17.90
N THR A 159 17.59 45.16 -18.16
CA THR A 159 18.50 45.48 -19.23
C THR A 159 19.89 45.90 -18.81
N ASP A 160 20.07 46.26 -17.55
CA ASP A 160 21.37 46.76 -17.07
C ASP A 160 22.50 45.78 -17.36
N PRO A 161 23.66 46.25 -17.86
CA PRO A 161 24.73 45.29 -18.23
C PRO A 161 25.39 44.57 -17.06
N LYS A 162 25.13 44.98 -15.82
CA LYS A 162 25.60 44.25 -14.63
C LYS A 162 24.46 43.72 -13.77
N LEU A 163 23.36 44.45 -13.66
CA LEU A 163 22.31 44.08 -12.75
C LEU A 163 21.12 43.39 -13.42
N GLY A 164 20.94 43.57 -14.72
CA GLY A 164 19.78 42.96 -15.37
C GLY A 164 19.95 41.46 -15.50
N MET A 165 18.84 40.74 -15.36
CA MET A 165 18.86 39.29 -15.50
C MET A 165 19.09 38.86 -16.96
N ASN A 166 19.83 37.77 -17.12
CA ASN A 166 19.96 37.15 -18.43
C ASN A 166 18.58 36.71 -18.94
N PRO A 167 18.29 36.88 -20.24
CA PRO A 167 16.98 36.47 -20.78
C PRO A 167 16.80 34.96 -20.96
N ASN A 168 16.64 34.24 -19.86
CA ASN A 168 16.41 32.79 -19.88
C ASN A 168 15.76 32.42 -18.56
N MET A 169 15.32 31.17 -18.45
CA MET A 169 14.93 30.65 -17.15
C MET A 169 15.51 29.26 -16.93
N THR A 170 16.74 29.05 -17.40
CA THR A 170 17.40 27.75 -17.28
C THR A 170 17.33 27.17 -15.86
N TYR A 171 17.61 27.98 -14.83
CA TYR A 171 17.69 27.49 -13.45
C TYR A 171 16.46 27.84 -12.61
N ALA A 172 15.32 28.11 -13.22
CA ALA A 172 14.11 28.31 -12.42
C ALA A 172 13.61 26.97 -11.90
N GLN A 173 13.05 26.99 -10.69
CA GLN A 173 12.57 25.79 -9.97
C GLN A 173 13.50 24.59 -10.21
N ALA A 174 14.77 24.82 -9.94
CA ALA A 174 15.73 23.73 -9.88
C ALA A 174 15.36 22.76 -8.74
N VAL A 175 15.81 21.53 -8.88
CA VAL A 175 15.62 20.52 -7.83
C VAL A 175 16.96 19.84 -7.52
N PRO A 176 17.51 20.02 -6.32
CA PRO A 176 18.80 19.40 -6.01
C PRO A 176 18.75 17.89 -6.21
N GLY A 177 19.78 17.35 -6.86
CA GLY A 177 19.86 15.93 -7.11
C GLY A 177 19.11 15.45 -8.33
N MET A 178 18.32 16.30 -8.98
CA MET A 178 17.62 15.86 -10.16
C MET A 178 18.59 15.79 -11.33
N LYS A 179 18.49 14.69 -12.09
CA LYS A 179 19.43 14.42 -13.16
C LYS A 179 19.05 15.20 -14.43
N LYS A 180 17.79 15.12 -14.82
CA LYS A 180 17.31 15.80 -16.00
C LYS A 180 16.97 17.27 -15.73
N MET A 181 16.94 18.04 -16.82
CA MET A 181 16.48 19.42 -16.83
C MET A 181 15.01 19.51 -17.20
N ARG A 182 14.26 20.32 -16.45
CA ARG A 182 12.82 20.54 -16.63
C ARG A 182 12.56 21.99 -17.00
N GLY A 183 11.37 22.20 -17.55
CA GLY A 183 10.87 23.51 -17.91
C GLY A 183 9.80 24.03 -16.99
N SER A 184 9.52 23.35 -15.86
CA SER A 184 8.42 23.75 -14.99
C SER A 184 8.68 25.07 -14.30
N GLY A 185 9.94 25.47 -14.15
CA GLY A 185 10.22 26.72 -13.51
C GLY A 185 9.82 27.92 -14.34
N PHE A 186 9.59 27.73 -15.65
CA PHE A 186 9.23 28.85 -16.51
C PHE A 186 8.03 29.60 -15.96
N ILE A 187 7.13 28.89 -15.28
CA ILE A 187 5.97 29.55 -14.70
C ILE A 187 6.35 30.68 -13.73
N ASP A 188 7.57 30.69 -13.18
CA ASP A 188 7.99 31.82 -12.35
C ASP A 188 8.00 33.10 -13.17
N SER A 189 8.19 32.99 -14.48
CA SER A 189 8.32 34.17 -15.34
C SER A 189 7.13 35.12 -15.23
N ARG A 190 5.96 34.62 -14.82
CA ARG A 190 4.78 35.50 -14.76
C ARG A 190 4.98 36.67 -13.81
N ARG A 191 5.89 36.56 -12.85
CA ARG A 191 6.06 37.60 -11.85
C ARG A 191 6.76 38.84 -12.42
N PHE A 192 7.68 38.69 -13.37
CA PHE A 192 8.31 39.84 -13.98
C PHE A 192 7.84 40.11 -15.40
N SER A 193 7.06 39.19 -16.01
CA SER A 193 6.57 39.39 -17.37
C SER A 193 5.40 40.36 -17.43
N ARG A 194 4.60 40.46 -16.37
CA ARG A 194 3.57 41.50 -16.36
C ARG A 194 4.20 42.89 -16.33
N ALA A 195 5.30 43.04 -15.59
CA ALA A 195 5.99 44.32 -15.58
C ALA A 195 6.60 44.62 -16.95
N LEU A 196 7.05 43.59 -17.67
CA LEU A 196 7.52 43.79 -19.03
C LEU A 196 6.43 44.46 -19.89
N GLY A 197 5.22 43.95 -19.84
CA GLY A 197 4.18 44.51 -20.68
C GLY A 197 3.85 45.93 -20.30
N VAL A 198 3.88 46.23 -18.99
CA VAL A 198 3.52 47.54 -18.50
C VAL A 198 4.54 48.58 -18.94
N ALA A 199 5.74 48.13 -19.31
CA ALA A 199 6.71 49.07 -19.88
C ALA A 199 6.14 49.77 -21.10
N LYS A 200 5.19 49.13 -21.80
CA LYS A 200 4.59 49.79 -22.95
C LYS A 200 3.91 51.09 -22.51
N LEU A 201 3.35 51.11 -21.30
CA LEU A 201 2.60 52.27 -20.81
C LEU A 201 3.47 53.50 -20.55
N ILE A 202 4.77 53.34 -20.27
CA ILE A 202 5.61 54.51 -20.03
C ILE A 202 6.36 54.95 -21.28
N GLU A 203 6.18 54.25 -22.39
CA GLU A 203 6.73 54.73 -23.64
C GLU A 203 6.14 56.09 -23.91
N GLY A 204 6.98 57.06 -24.29
CA GLY A 204 6.53 58.40 -24.51
C GLY A 204 6.71 59.34 -23.35
N SER A 205 6.93 58.83 -22.15
CA SER A 205 7.39 59.66 -21.05
C SER A 205 8.79 60.21 -21.33
N LYS A 206 9.18 61.25 -20.61
CA LYS A 206 10.52 61.76 -20.82
C LYS A 206 11.57 60.80 -20.25
N SER A 207 11.19 60.00 -19.24
CA SER A 207 12.16 59.13 -18.58
C SER A 207 12.48 57.88 -19.42
N TRP A 208 11.54 57.41 -20.23
CA TRP A 208 11.77 56.20 -21.03
C TRP A 208 12.31 56.61 -22.41
N THR A 209 13.64 56.67 -22.51
CA THR A 209 14.29 57.20 -23.70
C THR A 209 14.24 56.18 -24.82
N PRO A 210 14.50 56.61 -26.07
CA PRO A 210 14.60 55.62 -27.16
C PRO A 210 15.58 54.52 -26.89
N SER A 211 16.71 54.84 -26.26
CA SER A 211 17.70 53.82 -25.92
C SER A 211 17.17 52.83 -24.89
N ASP A 212 16.48 53.31 -23.85
CA ASP A 212 15.85 52.39 -22.91
C ASP A 212 14.91 51.41 -23.62
N LYS A 213 14.11 51.89 -24.57
CA LYS A 213 13.17 51.01 -25.25
C LYS A 213 13.90 49.98 -26.10
N LYS A 214 14.93 50.40 -26.83
CA LYS A 214 15.60 49.47 -27.72
C LYS A 214 16.25 48.34 -26.94
N LYS A 215 16.96 48.67 -25.85
CA LYS A 215 17.56 47.64 -25.04
C LYS A 215 16.50 46.68 -24.52
N LEU A 216 15.35 47.22 -24.07
CA LEU A 216 14.30 46.39 -23.51
C LEU A 216 13.63 45.56 -24.60
N ASP A 217 13.43 46.16 -25.77
CA ASP A 217 12.96 45.39 -26.92
C ASP A 217 13.93 44.26 -27.20
N ASP A 218 15.23 44.55 -27.20
CA ASP A 218 16.23 43.53 -27.49
C ASP A 218 16.23 42.43 -26.44
N TRP A 219 16.08 42.79 -25.17
CA TRP A 219 16.01 41.75 -24.15
C TRP A 219 14.79 40.89 -24.37
N ALA A 220 13.64 41.52 -24.64
CA ALA A 220 12.39 40.78 -24.77
C ALA A 220 12.45 39.83 -25.97
N THR A 221 12.99 40.32 -27.10
CA THR A 221 13.24 39.46 -28.25
C THR A 221 14.14 38.27 -27.88
N ALA A 222 15.21 38.51 -27.11
CA ALA A 222 16.08 37.41 -26.70
C ALA A 222 15.39 36.48 -25.71
N PHE A 223 14.59 37.02 -24.78
CA PHE A 223 13.85 36.16 -23.87
C PHE A 223 12.80 35.35 -24.61
N CYS A 224 12.15 35.97 -25.60
CA CYS A 224 11.19 35.26 -26.42
C CYS A 224 11.86 34.12 -27.17
N TYR A 225 13.05 34.36 -27.74
CA TYR A 225 13.71 33.29 -28.46
C TYR A 225 13.93 32.11 -27.53
N TRP A 226 14.46 32.38 -26.33
CA TRP A 226 14.73 31.32 -25.39
C TRP A 226 13.48 30.51 -25.08
N MET A 227 12.33 31.20 -24.85
CA MET A 227 11.05 30.53 -24.57
C MET A 227 10.65 29.59 -25.67
N GLU A 228 10.97 29.96 -26.91
CA GLU A 228 10.46 29.23 -28.05
C GLU A 228 11.42 28.18 -28.57
N ASN A 229 12.72 28.31 -28.32
CA ASN A 229 13.70 27.44 -28.94
C ASN A 229 14.54 26.61 -27.98
N SER A 230 14.67 27.01 -26.72
CA SER A 230 15.37 26.17 -25.77
C SER A 230 14.57 24.89 -25.59
N THR A 231 15.27 23.80 -25.24
CA THR A 231 14.56 22.56 -24.91
C THR A 231 13.55 22.76 -23.78
N GLN A 232 13.91 23.53 -22.75
CA GLN A 232 13.00 23.74 -21.63
C GLN A 232 11.79 24.57 -22.06
N GLY A 233 12.01 25.63 -22.83
CA GLY A 233 10.88 26.40 -23.32
C GLY A 233 9.94 25.57 -24.16
N GLN A 234 10.51 24.76 -25.06
CA GLN A 234 9.71 23.85 -25.86
C GLN A 234 8.90 22.92 -24.99
N ARG A 235 9.58 22.19 -24.09
CA ARG A 235 8.85 21.30 -23.20
C ARG A 235 7.71 22.02 -22.51
N GLU A 236 7.99 23.19 -21.93
CA GLU A 236 6.93 23.86 -21.20
C GLU A 236 5.78 24.26 -22.11
N SER A 237 6.06 24.54 -23.40
CA SER A 237 4.99 24.90 -24.32
C SER A 237 4.03 23.75 -24.55
N HIS A 238 4.45 22.52 -24.24
CA HIS A 238 3.66 21.32 -24.44
C HIS A 238 3.08 20.76 -23.14
N ALA A 239 3.31 21.41 -22.01
CA ALA A 239 2.84 20.88 -20.74
C ALA A 239 1.33 20.68 -20.78
N ALA A 240 0.85 19.62 -20.13
CA ALA A 240 -0.51 19.15 -20.29
C ALA A 240 -1.45 19.69 -19.25
N ASN A 241 -1.00 20.59 -18.39
CA ASN A 241 -1.80 21.11 -17.29
C ASN A 241 -1.72 22.63 -17.29
N ASN A 242 -1.99 23.22 -16.11
CA ASN A 242 -1.95 24.68 -16.03
C ASN A 242 -0.59 25.26 -16.39
N HIS A 243 0.49 24.47 -16.36
CA HIS A 243 1.78 24.99 -16.79
C HIS A 243 1.76 25.42 -18.25
N GLY A 244 1.15 24.60 -19.11
CA GLY A 244 1.08 24.94 -20.51
C GLY A 244 0.24 26.18 -20.75
N LEU A 245 -0.87 26.30 -20.03
CA LEU A 245 -1.67 27.51 -20.13
C LEU A 245 -0.88 28.74 -19.68
N TRP A 246 -0.21 28.66 -18.51
CA TRP A 246 0.55 29.80 -18.01
C TRP A 246 1.74 30.12 -18.91
N TYR A 247 2.37 29.10 -19.50
CA TYR A 247 3.41 29.37 -20.48
C TYR A 247 2.88 30.27 -21.61
N GLU A 248 1.66 30.00 -22.08
CA GLU A 248 1.15 30.77 -23.21
C GLU A 248 0.71 32.17 -22.79
N ALA A 249 0.14 32.30 -21.58
CA ALA A 249 -0.14 33.63 -21.03
C ALA A 249 1.12 34.48 -20.93
N ILE A 250 2.23 33.91 -20.46
CA ILE A 250 3.50 34.65 -20.40
C ILE A 250 3.94 35.02 -21.81
N HIS A 251 3.87 34.06 -22.72
CA HIS A 251 4.21 34.25 -24.12
C HIS A 251 3.47 35.44 -24.73
N LEU A 252 2.16 35.55 -24.45
CA LEU A 252 1.38 36.66 -24.99
C LEU A 252 1.85 37.99 -24.42
N MET A 253 2.21 38.04 -23.14
CA MET A 253 2.76 39.28 -22.57
C MET A 253 4.05 39.67 -23.29
N VAL A 254 4.92 38.70 -23.58
CA VAL A 254 6.14 39.03 -24.32
C VAL A 254 5.80 39.48 -25.74
N LEU A 255 4.90 38.77 -26.40
CA LEU A 255 4.52 39.13 -27.77
C LEU A 255 3.74 40.45 -27.82
N ALA A 256 2.82 40.67 -26.89
CA ALA A 256 2.12 41.95 -26.89
C ALA A 256 3.08 43.11 -26.67
N TYR A 257 4.08 42.92 -25.78
CA TYR A 257 5.10 43.93 -25.57
C TYR A 257 5.83 44.26 -26.88
N LEU A 258 6.12 43.23 -27.69
CA LEU A 258 6.86 43.40 -28.92
C LEU A 258 5.97 43.77 -30.09
N ASP A 259 4.68 43.96 -29.80
CA ASP A 259 3.62 44.38 -30.72
C ASP A 259 3.40 43.36 -31.85
N ARG A 260 3.71 42.09 -31.57
CA ARG A 260 3.54 41.00 -32.53
C ARG A 260 2.11 40.43 -32.43
N THR A 261 1.17 41.14 -33.07
CA THR A 261 -0.24 40.77 -32.97
C THR A 261 -0.59 39.51 -33.75
N ASP A 262 0.01 39.29 -34.91
CA ASP A 262 -0.33 38.05 -35.61
C ASP A 262 0.11 36.83 -34.81
N ARG A 263 1.26 36.92 -34.12
CA ARG A 263 1.72 35.80 -33.32
C ARG A 263 0.78 35.54 -32.16
N ILE A 264 0.24 36.61 -31.58
CA ILE A 264 -0.83 36.45 -30.59
C ILE A 264 -1.98 35.67 -31.19
N ARG A 265 -2.39 36.02 -32.39
CA ARG A 265 -3.50 35.30 -33.02
C ARG A 265 -3.15 33.83 -33.20
N GLU A 266 -1.93 33.55 -33.69
CA GLU A 266 -1.52 32.17 -33.90
C GLU A 266 -1.41 31.40 -32.58
N VAL A 267 -0.90 32.03 -31.52
CA VAL A 267 -0.73 31.32 -30.26
C VAL A 267 -2.08 30.92 -29.67
N ALA A 268 -3.06 31.83 -29.74
CA ALA A 268 -4.42 31.53 -29.27
C ALA A 268 -5.05 30.36 -30.03
N GLU A 269 -4.92 30.36 -31.37
CA GLU A 269 -5.59 29.33 -32.19
C GLU A 269 -4.82 28.01 -32.25
N GLN A 270 -3.47 28.05 -32.27
CA GLN A 270 -2.70 26.81 -32.42
C GLN A 270 -2.22 26.21 -31.11
N SER A 271 -2.28 26.95 -30.00
CA SER A 271 -1.81 26.41 -28.73
C SER A 271 -2.84 26.56 -27.60
N ILE A 272 -3.29 27.80 -27.33
CA ILE A 272 -4.12 28.05 -26.16
C ILE A 272 -5.43 27.27 -26.27
N LEU A 273 -6.12 27.39 -27.42
CA LEU A 273 -7.42 26.73 -27.56
C LEU A 273 -7.28 25.21 -27.56
N PRO A 274 -6.35 24.59 -28.31
CA PRO A 274 -6.15 23.15 -28.12
C PRO A 274 -5.92 22.78 -26.66
N LYS A 275 -5.17 23.58 -25.91
CA LYS A 275 -4.91 23.27 -24.51
C LYS A 275 -6.19 23.30 -23.66
N MET A 276 -7.03 24.32 -23.81
CA MET A 276 -8.31 24.26 -23.12
C MET A 276 -9.12 23.06 -23.58
N GLY A 277 -9.11 22.79 -24.88
CA GLY A 277 -9.90 21.70 -25.38
C GLY A 277 -9.47 20.35 -24.84
N ALA A 278 -8.20 20.21 -24.54
CA ALA A 278 -7.70 18.97 -23.97
C ALA A 278 -7.85 18.89 -22.45
N GLN A 279 -7.80 20.03 -21.76
CA GLN A 279 -7.73 20.05 -20.31
C GLN A 279 -9.07 20.24 -19.63
N ILE A 280 -10.09 20.67 -20.38
CA ILE A 280 -11.46 20.76 -19.89
C ILE A 280 -12.13 19.45 -20.26
N ALA A 281 -12.77 18.81 -19.30
CA ALA A 281 -13.42 17.55 -19.59
C ALA A 281 -14.88 17.79 -19.95
N ASP A 282 -15.59 16.72 -20.31
CA ASP A 282 -16.94 16.92 -20.83
C ASP A 282 -17.84 17.57 -19.77
N ASP A 283 -17.57 17.35 -18.49
CA ASP A 283 -18.35 18.02 -17.45
C ASP A 283 -17.81 19.39 -17.10
N GLY A 284 -16.69 19.81 -17.69
CA GLY A 284 -16.15 21.13 -17.38
C GLY A 284 -15.12 21.16 -16.27
N SER A 285 -14.84 20.03 -15.63
CA SER A 285 -13.77 19.98 -14.66
C SER A 285 -12.42 20.02 -15.36
N LEU A 286 -11.36 20.28 -14.59
CA LEU A 286 -10.00 20.22 -15.12
C LEU A 286 -9.30 19.00 -14.52
N PRO A 287 -9.38 17.82 -15.17
CA PRO A 287 -8.85 16.58 -14.55
C PRO A 287 -7.40 16.67 -14.10
N GLN A 288 -6.57 17.39 -14.85
CA GLN A 288 -5.17 17.50 -14.51
C GLN A 288 -4.97 18.21 -13.19
N GLU A 289 -5.82 19.20 -12.89
CA GLU A 289 -5.72 19.90 -11.62
C GLU A 289 -6.43 19.15 -10.50
N LEU A 290 -7.42 18.30 -10.83
CA LEU A 290 -8.17 17.59 -9.81
C LEU A 290 -7.31 16.63 -9.00
N LYS A 291 -6.21 16.14 -9.59
CA LYS A 291 -5.36 15.14 -8.97
C LYS A 291 -4.26 15.75 -8.11
N ARG A 292 -4.27 17.06 -7.94
CA ARG A 292 -3.32 17.74 -7.09
C ARG A 292 -3.82 17.83 -5.66
N THR A 293 -2.88 17.98 -4.73
CA THR A 293 -3.29 18.14 -3.34
C THR A 293 -3.96 19.47 -3.08
N LEU A 294 -3.84 20.43 -4.01
CA LEU A 294 -4.53 21.69 -3.85
C LEU A 294 -5.45 21.91 -5.05
N SER A 295 -6.38 20.98 -5.27
CA SER A 295 -7.07 20.90 -6.55
C SER A 295 -8.02 22.07 -6.80
N LEU A 296 -8.58 22.68 -5.76
CA LEU A 296 -9.42 23.85 -6.01
C LEU A 296 -8.58 25.09 -6.28
N HIS A 297 -7.37 25.19 -5.70
CA HIS A 297 -6.44 26.27 -6.03
C HIS A 297 -5.92 26.15 -7.46
N TYR A 298 -5.55 24.95 -7.88
CA TYR A 298 -4.94 24.75 -9.20
C TYR A 298 -5.96 24.75 -10.32
N SER A 299 -7.21 24.40 -10.02
CA SER A 299 -8.27 24.63 -10.99
C SER A 299 -8.42 26.12 -11.26
N THR A 300 -8.43 26.92 -10.19
CA THR A 300 -8.49 28.37 -10.35
C THR A 300 -7.24 28.91 -11.04
N PHE A 301 -6.08 28.34 -10.71
CA PHE A 301 -4.83 28.82 -11.25
C PHE A 301 -4.75 28.58 -12.77
N ALA A 302 -5.26 27.46 -13.25
CA ALA A 302 -5.39 27.27 -14.69
C ALA A 302 -6.28 28.35 -15.30
N LEU A 303 -7.45 28.58 -14.70
CA LEU A 303 -8.32 29.61 -15.26
C LEU A 303 -7.70 31.00 -15.15
N GLU A 304 -6.82 31.22 -14.17
CA GLU A 304 -6.18 32.53 -14.07
C GLU A 304 -5.23 32.76 -15.22
N ALA A 305 -4.59 31.68 -15.70
CA ALA A 305 -3.78 31.76 -16.91
C ALA A 305 -4.65 32.20 -18.09
N LEU A 306 -5.82 31.57 -18.23
CA LEU A 306 -6.72 31.93 -19.32
C LEU A 306 -7.19 33.37 -19.17
N MET A 307 -7.49 33.78 -17.93
CA MET A 307 -7.93 35.15 -17.69
C MET A 307 -6.89 36.18 -18.14
N GLU A 308 -5.62 35.98 -17.77
CA GLU A 308 -4.60 36.96 -18.13
C GLU A 308 -4.25 36.88 -19.60
N ALA A 309 -4.32 35.68 -20.19
CA ALA A 309 -4.15 35.60 -21.64
C ALA A 309 -5.28 36.32 -22.36
N ASN A 310 -6.52 36.13 -21.91
CA ASN A 310 -7.65 36.77 -22.56
C ASN A 310 -7.58 38.29 -22.52
N GLN A 311 -7.02 38.85 -21.43
CA GLN A 311 -6.89 40.30 -21.38
C GLN A 311 -6.10 40.80 -22.57
N ILE A 312 -5.17 40.00 -23.07
CA ILE A 312 -4.41 40.38 -24.26
C ILE A 312 -5.14 40.00 -25.54
N THR A 313 -5.64 38.75 -25.66
CA THR A 313 -6.29 38.32 -26.90
C THR A 313 -7.52 39.18 -27.19
N SER A 314 -8.29 39.51 -26.17
CA SER A 314 -9.52 40.26 -26.44
C SER A 314 -9.22 41.67 -26.90
N GLN A 315 -8.03 42.21 -26.60
CA GLN A 315 -7.67 43.52 -27.12
C GLN A 315 -7.45 43.50 -28.63
N ILE A 316 -7.30 42.31 -29.24
CA ILE A 316 -7.27 42.20 -30.70
C ILE A 316 -8.45 41.40 -31.22
N GLY A 317 -9.53 41.30 -30.43
CA GLY A 317 -10.79 40.76 -30.92
C GLY A 317 -10.99 39.26 -30.76
N ILE A 318 -10.20 38.58 -29.94
CA ILE A 318 -10.32 37.14 -29.68
C ILE A 318 -10.74 36.94 -28.22
N ASN A 319 -11.92 36.38 -28.00
CA ASN A 319 -12.45 36.17 -26.64
C ASN A 319 -12.27 34.71 -26.23
N LEU A 320 -11.30 34.44 -25.35
CA LEU A 320 -10.95 33.07 -24.97
C LEU A 320 -11.95 32.42 -24.05
N TRP A 321 -12.85 33.18 -23.44
CA TRP A 321 -13.87 32.55 -22.60
C TRP A 321 -14.91 31.82 -23.43
N SER A 322 -15.33 32.42 -24.56
CA SER A 322 -16.42 31.87 -25.37
C SER A 322 -15.96 31.26 -26.70
N THR A 323 -14.70 31.41 -27.08
CA THR A 323 -14.25 30.87 -28.37
C THR A 323 -13.95 29.38 -28.23
N PRO A 324 -14.64 28.51 -28.97
CA PRO A 324 -14.43 27.06 -28.80
C PRO A 324 -13.10 26.58 -29.32
N ALA A 325 -12.59 25.57 -28.64
CA ALA A 325 -11.54 24.73 -29.20
C ALA A 325 -12.18 23.90 -30.30
N SER A 326 -11.35 23.16 -31.04
CA SER A 326 -11.88 22.48 -32.21
C SER A 326 -12.92 21.41 -31.85
N ASN A 327 -12.92 20.89 -30.64
CA ASN A 327 -13.94 19.92 -30.25
C ASN A 327 -15.18 20.55 -29.65
N GLY A 328 -15.33 21.88 -29.73
CA GLY A 328 -16.51 22.53 -29.22
C GLY A 328 -16.43 23.00 -27.77
N LYS A 329 -15.44 22.56 -27.00
CA LYS A 329 -15.36 22.96 -25.60
C LYS A 329 -15.04 24.45 -25.49
N VAL A 330 -15.63 25.09 -24.49
CA VAL A 330 -15.39 26.50 -24.25
C VAL A 330 -15.00 26.68 -22.80
N ALA A 331 -14.06 27.60 -22.55
CA ALA A 331 -13.53 27.81 -21.22
C ALA A 331 -14.62 28.22 -20.23
N SER A 332 -15.72 28.81 -20.72
CA SER A 332 -16.84 29.10 -19.84
C SER A 332 -17.36 27.84 -19.15
N GLN A 333 -17.22 26.67 -19.79
CA GLN A 333 -17.64 25.43 -19.13
C GLN A 333 -16.85 25.18 -17.84
N ALA A 334 -15.60 25.59 -17.80
CA ALA A 334 -14.78 25.36 -16.62
C ALA A 334 -15.21 26.29 -15.49
N VAL A 335 -15.57 27.53 -15.82
CA VAL A 335 -16.08 28.43 -14.80
C VAL A 335 -17.38 27.88 -14.24
N ASP A 336 -18.24 27.39 -15.14
CA ASP A 336 -19.54 26.84 -14.76
C ASP A 336 -19.36 25.76 -13.72
N TYR A 337 -18.42 24.85 -13.98
CA TYR A 337 -18.15 23.74 -13.07
C TYR A 337 -17.73 24.24 -11.70
N LEU A 338 -16.90 25.28 -11.64
CA LEU A 338 -16.35 25.75 -10.37
C LEU A 338 -17.24 26.77 -9.67
N TYR A 339 -18.16 27.41 -10.39
CA TYR A 339 -18.94 28.49 -9.79
C TYR A 339 -19.63 28.06 -8.50
N PRO A 340 -20.29 26.89 -8.41
CA PRO A 340 -20.90 26.49 -7.13
C PRO A 340 -19.92 26.44 -5.98
N PHE A 341 -18.70 25.95 -6.24
CA PHE A 341 -17.67 25.89 -5.21
C PHE A 341 -17.09 27.26 -4.92
N TYR A 342 -17.26 28.24 -5.81
CA TYR A 342 -16.82 29.58 -5.44
C TYR A 342 -17.80 30.20 -4.48
N LEU A 343 -19.09 29.84 -4.60
CA LEU A 343 -20.08 30.23 -3.61
C LEU A 343 -19.83 29.55 -2.27
N ASN A 344 -19.45 28.28 -2.28
CA ASN A 344 -19.34 27.47 -1.06
C ASN A 344 -18.13 26.55 -1.15
N PRO A 345 -16.93 27.07 -0.86
CA PRO A 345 -15.71 26.26 -0.98
C PRO A 345 -15.75 24.97 -0.18
N GLU A 346 -16.47 24.94 0.93
CA GLU A 346 -16.50 23.74 1.75
C GLU A 346 -17.12 22.55 1.02
N ASP A 347 -17.91 22.81 -0.02
CA ASP A 347 -18.49 21.72 -0.82
C ASP A 347 -17.49 21.04 -1.73
N TRP A 348 -16.31 21.61 -1.95
CA TRP A 348 -15.33 21.00 -2.85
C TRP A 348 -15.01 19.59 -2.39
N LYS A 349 -15.21 18.63 -3.27
CA LYS A 349 -15.10 17.21 -2.92
C LYS A 349 -13.73 16.60 -3.27
N PHE A 350 -12.78 17.37 -3.79
CA PHE A 350 -11.46 16.84 -4.14
C PHE A 350 -10.40 17.36 -3.18
N LYS A 351 -9.20 16.81 -3.30
CA LYS A 351 -8.16 17.06 -2.31
C LYS A 351 -7.73 18.53 -2.32
N GLN A 352 -7.80 19.17 -1.15
CA GLN A 352 -7.44 20.57 -0.98
C GLN A 352 -6.89 20.74 0.45
N ILE A 353 -5.59 20.47 0.59
CA ILE A 353 -4.96 20.30 1.90
C ILE A 353 -4.66 21.61 2.62
N LYS A 354 -5.07 22.73 2.07
CA LYS A 354 -5.00 24.06 2.69
C LYS A 354 -6.28 24.77 2.31
N PRO A 355 -6.70 25.76 3.10
CA PRO A 355 -7.95 26.47 2.77
C PRO A 355 -7.82 27.26 1.49
N PHE A 356 -8.92 27.26 0.72
CA PHE A 356 -8.98 27.99 -0.55
C PHE A 356 -9.44 29.42 -0.27
N ASP A 357 -8.68 30.40 -0.76
CA ASP A 357 -8.99 31.82 -0.57
C ASP A 357 -10.07 32.23 -1.57
N GLN A 358 -11.31 32.36 -1.09
CA GLN A 358 -12.44 32.68 -1.96
C GLN A 358 -12.28 34.04 -2.68
N SER A 359 -11.42 34.94 -2.19
CA SER A 359 -11.27 36.25 -2.81
C SER A 359 -10.69 36.16 -4.22
N ARG A 360 -9.90 35.11 -4.51
CA ARG A 360 -9.37 34.97 -5.86
C ARG A 360 -10.47 34.81 -6.91
N ALA A 361 -11.64 34.33 -6.51
CA ALA A 361 -12.77 34.19 -7.43
C ALA A 361 -13.34 35.53 -7.88
N ALA A 362 -13.14 36.62 -7.13
CA ALA A 362 -13.78 37.88 -7.48
C ALA A 362 -13.33 38.39 -8.85
N ILE A 363 -12.03 38.65 -9.00
CA ILE A 363 -11.53 39.12 -10.27
C ILE A 363 -11.79 38.08 -11.36
N LEU A 364 -11.58 36.80 -11.03
CA LEU A 364 -11.80 35.74 -12.00
C LEU A 364 -13.23 35.76 -12.50
N LEU A 365 -14.19 35.80 -11.59
CA LEU A 365 -15.59 35.78 -12.00
C LEU A 365 -15.97 37.09 -12.66
N TYR A 366 -15.35 38.21 -12.28
CA TYR A 366 -15.65 39.47 -12.98
C TYR A 366 -15.10 39.44 -14.40
N GLU A 367 -13.87 38.99 -14.57
CA GLU A 367 -13.29 38.88 -15.90
C GLU A 367 -14.13 37.98 -16.79
N ALA A 368 -14.34 36.74 -16.35
CA ALA A 368 -15.17 35.79 -17.09
C ALA A 368 -16.63 36.22 -17.19
N GLY A 369 -17.17 36.86 -16.17
CA GLY A 369 -18.55 37.30 -16.24
C GLY A 369 -18.80 38.32 -17.33
N THR A 370 -17.99 39.39 -17.38
CA THR A 370 -18.17 40.41 -18.41
C THR A 370 -17.88 39.86 -19.79
N ALA A 371 -16.88 39.01 -19.92
CA ALA A 371 -16.60 38.43 -21.24
C ALA A 371 -17.80 37.67 -21.76
N LEU A 372 -18.56 37.03 -20.88
CA LEU A 372 -19.65 36.14 -21.23
C LEU A 372 -21.02 36.79 -21.12
N GLY A 373 -21.10 38.04 -20.68
CA GLY A 373 -22.39 38.62 -20.38
C GLY A 373 -23.15 37.90 -19.29
N ASN A 374 -22.46 37.16 -18.43
CA ASN A 374 -23.11 36.36 -17.39
C ASN A 374 -23.21 37.22 -16.14
N GLN A 375 -24.39 37.79 -15.89
CA GLN A 375 -24.53 38.71 -14.76
C GLN A 375 -24.52 37.97 -13.44
N LYS A 376 -24.95 36.71 -13.43
CA LYS A 376 -24.83 35.94 -12.20
C LYS A 376 -23.39 35.91 -11.73
N TYR A 377 -22.45 35.76 -12.66
CA TYR A 377 -21.02 35.79 -12.34
C TYR A 377 -20.59 37.17 -11.86
N VAL A 378 -21.00 38.23 -12.57
CA VAL A 378 -20.58 39.59 -12.22
C VAL A 378 -21.15 39.99 -10.87
N ASP A 379 -22.38 39.56 -10.57
CA ASP A 379 -23.01 39.86 -9.28
C ASP A 379 -22.22 39.26 -8.14
N THR A 380 -21.83 38.00 -8.29
CA THR A 380 -21.06 37.30 -7.28
C THR A 380 -19.68 37.94 -7.07
N ALA A 381 -19.03 38.38 -8.16
CA ALA A 381 -17.75 39.07 -8.03
C ALA A 381 -17.87 40.27 -7.11
N LYS A 382 -18.91 41.09 -7.28
CA LYS A 382 -19.08 42.27 -6.44
C LYS A 382 -19.42 41.89 -5.00
N ARG A 383 -20.22 40.85 -4.80
CA ARG A 383 -20.53 40.43 -3.44
C ARG A 383 -19.29 39.96 -2.71
N ILE A 384 -18.50 39.09 -3.34
CA ILE A 384 -17.21 38.71 -2.77
C ILE A 384 -16.34 39.96 -2.61
N GLY A 385 -16.22 40.74 -3.68
CA GLY A 385 -15.62 42.07 -3.64
C GLY A 385 -14.14 42.09 -3.34
N LEU A 386 -13.53 43.26 -3.42
CA LEU A 386 -12.17 43.48 -2.96
C LEU A 386 -12.18 44.63 -1.97
N LYS A 387 -11.24 44.63 -1.04
CA LYS A 387 -11.21 45.70 -0.04
C LYS A 387 -10.84 47.01 -0.75
N TYR A 388 -11.67 48.04 -0.57
CA TYR A 388 -11.45 49.32 -1.25
C TYR A 388 -10.02 49.81 -1.08
N SER A 389 -9.49 49.69 0.13
CA SER A 389 -8.22 50.29 0.48
C SER A 389 -7.06 49.31 0.39
N THR A 390 -7.26 48.13 -0.19
CA THR A 390 -6.17 47.16 -0.25
C THR A 390 -5.07 47.67 -1.18
N SER A 391 -3.86 47.26 -0.88
CA SER A 391 -2.73 47.66 -1.69
C SER A 391 -2.25 46.57 -2.65
N ASP A 392 -2.93 45.42 -2.71
CA ASP A 392 -2.61 44.43 -3.73
C ASP A 392 -2.67 45.07 -5.10
N VAL A 393 -1.53 45.11 -5.80
CA VAL A 393 -1.42 45.92 -7.02
C VAL A 393 -2.23 45.33 -8.17
N GLU A 394 -2.45 44.01 -8.18
CA GLU A 394 -3.25 43.42 -9.25
C GLU A 394 -4.70 43.88 -9.20
N THR A 395 -5.15 44.45 -8.08
CA THR A 395 -6.50 44.94 -7.92
C THR A 395 -6.65 46.42 -8.28
N ILE A 396 -5.60 47.09 -8.73
CA ILE A 396 -5.73 48.50 -9.10
C ILE A 396 -6.84 48.76 -10.10
N PRO A 397 -6.97 48.00 -11.21
CA PRO A 397 -8.01 48.32 -12.19
C PRO A 397 -9.43 48.12 -11.68
N TYR A 398 -9.63 47.39 -10.59
CA TYR A 398 -10.96 46.90 -10.23
C TYR A 398 -11.62 47.75 -9.14
N LEU A 399 -11.70 49.07 -9.38
CA LEU A 399 -12.59 49.90 -8.57
C LEU A 399 -13.99 49.33 -8.60
N VAL A 400 -14.40 48.84 -9.77
CA VAL A 400 -15.72 48.28 -10.05
C VAL A 400 -16.08 47.20 -9.03
N LEU A 401 -15.08 46.62 -8.38
CA LEU A 401 -15.26 45.60 -7.36
C LEU A 401 -15.06 46.14 -5.95
N LYS A 402 -14.85 47.44 -5.80
CA LYS A 402 -14.39 47.96 -4.52
C LYS A 402 -15.28 49.04 -3.87
N SER B 23 25.31 6.18 34.62
CA SER B 23 24.08 6.96 34.61
C SER B 23 24.28 8.26 33.85
N ALA B 24 23.38 8.56 32.91
CA ALA B 24 23.53 9.76 32.10
C ALA B 24 23.36 10.99 32.99
N PRO B 25 24.10 12.06 32.70
CA PRO B 25 23.82 13.33 33.38
C PRO B 25 22.38 13.74 33.11
N LEU B 26 21.81 14.44 34.08
CA LEU B 26 20.47 15.00 33.96
C LEU B 26 20.39 15.91 32.74
N GLY B 27 19.41 15.66 31.86
CA GLY B 27 19.29 16.45 30.66
C GLY B 27 18.03 16.20 29.85
N PRO B 28 17.89 16.89 28.72
CA PRO B 28 16.63 16.87 27.93
C PRO B 28 16.59 15.75 26.90
N PHE B 29 16.41 14.54 27.40
CA PHE B 29 16.49 13.35 26.58
C PHE B 29 16.01 12.20 27.43
N ASN B 30 15.60 11.15 26.75
CA ASN B 30 15.24 9.90 27.43
C ASN B 30 16.51 9.26 27.97
N ALA B 31 16.78 9.48 29.26
CA ALA B 31 18.05 9.04 29.83
C ALA B 31 18.19 7.53 29.81
N THR B 32 17.07 6.80 29.84
CA THR B 32 17.11 5.35 29.79
C THR B 32 17.63 4.86 28.44
N LEU B 33 17.11 5.43 27.35
CA LEU B 33 17.54 5.01 26.04
C LEU B 33 19.00 5.37 25.79
N LEU B 34 19.40 6.57 26.23
CA LEU B 34 20.77 7.03 26.00
C LEU B 34 21.75 6.13 26.74
N GLU B 35 21.46 5.85 28.02
CA GLU B 35 22.29 4.93 28.81
C GLU B 35 22.37 3.56 28.13
N GLN B 36 21.23 3.02 27.69
CA GLN B 36 21.25 1.73 27.01
C GLN B 36 22.18 1.77 25.80
N LEU B 37 22.09 2.82 25.00
CA LEU B 37 22.91 2.90 23.79
C LEU B 37 24.40 2.95 24.13
N LYS B 38 24.77 3.73 25.15
CA LYS B 38 26.19 3.82 25.51
C LYS B 38 26.70 2.48 26.01
N ASN B 39 25.91 1.80 26.86
CA ASN B 39 26.23 0.45 27.31
C ASN B 39 26.53 -0.47 26.13
N ASP B 40 25.53 -0.64 25.24
CA ASP B 40 25.68 -1.56 24.12
C ASP B 40 26.81 -1.15 23.20
N TYR B 41 26.99 0.16 22.99
CA TYR B 41 28.06 0.60 22.11
C TYR B 41 29.42 0.23 22.69
N GLN B 42 29.58 0.39 24.01
CA GLN B 42 30.84 0.07 24.66
C GLN B 42 31.09 -1.44 24.68
N LYS B 43 30.04 -2.22 24.99
CA LYS B 43 30.17 -3.67 24.94
C LYS B 43 30.44 -4.19 23.53
N GLY B 44 30.07 -3.44 22.49
CA GLY B 44 30.32 -3.82 21.12
C GLY B 44 29.20 -4.51 20.40
N GLU B 45 28.01 -4.53 20.99
CA GLU B 45 26.85 -5.15 20.37
C GLU B 45 26.68 -4.62 18.93
N LYS B 46 26.36 -5.53 18.00
CA LYS B 46 26.44 -5.19 16.57
C LYS B 46 25.33 -4.23 16.14
N GLU B 47 24.09 -4.52 16.51
CA GLU B 47 22.97 -3.67 16.11
C GLU B 47 23.22 -2.21 16.51
N VAL B 48 23.65 -1.99 17.75
CA VAL B 48 23.89 -0.63 18.25
C VAL B 48 25.12 -0.03 17.60
N THR B 49 26.21 -0.80 17.52
CA THR B 49 27.42 -0.29 16.87
C THR B 49 27.16 0.10 15.42
N ARG B 50 26.39 -0.71 14.67
CA ARG B 50 26.06 -0.31 13.31
C ARG B 50 25.25 0.98 13.29
N TYR B 51 24.25 1.08 14.17
CA TYR B 51 23.41 2.28 14.25
C TYR B 51 24.23 3.52 14.63
N ILE B 52 25.09 3.41 15.65
CA ILE B 52 25.91 4.56 16.02
C ILE B 52 26.83 4.94 14.86
N GLU B 53 27.27 3.97 14.06
CA GLU B 53 28.08 4.29 12.88
C GLU B 53 27.25 5.02 11.81
N LEU B 54 25.96 4.72 11.69
CA LEU B 54 25.11 5.57 10.87
C LEU B 54 25.07 7.00 11.42
N GLN B 55 24.75 7.14 12.72
CA GLN B 55 24.64 8.47 13.30
C GLN B 55 25.93 9.27 13.15
N GLU B 56 27.09 8.60 13.24
CA GLU B 56 28.34 9.32 13.10
C GLU B 56 28.50 9.87 11.69
N LYS B 57 27.98 9.14 10.69
CA LYS B 57 28.02 9.62 9.31
C LYS B 57 27.12 10.82 9.15
N VAL B 58 25.93 10.76 9.73
CA VAL B 58 25.03 11.91 9.70
C VAL B 58 25.65 13.10 10.44
N ALA B 59 26.36 12.83 11.54
CA ALA B 59 26.94 13.92 12.32
C ALA B 59 28.07 14.64 11.61
N GLU B 60 28.56 14.12 10.48
CA GLU B 60 29.79 14.67 9.93
C GLU B 60 29.58 16.09 9.43
N LYS B 61 28.39 16.41 8.93
CA LYS B 61 28.14 17.78 8.50
C LYS B 61 28.23 18.76 9.66
N TYR B 62 27.89 18.32 10.87
CA TYR B 62 27.95 19.26 11.99
C TYR B 62 29.38 19.53 12.40
N ILE B 63 30.29 18.60 12.11
CA ILE B 63 31.71 18.82 12.42
C ILE B 63 32.32 19.84 11.47
N LYS B 64 31.93 19.79 10.20
CA LYS B 64 32.42 20.76 9.23
C LYS B 64 31.66 22.09 9.31
N MET B 65 30.43 22.06 9.83
CA MET B 65 29.54 23.22 9.85
C MET B 65 30.15 24.38 10.62
N THR B 66 30.06 25.60 10.04
CA THR B 66 30.53 26.78 10.76
C THR B 66 29.55 27.19 11.85
N PRO B 67 30.03 27.43 13.07
CA PRO B 67 29.15 27.90 14.15
C PRO B 67 28.33 29.13 13.76
N LEU B 68 27.03 29.05 14.05
CA LEU B 68 26.09 30.12 13.80
C LEU B 68 26.03 31.06 15.00
N SER B 69 25.57 32.30 14.74
CA SER B 69 25.43 33.32 15.76
C SER B 69 24.16 34.13 15.48
N VAL B 70 23.50 34.60 16.53
CA VAL B 70 22.27 35.35 16.28
C VAL B 70 22.60 36.69 15.65
N THR B 71 23.86 37.12 15.78
CA THR B 71 24.27 38.44 15.29
C THR B 71 24.32 38.51 13.79
N ALA B 72 24.15 37.40 13.09
CA ALA B 72 24.19 37.37 11.63
C ALA B 72 22.84 37.81 11.07
N LYS B 73 22.55 39.09 11.22
CA LYS B 73 21.30 39.63 10.70
C LYS B 73 21.56 41.06 10.25
N LYS B 74 20.85 41.46 9.19
CA LYS B 74 20.98 42.84 8.70
C LYS B 74 20.06 43.78 9.49
N LYS B 75 18.77 43.42 9.53
CA LYS B 75 17.75 44.21 10.22
C LYS B 75 17.88 44.02 11.72
N LEU B 76 18.14 45.16 12.45
CA LEU B 76 18.38 45.10 13.89
C LEU B 76 17.09 45.28 14.69
N PRO B 77 17.10 44.80 15.95
CA PRO B 77 15.94 44.99 16.86
C PRO B 77 15.90 46.40 17.43
N PRO B 78 14.81 46.77 18.12
CA PRO B 78 14.74 48.12 18.70
C PRO B 78 15.92 48.49 19.59
N SER B 79 16.60 47.52 20.22
CA SER B 79 17.79 47.87 21.01
C SER B 79 18.99 48.23 20.15
N LYS B 80 18.89 48.03 18.84
CA LYS B 80 20.01 48.14 17.92
C LYS B 80 21.19 47.24 18.35
N ASP B 81 20.90 46.14 19.07
CA ASP B 81 21.92 45.21 19.53
C ASP B 81 21.76 43.88 18.77
N PRO B 82 22.70 43.52 17.91
CA PRO B 82 22.52 42.28 17.12
C PRO B 82 22.63 40.99 17.97
N ARG B 83 23.15 41.06 19.18
CA ARG B 83 23.20 39.88 20.04
C ARG B 83 21.82 39.60 20.67
N ASP B 84 20.82 40.42 20.37
CA ASP B 84 19.45 40.19 20.83
C ASP B 84 18.76 39.29 19.83
N TYR B 85 18.18 38.21 20.33
CA TYR B 85 17.38 37.34 19.50
C TYR B 85 16.07 38.02 19.11
N MET B 86 15.73 38.00 17.82
CA MET B 86 14.48 38.58 17.31
C MET B 86 13.89 37.76 16.17
N THR B 87 12.61 37.45 16.29
CA THR B 87 11.87 36.82 15.21
C THR B 87 10.50 37.48 15.10
N LEU B 88 9.82 37.18 14.00
CA LEU B 88 8.47 37.65 13.77
C LEU B 88 7.46 36.57 14.16
N SER B 89 6.41 36.98 14.84
CA SER B 89 5.40 36.03 15.24
C SER B 89 4.78 35.44 13.98
N PRO B 90 4.77 34.11 13.83
CA PRO B 90 4.58 33.52 12.50
C PRO B 90 3.21 33.77 11.87
N TYR B 91 2.19 34.16 12.65
CA TYR B 91 0.82 34.29 12.12
C TYR B 91 0.36 35.73 11.90
N TRP B 92 1.25 36.72 11.98
CA TRP B 92 0.89 38.11 11.87
C TRP B 92 1.36 38.65 10.52
N TRP B 93 0.43 39.16 9.72
CA TRP B 93 0.65 39.56 8.34
C TRP B 93 0.40 41.06 8.23
N PRO B 94 1.06 41.73 7.29
CA PRO B 94 0.69 43.13 7.00
C PRO B 94 -0.79 43.22 6.64
N ASP B 95 -1.41 44.31 7.07
CA ASP B 95 -2.82 44.60 6.75
C ASP B 95 -2.83 45.39 5.44
N SER B 96 -3.36 44.77 4.38
CA SER B 96 -3.28 45.39 3.05
C SER B 96 -4.08 46.68 2.95
N THR B 97 -5.15 46.81 3.76
CA THR B 97 -6.01 47.99 3.72
C THR B 97 -5.39 49.21 4.41
N LYS B 98 -4.20 49.08 5.00
CA LYS B 98 -3.50 50.18 5.63
C LYS B 98 -2.32 50.58 4.76
N ILE B 99 -1.98 51.87 4.76
CA ILE B 99 -0.98 52.39 3.83
C ILE B 99 0.40 51.81 4.12
N ASP B 100 0.71 51.63 5.40
CA ASP B 100 1.98 51.06 5.82
C ASP B 100 1.89 49.59 6.17
N GLY B 101 0.71 48.98 6.05
CA GLY B 101 0.51 47.59 6.40
C GLY B 101 0.29 47.36 7.89
N LEU B 102 0.48 48.38 8.71
CA LEU B 102 0.48 48.44 10.16
C LEU B 102 -0.89 48.87 10.68
N PRO B 103 -1.31 48.29 11.81
CA PRO B 103 -0.64 47.21 12.54
C PRO B 103 -0.93 45.88 11.86
N TYR B 104 -0.03 44.91 11.97
CA TYR B 104 -0.26 43.59 11.42
C TYR B 104 -1.53 42.98 12.01
N ILE B 105 -2.04 41.97 11.33
CA ILE B 105 -3.25 41.28 11.73
C ILE B 105 -2.94 39.79 11.76
N ARG B 106 -3.70 39.07 12.53
CA ARG B 106 -3.43 37.67 12.79
C ARG B 106 -4.23 36.79 11.84
N LYS B 107 -3.56 35.78 11.30
CA LYS B 107 -4.22 34.75 10.49
C LYS B 107 -3.75 33.44 11.10
N ASP B 108 -4.50 32.94 12.09
CA ASP B 108 -4.04 31.80 12.86
C ASP B 108 -3.75 30.61 11.97
N GLY B 109 -2.52 30.07 12.09
CA GLY B 109 -2.13 28.85 11.43
C GLY B 109 -1.41 29.04 10.12
N GLU B 110 -1.43 30.26 9.59
CA GLU B 110 -0.86 30.58 8.30
C GLU B 110 0.45 31.30 8.56
N ARG B 111 1.56 30.60 8.30
CA ARG B 111 2.88 31.17 8.57
C ARG B 111 3.26 32.21 7.51
N ASN B 112 3.47 33.43 7.97
CA ASN B 112 3.88 34.51 7.09
C ASN B 112 5.33 34.28 6.66
N PRO B 113 5.58 34.12 5.36
CA PRO B 113 6.97 33.92 4.88
C PRO B 113 7.93 35.01 5.26
N GLU B 114 7.44 36.16 5.76
CA GLU B 114 8.35 37.13 6.34
C GLU B 114 9.14 36.57 7.53
N VAL B 115 8.67 35.48 8.15
CA VAL B 115 9.41 34.95 9.29
C VAL B 115 10.85 34.64 8.92
N TYR B 116 11.10 34.24 7.66
CA TYR B 116 12.42 33.83 7.22
C TYR B 116 13.37 35.00 7.00
N GLU B 117 12.92 36.23 7.10
CA GLU B 117 13.84 37.36 7.05
C GLU B 117 14.58 37.55 8.37
N TYR B 118 14.30 36.73 9.36
CA TYR B 118 15.00 36.80 10.63
C TYR B 118 15.86 35.56 10.71
N PRO B 119 17.15 35.68 10.45
CA PRO B 119 17.98 34.47 10.33
C PRO B 119 17.95 33.58 11.55
N GLU B 120 17.79 34.11 12.75
CA GLU B 120 17.85 33.25 13.92
C GLU B 120 16.66 32.28 14.00
N ARG B 121 15.58 32.52 13.27
CA ARG B 121 14.46 31.58 13.29
C ARG B 121 14.93 30.19 12.91
N GLU B 122 15.51 30.06 11.72
CA GLU B 122 16.06 28.79 11.27
C GLU B 122 17.45 28.56 11.85
N ASN B 123 18.19 29.62 12.20
CA ASN B 123 19.57 29.41 12.67
C ASN B 123 19.62 28.75 14.05
N ALA B 124 18.67 29.06 14.94
CA ALA B 124 18.63 28.41 16.24
C ALA B 124 18.29 26.93 16.10
N ASN B 125 17.49 26.59 15.08
CA ASN B 125 17.24 25.18 14.76
C ASN B 125 18.52 24.48 14.33
N ARG B 126 19.27 25.11 13.43
CA ARG B 126 20.48 24.48 12.93
C ARG B 126 21.51 24.34 14.03
N PHE B 127 21.66 25.40 14.83
CA PHE B 127 22.52 25.30 15.99
C PHE B 127 22.07 24.18 16.93
N GLY B 128 20.79 24.17 17.31
CA GLY B 128 20.33 23.20 18.30
C GLY B 128 20.48 21.75 17.85
N ASP B 129 20.10 21.46 16.61
CA ASP B 129 20.33 20.12 16.07
C ASP B 129 21.80 19.74 16.10
N ALA B 130 22.67 20.62 15.60
CA ALA B 130 24.08 20.31 15.51
C ALA B 130 24.66 20.02 16.89
N ALA B 131 24.36 20.87 17.88
CA ALA B 131 24.97 20.72 19.19
C ALA B 131 24.41 19.52 19.93
N TYR B 132 23.10 19.29 19.80
CA TYR B 132 22.47 18.16 20.45
C TYR B 132 23.06 16.86 19.91
N CYS B 133 23.08 16.71 18.59
CA CYS B 133 23.63 15.51 17.99
C CYS B 133 25.08 15.30 18.44
N LEU B 134 25.91 16.34 18.33
CA LEU B 134 27.30 16.22 18.76
C LEU B 134 27.41 15.86 20.24
N GLY B 135 26.57 16.48 21.08
CA GLY B 135 26.63 16.20 22.50
C GLY B 135 26.22 14.78 22.84
N VAL B 136 25.19 14.27 22.16
CA VAL B 136 24.80 12.88 22.37
C VAL B 136 25.86 11.93 21.83
N LEU B 137 26.40 12.20 20.63
CA LEU B 137 27.41 11.31 20.09
C LEU B 137 28.66 11.28 20.94
N TYR B 138 29.04 12.40 21.54
CA TYR B 138 30.19 12.36 22.44
C TYR B 138 29.88 11.52 23.67
N TYR B 139 28.68 11.66 24.21
CA TYR B 139 28.32 10.88 25.38
C TYR B 139 28.35 9.39 25.07
N ILE B 140 27.82 8.98 23.91
CA ILE B 140 27.71 7.56 23.60
C ILE B 140 29.08 6.96 23.28
N THR B 141 29.87 7.65 22.46
CA THR B 141 31.11 7.11 21.94
C THR B 141 32.38 7.56 22.67
N GLY B 142 32.34 8.67 23.42
CA GLY B 142 33.54 9.16 24.06
C GLY B 142 34.62 9.71 23.15
N LYS B 143 34.35 9.83 21.86
CA LYS B 143 35.35 10.39 20.94
C LYS B 143 35.41 11.92 21.14
N GLU B 144 36.60 12.42 21.49
CA GLU B 144 36.80 13.84 21.76
C GLU B 144 36.43 14.74 20.59
N VAL B 145 36.42 14.22 19.37
CA VAL B 145 36.17 15.09 18.25
C VAL B 145 34.72 15.54 18.28
N TYR B 146 33.85 14.79 18.97
CA TYR B 146 32.47 15.23 19.07
C TYR B 146 32.29 16.31 20.13
N ALA B 147 32.95 16.19 21.28
CA ALA B 147 32.86 17.27 22.26
C ALA B 147 33.47 18.55 21.72
N LYS B 148 34.59 18.44 21.00
CA LYS B 148 35.27 19.61 20.49
C LYS B 148 34.38 20.38 19.52
N ALA B 149 33.64 19.65 18.68
CA ALA B 149 32.73 20.31 17.75
C ALA B 149 31.54 20.89 18.49
N CYS B 150 30.97 20.12 19.42
CA CYS B 150 29.83 20.60 20.20
C CYS B 150 30.17 21.89 20.91
N ALA B 151 31.33 21.92 21.57
CA ALA B 151 31.77 23.10 22.29
C ALA B 151 31.94 24.31 21.37
N ASN B 152 32.46 24.10 20.16
CA ASN B 152 32.61 25.23 19.24
C ASN B 152 31.26 25.91 19.01
N HIS B 153 30.22 25.11 18.76
CA HIS B 153 28.87 25.65 18.54
C HIS B 153 28.31 26.34 19.79
N LEU B 154 28.51 25.74 20.99
CA LEU B 154 27.98 26.25 22.25
C LEU B 154 28.60 27.59 22.63
N ARG B 155 29.93 27.68 22.55
CA ARG B 155 30.63 28.95 22.79
C ARG B 155 30.13 30.03 21.85
N THR B 156 30.03 29.71 20.56
CA THR B 156 29.70 30.76 19.60
C THR B 156 28.25 31.21 19.77
N TRP B 157 27.34 30.28 20.05
CA TRP B 157 25.95 30.67 20.18
C TRP B 157 25.69 31.37 21.52
N PHE B 158 26.22 30.83 22.62
CA PHE B 158 25.77 31.25 23.94
C PHE B 158 26.69 32.30 24.56
N THR B 159 27.96 31.98 24.77
CA THR B 159 28.77 32.74 25.72
C THR B 159 29.76 33.69 25.10
N ASP B 160 30.08 33.54 23.81
CA ASP B 160 31.08 34.38 23.18
C ASP B 160 30.75 35.89 23.36
N PRO B 161 31.72 36.71 23.75
CA PRO B 161 31.42 38.13 24.02
C PRO B 161 31.02 38.96 22.81
N LYS B 162 31.20 38.49 21.59
CA LYS B 162 30.73 39.23 20.42
C LYS B 162 29.62 38.53 19.67
N LEU B 163 29.70 37.20 19.58
CA LEU B 163 28.77 36.41 18.78
C LEU B 163 27.71 35.72 19.63
N GLY B 164 27.90 35.61 20.95
CA GLY B 164 26.91 34.95 21.80
C GLY B 164 25.65 35.79 21.98
N MET B 165 24.50 35.11 22.03
CA MET B 165 23.22 35.82 22.16
C MET B 165 23.07 36.36 23.57
N ASN B 166 22.43 37.53 23.68
CA ASN B 166 22.10 38.04 25.00
C ASN B 166 21.13 37.10 25.74
N PRO B 167 21.32 36.89 27.07
CA PRO B 167 20.43 35.98 27.82
C PRO B 167 19.05 36.57 28.05
N ASN B 168 18.23 36.68 27.00
CA ASN B 168 16.86 37.18 27.10
C ASN B 168 16.12 36.74 25.85
N MET B 169 14.79 36.91 25.86
CA MET B 169 14.00 36.69 24.66
C MET B 169 13.02 37.83 24.47
N THR B 170 13.46 39.06 24.76
CA THR B 170 12.63 40.25 24.64
C THR B 170 11.98 40.39 23.26
N TYR B 171 12.78 40.24 22.19
CA TYR B 171 12.29 40.49 20.84
C TYR B 171 11.98 39.22 20.07
N ALA B 172 11.71 38.12 20.79
CA ALA B 172 11.20 36.94 20.13
C ALA B 172 9.74 37.16 19.76
N GLN B 173 9.35 36.65 18.59
CA GLN B 173 8.03 36.80 17.99
C GLN B 173 7.43 38.19 18.25
N ALA B 174 8.22 39.22 17.90
CA ALA B 174 7.70 40.57 17.85
C ALA B 174 6.62 40.68 16.77
N VAL B 175 5.77 41.70 16.88
CA VAL B 175 4.73 41.98 15.91
C VAL B 175 4.81 43.44 15.50
N PRO B 176 5.10 43.76 14.23
CA PRO B 176 5.19 45.16 13.82
C PRO B 176 3.91 45.96 14.10
N GLY B 177 4.09 47.15 14.66
CA GLY B 177 2.97 48.00 14.89
C GLY B 177 2.17 47.67 16.12
N MET B 178 2.43 46.56 16.78
CA MET B 178 1.73 46.25 18.01
C MET B 178 2.39 47.01 19.16
N LYS B 179 1.57 47.62 20.01
CA LYS B 179 2.08 48.46 21.08
C LYS B 179 2.48 47.67 22.33
N LYS B 180 1.67 46.70 22.72
CA LYS B 180 2.02 46.03 23.96
C LYS B 180 3.22 45.13 23.75
N MET B 181 3.91 44.82 24.84
CA MET B 181 5.00 43.86 24.78
C MET B 181 4.41 42.49 25.10
N ARG B 182 4.74 41.50 24.25
CA ARG B 182 4.27 40.13 24.47
C ARG B 182 5.48 39.24 24.72
N GLY B 183 5.16 38.17 25.45
CA GLY B 183 6.07 37.09 25.85
C GLY B 183 5.77 35.79 25.17
N SER B 184 4.84 35.77 24.24
CA SER B 184 4.51 34.52 23.58
C SER B 184 5.69 34.02 22.75
N GLY B 185 6.60 34.91 22.37
CA GLY B 185 7.74 34.50 21.58
C GLY B 185 8.73 33.66 22.33
N PHE B 186 8.61 33.60 23.67
CA PHE B 186 9.50 32.80 24.49
C PHE B 186 9.55 31.34 24.06
N ILE B 187 8.47 30.84 23.47
CA ILE B 187 8.41 29.45 23.04
C ILE B 187 9.54 29.09 22.07
N ASP B 188 10.12 30.09 21.40
CA ASP B 188 11.25 29.85 20.52
C ASP B 188 12.44 29.29 21.28
N SER B 189 12.51 29.54 22.59
CA SER B 189 13.68 29.13 23.36
C SER B 189 13.91 27.63 23.29
N ARG B 190 12.85 26.85 23.04
CA ARG B 190 13.02 25.40 22.99
C ARG B 190 14.03 24.96 21.94
N ARG B 191 14.28 25.78 20.90
CA ARG B 191 15.21 25.36 19.86
C ARG B 191 16.67 25.35 20.35
N PHE B 192 17.07 26.28 21.22
CA PHE B 192 18.43 26.25 21.72
C PHE B 192 18.56 25.79 23.17
N SER B 193 17.46 25.67 23.91
CA SER B 193 17.59 25.30 25.32
C SER B 193 17.88 23.82 25.51
N ARG B 194 17.44 22.95 24.60
CA ARG B 194 17.88 21.55 24.66
C ARG B 194 19.39 21.46 24.43
N ALA B 195 19.93 22.30 23.54
CA ALA B 195 21.37 22.30 23.35
C ALA B 195 22.06 22.73 24.62
N LEU B 196 21.47 23.68 25.33
CA LEU B 196 21.99 24.05 26.64
C LEU B 196 22.08 22.82 27.55
N GLY B 197 21.02 22.00 27.57
CA GLY B 197 21.02 20.85 28.47
C GLY B 197 22.10 19.85 28.11
N VAL B 198 22.29 19.63 26.81
CA VAL B 198 23.25 18.63 26.34
C VAL B 198 24.69 19.06 26.63
N ALA B 199 24.90 20.36 26.85
CA ALA B 199 26.22 20.84 27.21
C ALA B 199 26.76 20.08 28.40
N LYS B 200 25.86 19.62 29.28
CA LYS B 200 26.34 18.86 30.43
C LYS B 200 27.04 17.57 29.99
N LEU B 201 26.61 16.96 28.86
CA LEU B 201 27.19 15.68 28.43
C LEU B 201 28.66 15.79 28.04
N ILE B 202 29.12 16.97 27.60
CA ILE B 202 30.51 17.10 27.20
C ILE B 202 31.36 17.57 28.34
N GLU B 203 30.76 17.81 29.50
CA GLU B 203 31.55 18.10 30.68
C GLU B 203 32.49 16.93 30.95
N GLY B 204 33.75 17.24 31.22
CA GLY B 204 34.78 16.24 31.40
C GLY B 204 35.65 16.00 30.19
N SER B 205 35.21 16.38 29.00
CA SER B 205 36.08 16.35 27.84
C SER B 205 37.22 17.35 27.99
N LYS B 206 38.27 17.16 27.17
CA LYS B 206 39.35 18.14 27.12
C LYS B 206 38.91 19.42 26.45
N SER B 207 37.93 19.35 25.57
CA SER B 207 37.55 20.52 24.82
C SER B 207 36.74 21.49 25.67
N TRP B 208 35.95 20.97 26.62
CA TRP B 208 35.10 21.81 27.45
C TRP B 208 35.80 22.09 28.77
N THR B 209 36.54 23.21 28.80
CA THR B 209 37.39 23.59 29.91
C THR B 209 36.55 24.14 31.06
N PRO B 210 37.12 24.22 32.27
CA PRO B 210 36.38 24.88 33.37
C PRO B 210 35.89 26.27 33.01
N SER B 211 36.68 27.01 32.24
CA SER B 211 36.26 28.33 31.86
C SER B 211 35.03 28.28 30.97
N ASP B 212 35.00 27.35 30.01
CA ASP B 212 33.82 27.22 29.18
C ASP B 212 32.56 26.98 30.02
N LYS B 213 32.65 26.03 30.96
CA LYS B 213 31.52 25.70 31.82
C LYS B 213 31.10 26.89 32.69
N LYS B 214 32.07 27.61 33.27
CA LYS B 214 31.69 28.72 34.13
C LYS B 214 30.94 29.79 33.33
N LYS B 215 31.47 30.15 32.16
CA LYS B 215 30.80 31.16 31.34
C LYS B 215 29.38 30.72 30.99
N LEU B 216 29.21 29.44 30.60
CA LEU B 216 27.89 28.96 30.24
C LEU B 216 26.96 28.90 31.46
N ASP B 217 27.51 28.51 32.62
CA ASP B 217 26.72 28.58 33.85
C ASP B 217 26.23 30.00 34.10
N ASP B 218 27.11 30.98 33.93
CA ASP B 218 26.71 32.36 34.12
C ASP B 218 25.65 32.75 33.09
N TRP B 219 25.81 32.33 31.84
CA TRP B 219 24.80 32.66 30.87
C TRP B 219 23.46 32.05 31.27
N ALA B 220 23.49 30.77 31.64
CA ALA B 220 22.24 30.10 31.96
C ALA B 220 21.58 30.70 33.19
N THR B 221 22.37 31.02 34.22
CA THR B 221 21.85 31.69 35.40
C THR B 221 21.17 33.00 35.05
N ALA B 222 21.79 33.80 34.20
CA ALA B 222 21.23 35.09 33.81
C ALA B 222 20.00 34.92 32.93
N PHE B 223 19.99 33.89 32.07
CA PHE B 223 18.80 33.61 31.28
C PHE B 223 17.67 33.15 32.18
N CYS B 224 18.00 32.35 33.20
CA CYS B 224 16.98 31.94 34.15
C CYS B 224 16.39 33.15 34.85
N TYR B 225 17.26 34.06 35.30
CA TYR B 225 16.76 35.26 35.95
C TYR B 225 15.81 36.01 35.04
N TRP B 226 16.18 36.13 33.76
CA TRP B 226 15.35 36.86 32.81
C TRP B 226 13.97 36.21 32.68
N MET B 227 13.94 34.89 32.48
CA MET B 227 12.70 34.16 32.28
C MET B 227 11.80 34.16 33.53
N GLU B 228 12.37 34.31 34.71
CA GLU B 228 11.57 34.25 35.94
C GLU B 228 11.10 35.63 36.42
N ASN B 229 11.78 36.70 36.03
CA ASN B 229 11.57 38.02 36.61
C ASN B 229 11.17 39.08 35.61
N SER B 230 11.50 38.90 34.33
CA SER B 230 11.06 39.90 33.38
C SER B 230 9.55 39.83 33.30
N THR B 231 8.94 40.97 32.95
CA THR B 231 7.49 41.00 32.74
C THR B 231 7.03 39.97 31.71
N GLN B 232 7.81 39.79 30.63
CA GLN B 232 7.43 38.82 29.61
C GLN B 232 7.56 37.40 30.12
N GLY B 233 8.62 37.11 30.88
CA GLY B 233 8.75 35.78 31.46
C GLY B 233 7.62 35.46 32.43
N GLN B 234 7.27 36.43 33.30
CA GLN B 234 6.17 36.26 34.25
C GLN B 234 4.87 35.97 33.53
N ARG B 235 4.53 36.82 32.54
CA ARG B 235 3.33 36.57 31.75
C ARG B 235 3.36 35.17 31.18
N GLU B 236 4.46 34.81 30.53
CA GLU B 236 4.49 33.52 29.84
C GLU B 236 4.37 32.38 30.83
N SER B 237 4.91 32.55 32.02
CA SER B 237 4.79 31.52 33.05
C SER B 237 3.36 31.33 33.49
N HIS B 238 2.48 32.29 33.20
CA HIS B 238 1.09 32.20 33.65
C HIS B 238 0.16 31.69 32.58
N ALA B 239 0.67 31.48 31.37
CA ALA B 239 -0.17 31.17 30.21
C ALA B 239 -0.98 29.90 30.43
N ALA B 240 -2.20 29.90 29.87
CA ALA B 240 -3.20 28.85 30.11
C ALA B 240 -3.26 27.79 29.00
N ASN B 241 -2.34 27.82 28.04
CA ASN B 241 -2.36 26.89 26.90
C ASN B 241 -1.02 26.18 26.82
N ASN B 242 -0.69 25.69 25.61
CA ASN B 242 0.61 25.02 25.43
C ASN B 242 1.81 25.94 25.66
N HIS B 243 1.64 27.27 25.63
CA HIS B 243 2.77 28.17 25.91
C HIS B 243 3.26 28.01 27.33
N GLY B 244 2.32 27.87 28.28
CA GLY B 244 2.70 27.67 29.66
C GLY B 244 3.41 26.35 29.88
N LEU B 245 2.94 25.30 29.21
CA LEU B 245 3.64 24.03 29.29
C LEU B 245 5.04 24.15 28.69
N TRP B 246 5.15 24.75 27.51
CA TRP B 246 6.48 24.86 26.90
C TRP B 246 7.37 25.76 27.71
N TYR B 247 6.81 26.82 28.30
CA TYR B 247 7.61 27.66 29.18
C TYR B 247 8.25 26.84 30.29
N GLU B 248 7.46 25.97 30.94
CA GLU B 248 8.01 25.22 32.06
C GLU B 248 8.95 24.13 31.58
N ALA B 249 8.62 23.45 30.47
CA ALA B 249 9.55 22.50 29.89
C ALA B 249 10.91 23.15 29.64
N ILE B 250 10.90 24.36 29.06
CA ILE B 250 12.15 25.10 28.88
C ILE B 250 12.76 25.45 30.24
N HIS B 251 11.93 25.89 31.18
CA HIS B 251 12.39 26.21 32.53
C HIS B 251 13.14 25.04 33.13
N LEU B 252 12.62 23.83 32.95
CA LEU B 252 13.28 22.64 33.49
C LEU B 252 14.64 22.39 32.83
N MET B 253 14.76 22.63 31.53
CA MET B 253 16.06 22.38 30.89
C MET B 253 17.15 23.29 31.44
N VAL B 254 16.81 24.56 31.62
CA VAL B 254 17.76 25.49 32.21
C VAL B 254 18.03 25.09 33.67
N LEU B 255 17.00 24.69 34.41
CA LEU B 255 17.20 24.31 35.80
C LEU B 255 18.00 23.02 35.93
N ALA B 256 17.72 22.03 35.07
CA ALA B 256 18.50 20.78 35.06
C ALA B 256 19.95 21.04 34.64
N TYR B 257 20.16 21.89 33.63
CA TYR B 257 21.51 22.27 33.23
C TYR B 257 22.27 22.80 34.43
N LEU B 258 21.59 23.59 35.27
CA LEU B 258 22.16 24.23 36.45
C LEU B 258 22.14 23.35 37.70
N ASP B 259 21.64 22.12 37.61
CA ASP B 259 21.59 21.19 38.75
C ASP B 259 20.70 21.65 39.91
N ARG B 260 19.71 22.49 39.65
CA ARG B 260 18.80 22.89 40.72
C ARG B 260 17.63 21.89 40.77
N THR B 261 17.89 20.74 41.38
CA THR B 261 16.88 19.68 41.41
C THR B 261 15.72 20.01 42.34
N ASP B 262 15.97 20.73 43.43
CA ASP B 262 14.85 21.12 44.26
C ASP B 262 13.89 22.01 43.47
N ARG B 263 14.41 22.87 42.59
CA ARG B 263 13.50 23.72 41.81
C ARG B 263 12.73 22.90 40.80
N ILE B 264 13.39 21.92 40.19
CA ILE B 264 12.70 21.02 39.27
C ILE B 264 11.51 20.37 39.96
N ARG B 265 11.70 19.92 41.22
CA ARG B 265 10.59 19.35 41.99
C ARG B 265 9.49 20.38 42.17
N GLU B 266 9.86 21.60 42.57
CA GLU B 266 8.85 22.62 42.79
C GLU B 266 8.14 23.01 41.50
N VAL B 267 8.87 23.17 40.40
CA VAL B 267 8.19 23.56 39.18
C VAL B 267 7.27 22.44 38.71
N ALA B 268 7.75 21.20 38.78
CA ALA B 268 6.89 20.05 38.48
C ALA B 268 5.66 20.04 39.35
N GLU B 269 5.85 20.23 40.67
CA GLU B 269 4.74 20.06 41.61
C GLU B 269 3.82 21.27 41.65
N GLN B 270 4.36 22.48 41.61
CA GLN B 270 3.53 23.67 41.77
C GLN B 270 3.14 24.31 40.46
N SER B 271 3.76 23.93 39.36
CA SER B 271 3.48 24.67 38.14
C SER B 271 3.01 23.81 36.99
N ILE B 272 3.81 22.79 36.56
CA ILE B 272 3.47 22.00 35.38
C ILE B 272 2.19 21.20 35.61
N LEU B 273 2.11 20.48 36.73
CA LEU B 273 0.91 19.68 37.01
C LEU B 273 -0.33 20.52 37.20
N PRO B 274 -0.34 21.57 38.02
CA PRO B 274 -1.53 22.44 38.03
C PRO B 274 -1.89 22.97 36.68
N LYS B 275 -0.89 23.39 35.87
CA LYS B 275 -1.21 23.90 34.53
C LYS B 275 -1.76 22.79 33.65
N MET B 276 -1.11 21.61 33.71
CA MET B 276 -1.61 20.47 32.95
C MET B 276 -3.04 20.12 33.32
N GLY B 277 -3.35 20.05 34.62
CA GLY B 277 -4.70 19.69 35.04
C GLY B 277 -5.76 20.70 34.65
N ALA B 278 -5.40 21.98 34.60
CA ALA B 278 -6.37 23.00 34.25
C ALA B 278 -6.69 23.03 32.75
N GLN B 279 -5.87 22.39 31.92
CA GLN B 279 -6.03 22.43 30.47
C GLN B 279 -6.71 21.18 29.93
N ILE B 280 -6.81 20.11 30.74
CA ILE B 280 -7.45 18.87 30.34
C ILE B 280 -8.93 18.90 30.71
N ALA B 281 -9.80 18.61 29.74
CA ALA B 281 -11.24 18.61 29.97
C ALA B 281 -11.69 17.23 30.43
N ASP B 282 -12.98 17.09 30.75
CA ASP B 282 -13.45 15.86 31.38
C ASP B 282 -13.31 14.66 30.44
N ASP B 283 -13.39 14.87 29.13
CA ASP B 283 -13.23 13.78 28.16
C ASP B 283 -11.78 13.53 27.80
N GLY B 284 -10.86 14.37 28.28
CA GLY B 284 -9.45 14.31 27.94
C GLY B 284 -9.05 15.25 26.82
N SER B 285 -9.99 15.95 26.19
CA SER B 285 -9.60 16.91 25.18
C SER B 285 -8.92 18.11 25.83
N LEU B 286 -8.23 18.90 25.00
CA LEU B 286 -7.58 20.14 25.42
C LEU B 286 -8.33 21.31 24.80
N PRO B 287 -9.34 21.85 25.48
CA PRO B 287 -10.18 22.89 24.86
C PRO B 287 -9.41 24.07 24.31
N GLN B 288 -8.28 24.44 24.93
CA GLN B 288 -7.51 25.58 24.45
C GLN B 288 -6.94 25.30 23.06
N GLU B 289 -6.54 24.06 22.81
CA GLU B 289 -6.02 23.70 21.50
C GLU B 289 -7.13 23.41 20.50
N LEU B 290 -8.31 23.00 20.98
CA LEU B 290 -9.42 22.70 20.07
C LEU B 290 -9.92 23.95 19.33
N LYS B 291 -9.74 25.15 19.88
CA LYS B 291 -10.20 26.37 19.23
C LYS B 291 -9.20 26.91 18.22
N ARG B 292 -8.11 26.22 17.98
CA ARG B 292 -7.12 26.63 16.99
C ARG B 292 -7.43 26.03 15.62
N THR B 293 -6.92 26.70 14.58
CA THR B 293 -7.07 26.24 13.21
C THR B 293 -6.24 25.00 12.91
N LEU B 294 -5.26 24.69 13.76
CA LEU B 294 -4.45 23.49 13.67
C LEU B 294 -4.55 22.71 14.97
N SER B 295 -5.78 22.26 15.31
CA SER B 295 -6.10 21.77 16.64
C SER B 295 -5.48 20.40 16.95
N LEU B 296 -5.33 19.55 15.95
CA LEU B 296 -4.67 18.28 16.22
C LEU B 296 -3.16 18.44 16.29
N HIS B 297 -2.59 19.40 15.55
CA HIS B 297 -1.20 19.73 15.76
C HIS B 297 -0.99 20.34 17.15
N TYR B 298 -1.87 21.26 17.53
CA TYR B 298 -1.65 21.95 18.79
C TYR B 298 -2.01 21.08 20.00
N SER B 299 -2.92 20.13 19.86
CA SER B 299 -3.10 19.16 20.93
C SER B 299 -1.82 18.36 21.14
N THR B 300 -1.23 17.87 20.05
CA THR B 300 0.03 17.14 20.14
C THR B 300 1.16 18.03 20.65
N PHE B 301 1.17 19.29 20.25
CA PHE B 301 2.25 20.17 20.68
C PHE B 301 2.20 20.40 22.19
N ALA B 302 0.99 20.50 22.74
CA ALA B 302 0.84 20.62 24.19
C ALA B 302 1.48 19.44 24.91
N LEU B 303 1.12 18.22 24.50
CA LEU B 303 1.65 17.04 25.18
C LEU B 303 3.15 16.89 24.96
N GLU B 304 3.67 17.40 23.85
CA GLU B 304 5.11 17.30 23.64
C GLU B 304 5.87 18.15 24.64
N ALA B 305 5.28 19.28 25.05
CA ALA B 305 5.89 20.05 26.12
C ALA B 305 5.99 19.18 27.38
N LEU B 306 4.89 18.54 27.77
CA LEU B 306 4.91 17.66 28.95
C LEU B 306 5.83 16.48 28.73
N MET B 307 5.85 15.91 27.52
CA MET B 307 6.74 14.79 27.23
C MET B 307 8.18 15.18 27.55
N GLU B 308 8.62 16.36 27.08
CA GLU B 308 9.99 16.76 27.26
C GLU B 308 10.27 17.22 28.69
N ALA B 309 9.30 17.84 29.34
CA ALA B 309 9.49 18.14 30.75
C ALA B 309 9.58 16.84 31.54
N ASN B 310 8.72 15.86 31.21
CA ASN B 310 8.77 14.60 31.92
C ASN B 310 10.13 13.92 31.81
N GLN B 311 10.81 14.06 30.67
CA GLN B 311 12.12 13.43 30.56
C GLN B 311 13.07 13.92 31.65
N ILE B 312 12.89 15.16 32.11
CA ILE B 312 13.68 15.71 33.20
C ILE B 312 13.10 15.32 34.56
N THR B 313 11.78 15.50 34.75
CA THR B 313 11.20 15.18 36.06
C THR B 313 11.36 13.71 36.41
N SER B 314 11.13 12.83 35.46
CA SER B 314 11.15 11.40 35.78
C SER B 314 12.56 10.92 36.13
N GLN B 315 13.61 11.61 35.68
CA GLN B 315 14.97 11.29 36.10
C GLN B 315 15.22 11.58 37.57
N ILE B 316 14.34 12.32 38.24
CA ILE B 316 14.40 12.53 39.68
C ILE B 316 13.16 11.99 40.39
N GLY B 317 12.42 11.10 39.74
CA GLY B 317 11.34 10.37 40.38
C GLY B 317 9.97 11.00 40.30
N ILE B 318 9.76 12.00 39.46
CA ILE B 318 8.43 12.60 39.31
C ILE B 318 7.92 12.28 37.92
N ASN B 319 6.86 11.48 37.85
CA ASN B 319 6.32 11.01 36.58
C ASN B 319 5.14 11.90 36.24
N LEU B 320 5.31 12.76 35.23
CA LEU B 320 4.24 13.68 34.87
C LEU B 320 3.12 13.01 34.07
N TRP B 321 3.36 11.86 33.46
CA TRP B 321 2.29 11.18 32.73
C TRP B 321 1.27 10.55 33.66
N SER B 322 1.69 10.00 34.80
CA SER B 322 0.82 9.26 35.71
C SER B 322 0.47 10.00 36.99
N THR B 323 1.10 11.16 37.28
CA THR B 323 0.82 11.90 38.51
C THR B 323 -0.40 12.80 38.32
N PRO B 324 -1.48 12.61 39.08
CA PRO B 324 -2.66 13.44 38.89
C PRO B 324 -2.44 14.82 39.45
N ALA B 325 -3.05 15.80 38.81
CA ALA B 325 -3.11 17.12 39.42
C ALA B 325 -4.13 17.10 40.54
N SER B 326 -4.08 18.14 41.36
CA SER B 326 -4.98 18.22 42.50
C SER B 326 -6.42 18.42 42.07
N ASN B 327 -6.68 18.86 40.85
CA ASN B 327 -8.09 18.89 40.47
C ASN B 327 -8.55 17.53 39.95
N GLY B 328 -7.71 16.51 40.08
CA GLY B 328 -8.01 15.16 39.65
C GLY B 328 -7.57 14.80 38.24
N LYS B 329 -7.35 15.78 37.35
CA LYS B 329 -6.95 15.47 35.98
C LYS B 329 -5.53 14.94 35.94
N VAL B 330 -5.29 13.99 35.05
CA VAL B 330 -3.99 13.36 34.87
C VAL B 330 -3.69 13.32 33.37
N ALA B 331 -2.40 13.49 33.02
CA ALA B 331 -2.03 13.63 31.61
C ALA B 331 -2.33 12.39 30.77
N SER B 332 -2.40 11.20 31.38
CA SER B 332 -2.81 10.04 30.59
C SER B 332 -4.19 10.21 29.97
N GLN B 333 -5.06 11.02 30.60
CA GLN B 333 -6.38 11.25 30.05
C GLN B 333 -6.32 11.93 28.69
N ALA B 334 -5.36 12.85 28.50
CA ALA B 334 -5.24 13.54 27.23
C ALA B 334 -4.66 12.63 26.15
N VAL B 335 -3.80 11.69 26.51
CA VAL B 335 -3.36 10.72 25.51
C VAL B 335 -4.53 9.85 25.07
N ASP B 336 -5.38 9.43 26.01
CA ASP B 336 -6.55 8.64 25.64
C ASP B 336 -7.42 9.36 24.63
N TYR B 337 -7.72 10.63 24.89
CA TYR B 337 -8.57 11.37 23.97
C TYR B 337 -7.97 11.40 22.58
N LEU B 338 -6.64 11.55 22.48
CA LEU B 338 -5.96 11.67 21.20
C LEU B 338 -5.51 10.34 20.60
N TYR B 339 -5.51 9.25 21.35
CA TYR B 339 -4.98 8.01 20.78
C TYR B 339 -5.72 7.58 19.52
N PRO B 340 -7.07 7.57 19.46
CA PRO B 340 -7.74 7.12 18.23
C PRO B 340 -7.35 7.91 17.01
N PHE B 341 -7.26 9.24 17.15
CA PHE B 341 -6.87 10.10 16.03
C PHE B 341 -5.41 9.95 15.67
N TYR B 342 -4.60 9.34 16.52
CA TYR B 342 -3.25 9.01 16.08
C TYR B 342 -3.28 7.76 15.21
N LEU B 343 -4.20 6.86 15.48
CA LEU B 343 -4.40 5.72 14.58
C LEU B 343 -4.89 6.19 13.21
N ASN B 344 -5.84 7.14 13.21
CA ASN B 344 -6.55 7.54 12.00
C ASN B 344 -6.77 9.05 12.04
N PRO B 345 -5.75 9.83 11.67
CA PRO B 345 -5.87 11.30 11.77
C PRO B 345 -7.06 11.91 11.05
N GLU B 346 -7.52 11.30 9.95
CA GLU B 346 -8.63 11.89 9.20
C GLU B 346 -9.93 11.92 10.00
N ASP B 347 -10.07 11.07 11.02
CA ASP B 347 -11.26 11.08 11.85
C ASP B 347 -11.34 12.30 12.75
N TRP B 348 -10.24 13.07 12.87
CA TRP B 348 -10.23 14.28 13.68
C TRP B 348 -11.29 15.24 13.17
N LYS B 349 -12.20 15.64 14.07
CA LYS B 349 -13.36 16.45 13.72
C LYS B 349 -13.16 17.95 13.93
N PHE B 350 -12.00 18.40 14.43
CA PHE B 350 -11.79 19.82 14.66
C PHE B 350 -10.87 20.43 13.59
N LYS B 351 -10.79 21.76 13.61
CA LYS B 351 -10.21 22.51 12.51
C LYS B 351 -8.72 22.22 12.38
N GLN B 352 -8.31 21.81 11.18
CA GLN B 352 -6.90 21.43 10.97
C GLN B 352 -6.57 21.81 9.52
N ILE B 353 -6.15 23.07 9.32
CA ILE B 353 -6.01 23.68 8.00
C ILE B 353 -4.71 23.30 7.30
N LYS B 354 -3.95 22.37 7.85
CA LYS B 354 -2.85 21.73 7.16
C LYS B 354 -2.87 20.26 7.55
N PRO B 355 -2.34 19.36 6.72
CA PRO B 355 -2.39 17.94 7.07
C PRO B 355 -1.52 17.64 8.29
N PHE B 356 -1.99 16.68 9.11
CA PHE B 356 -1.29 16.29 10.34
C PHE B 356 -0.29 15.15 10.09
N ASP B 357 0.93 15.36 10.57
CA ASP B 357 2.05 14.43 10.46
C ASP B 357 1.87 13.29 11.48
N GLN B 358 1.46 12.11 11.00
CA GLN B 358 1.26 11.01 11.94
C GLN B 358 2.57 10.58 12.63
N SER B 359 3.73 10.89 12.03
CA SER B 359 5.01 10.45 12.61
C SER B 359 5.27 11.08 13.98
N ARG B 360 4.73 12.27 14.22
CA ARG B 360 4.93 12.91 15.50
C ARG B 360 4.37 12.08 16.63
N ALA B 361 3.39 11.20 16.33
CA ALA B 361 2.83 10.31 17.35
C ALA B 361 3.81 9.23 17.80
N ALA B 362 4.81 8.88 16.99
CA ALA B 362 5.67 7.75 17.33
C ALA B 362 6.41 7.99 18.66
N ILE B 363 7.24 9.04 18.71
CA ILE B 363 8.00 9.32 19.93
C ILE B 363 7.05 9.65 21.07
N LEU B 364 5.99 10.40 20.79
CA LEU B 364 5.03 10.76 21.83
C LEU B 364 4.41 9.53 22.49
N LEU B 365 3.91 8.58 21.69
CA LEU B 365 3.23 7.44 22.28
C LEU B 365 4.18 6.49 22.98
N TYR B 366 5.42 6.37 22.49
CA TYR B 366 6.39 5.56 23.21
C TYR B 366 6.75 6.16 24.56
N GLU B 367 7.00 7.48 24.59
CA GLU B 367 7.32 8.13 25.85
C GLU B 367 6.20 7.95 26.87
N ALA B 368 4.99 8.36 26.52
CA ALA B 368 3.86 8.19 27.42
C ALA B 368 3.56 6.73 27.67
N GLY B 369 3.77 5.87 26.66
CA GLY B 369 3.52 4.45 26.84
C GLY B 369 4.43 3.80 27.86
N THR B 370 5.73 4.00 27.71
CA THR B 370 6.67 3.41 28.67
C THR B 370 6.42 3.99 30.05
N ALA B 371 6.10 5.28 30.13
CA ALA B 371 5.85 5.92 31.41
C ALA B 371 4.65 5.32 32.12
N LEU B 372 3.61 4.98 31.36
CA LEU B 372 2.32 4.53 31.89
C LEU B 372 2.19 3.02 31.94
N GLY B 373 3.21 2.29 31.50
CA GLY B 373 3.05 0.85 31.37
C GLY B 373 1.97 0.44 30.41
N ASN B 374 1.63 1.29 29.44
CA ASN B 374 0.54 1.00 28.53
C ASN B 374 1.15 0.32 27.30
N GLN B 375 0.94 -0.99 27.17
CA GLN B 375 1.58 -1.70 26.07
C GLN B 375 0.91 -1.40 24.73
N LYS B 376 -0.39 -1.13 24.73
CA LYS B 376 -1.04 -0.76 23.48
C LYS B 376 -0.39 0.49 22.88
N TYR B 377 -0.05 1.46 23.73
CA TYR B 377 0.64 2.67 23.29
C TYR B 377 2.04 2.38 22.75
N VAL B 378 2.79 1.53 23.43
CA VAL B 378 4.16 1.25 22.99
C VAL B 378 4.15 0.52 21.65
N ASP B 379 3.19 -0.39 21.46
CA ASP B 379 3.11 -1.16 20.21
C ASP B 379 2.80 -0.25 19.03
N THR B 380 1.80 0.63 19.19
CA THR B 380 1.47 1.57 18.12
C THR B 380 2.65 2.48 17.81
N ALA B 381 3.41 2.89 18.84
CA ALA B 381 4.62 3.67 18.60
C ALA B 381 5.56 2.96 17.64
N LYS B 382 5.84 1.68 17.91
CA LYS B 382 6.74 0.93 17.05
C LYS B 382 6.13 0.68 15.66
N ARG B 383 4.81 0.45 15.61
CA ARG B 383 4.13 0.22 14.33
C ARG B 383 4.20 1.45 13.44
N ILE B 384 3.84 2.62 13.98
CA ILE B 384 4.04 3.88 13.26
C ILE B 384 5.51 4.12 12.99
N GLY B 385 6.34 4.03 14.02
CA GLY B 385 7.78 4.00 13.84
C GLY B 385 8.44 5.25 13.32
N LEU B 386 9.78 5.21 13.29
CA LEU B 386 10.61 6.22 12.66
C LEU B 386 11.49 5.53 11.63
N LYS B 387 11.88 6.27 10.58
CA LYS B 387 12.73 5.67 9.57
C LYS B 387 14.13 5.41 10.13
N TYR B 388 14.60 4.15 9.99
CA TYR B 388 15.87 3.75 10.58
C TYR B 388 16.99 4.73 10.25
N SER B 389 17.05 5.21 9.00
CA SER B 389 18.19 5.99 8.55
C SER B 389 17.97 7.51 8.59
N THR B 390 16.91 7.97 9.25
CA THR B 390 16.59 9.40 9.23
C THR B 390 17.66 10.22 9.94
N SER B 391 17.82 11.45 9.50
CA SER B 391 18.82 12.34 10.08
C SER B 391 18.22 13.33 11.07
N ASP B 392 16.92 13.26 11.35
CA ASP B 392 16.28 14.03 12.40
C ASP B 392 16.93 13.77 13.76
N VAL B 393 17.53 14.81 14.35
CA VAL B 393 18.40 14.58 15.50
C VAL B 393 17.59 14.20 16.74
N GLU B 394 16.33 14.62 16.83
CA GLU B 394 15.52 14.24 17.98
C GLU B 394 15.25 12.74 18.05
N THR B 395 15.48 11.99 16.98
CA THR B 395 15.24 10.55 16.99
C THR B 395 16.47 9.73 17.34
N ILE B 396 17.61 10.37 17.59
CA ILE B 396 18.83 9.61 17.90
C ILE B 396 18.63 8.61 19.04
N PRO B 397 17.98 8.94 20.15
CA PRO B 397 17.83 7.94 21.23
C PRO B 397 16.93 6.77 20.88
N TYR B 398 16.10 6.86 19.84
CA TYR B 398 15.01 5.91 19.65
C TYR B 398 15.37 4.83 18.62
N LEU B 399 16.48 4.13 18.86
CA LEU B 399 16.73 2.91 18.13
C LEU B 399 15.54 1.96 18.23
N VAL B 400 14.91 1.87 19.41
CA VAL B 400 13.77 1.00 19.66
C VAL B 400 12.63 1.23 18.68
N LEU B 401 12.60 2.39 18.04
CA LEU B 401 11.52 2.68 17.12
C LEU B 401 11.93 2.51 15.66
N LYS B 402 13.16 2.08 15.41
CA LYS B 402 13.75 2.08 14.08
C LYS B 402 14.21 0.68 13.69
N SER C 23 33.36 -25.21 9.24
CA SER C 23 33.00 -25.79 7.95
C SER C 23 31.75 -26.67 8.07
N ALA C 24 30.62 -26.17 7.56
CA ALA C 24 29.40 -26.97 7.58
C ALA C 24 29.64 -28.23 6.76
N PRO C 25 29.04 -29.36 7.18
CA PRO C 25 29.06 -30.54 6.32
C PRO C 25 28.38 -30.27 4.99
N LEU C 26 28.84 -30.99 3.97
CA LEU C 26 28.25 -30.93 2.65
C LEU C 26 26.76 -31.31 2.71
N GLY C 27 25.89 -30.44 2.19
CA GLY C 27 24.47 -30.68 2.24
C GLY C 27 23.59 -29.77 1.41
N PRO C 28 22.29 -30.00 1.48
CA PRO C 28 21.31 -29.28 0.62
C PRO C 28 20.82 -28.01 1.31
N PHE C 29 21.70 -27.03 1.38
CA PHE C 29 21.46 -25.81 2.10
C PHE C 29 22.57 -24.84 1.73
N ASN C 30 22.29 -23.56 1.89
CA ASN C 30 23.32 -22.56 1.69
C ASN C 30 24.32 -22.67 2.84
N ALA C 31 25.47 -23.28 2.58
CA ALA C 31 26.40 -23.57 3.67
C ALA C 31 26.97 -22.30 4.28
N THR C 32 27.12 -21.24 3.48
CA THR C 32 27.65 -19.98 4.00
C THR C 32 26.71 -19.39 5.03
N LEU C 33 25.42 -19.40 4.72
CA LEU C 33 24.46 -18.82 5.65
C LEU C 33 24.37 -19.63 6.95
N LEU C 34 24.35 -20.96 6.87
CA LEU C 34 24.27 -21.77 8.09
C LEU C 34 25.48 -21.56 8.99
N GLU C 35 26.70 -21.59 8.41
CA GLU C 35 27.91 -21.34 9.19
C GLU C 35 27.83 -19.98 9.87
N GLN C 36 27.50 -18.95 9.08
CA GLN C 36 27.38 -17.61 9.63
C GLN C 36 26.37 -17.56 10.77
N LEU C 37 25.23 -18.23 10.61
CA LEU C 37 24.25 -18.27 11.68
C LEU C 37 24.80 -18.98 12.91
N LYS C 38 25.52 -20.09 12.72
CA LYS C 38 26.04 -20.83 13.86
C LYS C 38 27.08 -20.00 14.61
N ASN C 39 27.98 -19.38 13.85
CA ASN C 39 28.97 -18.47 14.41
C ASN C 39 28.32 -17.36 15.23
N ASP C 40 27.45 -16.57 14.60
CA ASP C 40 26.84 -15.43 15.28
C ASP C 40 26.04 -15.88 16.51
N TYR C 41 25.34 -17.01 16.40
CA TYR C 41 24.60 -17.52 17.55
C TYR C 41 25.54 -17.89 18.68
N GLN C 42 26.66 -18.53 18.36
CA GLN C 42 27.61 -18.91 19.41
C GLN C 42 28.30 -17.69 20.01
N LYS C 43 28.62 -16.68 19.19
CA LYS C 43 29.15 -15.43 19.71
C LYS C 43 28.16 -14.70 20.62
N GLY C 44 26.87 -14.99 20.49
CA GLY C 44 25.84 -14.37 21.30
C GLY C 44 25.18 -13.17 20.69
N GLU C 45 25.44 -12.87 19.39
CA GLU C 45 24.79 -11.73 18.75
C GLU C 45 23.29 -11.80 18.96
N LYS C 46 22.71 -10.69 19.41
CA LYS C 46 21.33 -10.76 19.85
C LYS C 46 20.39 -10.94 18.67
N GLU C 47 20.64 -10.21 17.57
CA GLU C 47 19.78 -10.31 16.38
C GLU C 47 19.63 -11.76 15.93
N VAL C 48 20.74 -12.48 15.84
CA VAL C 48 20.68 -13.90 15.50
C VAL C 48 20.09 -14.69 16.66
N THR C 49 20.54 -14.42 17.89
CA THR C 49 19.97 -15.10 19.04
C THR C 49 18.46 -14.90 19.12
N ARG C 50 17.99 -13.67 18.88
CA ARG C 50 16.55 -13.47 18.83
C ARG C 50 15.94 -14.30 17.71
N TYR C 51 16.58 -14.30 16.54
CA TYR C 51 16.04 -15.05 15.41
C TYR C 51 15.98 -16.55 15.71
N ILE C 52 17.07 -17.12 16.22
CA ILE C 52 17.12 -18.55 16.51
C ILE C 52 16.12 -18.95 17.57
N GLU C 53 15.82 -18.06 18.52
CA GLU C 53 14.80 -18.38 19.51
C GLU C 53 13.43 -18.48 18.86
N LEU C 54 13.16 -17.64 17.85
CA LEU C 54 11.91 -17.78 17.09
C LEU C 54 11.85 -19.14 16.39
N GLN C 55 12.94 -19.53 15.71
CA GLN C 55 12.95 -20.84 15.05
C GLN C 55 12.72 -21.97 16.05
N GLU C 56 13.28 -21.84 17.25
CA GLU C 56 13.13 -22.89 18.25
C GLU C 56 11.67 -23.01 18.71
N LYS C 57 10.95 -21.88 18.81
CA LYS C 57 9.54 -21.98 19.16
C LYS C 57 8.76 -22.66 18.04
N VAL C 58 9.09 -22.30 16.78
CA VAL C 58 8.46 -22.92 15.62
C VAL C 58 8.78 -24.42 15.54
N ALA C 59 9.98 -24.81 15.99
CA ALA C 59 10.35 -26.22 15.91
C ALA C 59 9.62 -27.11 16.92
N GLU C 60 8.91 -26.54 17.92
CA GLU C 60 8.37 -27.38 18.98
C GLU C 60 7.28 -28.32 18.48
N LYS C 61 6.50 -27.91 17.47
CA LYS C 61 5.52 -28.85 16.92
C LYS C 61 6.21 -30.07 16.32
N TYR C 62 7.44 -29.89 15.82
CA TYR C 62 8.18 -30.98 15.24
C TYR C 62 8.74 -31.90 16.31
N ILE C 63 9.01 -31.37 17.50
CA ILE C 63 9.48 -32.23 18.59
C ILE C 63 8.34 -33.09 19.11
N LYS C 64 7.14 -32.53 19.20
CA LYS C 64 6.00 -33.32 19.66
C LYS C 64 5.43 -34.22 18.55
N MET C 65 5.66 -33.88 17.28
CA MET C 65 5.07 -34.61 16.16
C MET C 65 5.43 -36.10 16.17
N THR C 66 4.43 -36.94 15.88
CA THR C 66 4.67 -38.38 15.77
C THR C 66 5.39 -38.66 14.45
N PRO C 67 6.48 -39.44 14.45
CA PRO C 67 7.14 -39.79 13.19
C PRO C 67 6.19 -40.46 12.19
N LEU C 68 6.21 -39.98 10.94
CA LEU C 68 5.40 -40.47 9.84
C LEU C 68 6.08 -41.61 9.11
N SER C 69 5.27 -42.41 8.41
CA SER C 69 5.75 -43.57 7.67
C SER C 69 4.96 -43.70 6.38
N VAL C 70 5.63 -44.19 5.33
CA VAL C 70 4.92 -44.36 4.06
C VAL C 70 3.90 -45.47 4.18
N THR C 71 4.01 -46.30 5.21
CA THR C 71 3.11 -47.43 5.40
C THR C 71 1.73 -47.02 5.91
N ALA C 72 1.54 -45.76 6.31
CA ALA C 72 0.23 -45.35 6.81
C ALA C 72 -0.72 -45.08 5.64
N LYS C 73 -1.10 -46.17 4.96
CA LYS C 73 -1.97 -46.08 3.78
C LYS C 73 -2.93 -47.26 3.78
N LYS C 74 -4.14 -47.03 3.26
CA LYS C 74 -5.08 -48.14 3.19
C LYS C 74 -4.91 -48.91 1.88
N LYS C 75 -5.07 -48.25 0.73
CA LYS C 75 -4.93 -48.93 -0.55
C LYS C 75 -3.46 -49.06 -0.91
N LEU C 76 -3.02 -50.32 -1.18
CA LEU C 76 -1.64 -50.66 -1.40
C LEU C 76 -1.24 -50.49 -2.87
N PRO C 77 0.05 -50.38 -3.15
CA PRO C 77 0.53 -50.35 -4.54
C PRO C 77 0.45 -51.73 -5.18
N PRO C 78 0.63 -51.81 -6.50
CA PRO C 78 0.58 -53.12 -7.17
C PRO C 78 1.50 -54.17 -6.58
N SER C 79 2.60 -53.78 -5.93
CA SER C 79 3.47 -54.73 -5.25
C SER C 79 2.84 -55.31 -4.00
N LYS C 80 1.67 -54.80 -3.62
CA LYS C 80 1.03 -55.10 -2.33
C LYS C 80 1.95 -54.82 -1.14
N ASP C 81 2.92 -53.92 -1.28
CA ASP C 81 3.87 -53.61 -0.22
C ASP C 81 3.61 -52.21 0.30
N PRO C 82 3.22 -52.03 1.56
CA PRO C 82 2.96 -50.66 2.03
C PRO C 82 4.23 -49.83 2.17
N ARG C 83 5.41 -50.45 2.19
CA ARG C 83 6.66 -49.69 2.24
C ARG C 83 7.05 -49.11 0.88
N ASP C 84 6.25 -49.33 -0.17
CA ASP C 84 6.49 -48.73 -1.47
C ASP C 84 5.84 -47.36 -1.50
N TYR C 85 6.61 -46.35 -1.85
CA TYR C 85 6.04 -45.02 -2.03
C TYR C 85 5.12 -45.01 -3.24
N MET C 86 3.91 -44.45 -3.09
CA MET C 86 3.05 -44.35 -4.25
C MET C 86 2.21 -43.08 -4.18
N THR C 87 2.17 -42.34 -5.29
CA THR C 87 1.24 -41.23 -5.43
C THR C 87 0.62 -41.26 -6.81
N LEU C 88 -0.39 -40.43 -7.01
CA LEU C 88 -1.04 -40.24 -8.28
C LEU C 88 -0.45 -39.01 -8.97
N SER C 89 -0.18 -39.13 -10.27
CA SER C 89 0.35 -37.98 -10.99
C SER C 89 -0.70 -36.88 -10.98
N PRO C 90 -0.37 -35.67 -10.53
CA PRO C 90 -1.40 -34.70 -10.14
C PRO C 90 -2.25 -34.15 -11.28
N TYR C 91 -1.86 -34.28 -12.54
CA TYR C 91 -2.60 -33.68 -13.64
C TYR C 91 -3.46 -34.68 -14.40
N TRP C 92 -3.67 -35.87 -13.86
CA TRP C 92 -4.40 -36.95 -14.52
C TRP C 92 -5.74 -37.18 -13.82
N TRP C 93 -6.83 -37.09 -14.58
CA TRP C 93 -8.20 -37.12 -14.09
C TRP C 93 -8.97 -38.29 -14.68
N PRO C 94 -9.94 -38.84 -13.96
CA PRO C 94 -10.85 -39.81 -14.56
C PRO C 94 -11.51 -39.22 -15.80
N ASP C 95 -11.72 -40.08 -16.80
CA ASP C 95 -12.36 -39.71 -18.05
C ASP C 95 -13.86 -39.96 -17.89
N SER C 96 -14.65 -38.89 -17.83
CA SER C 96 -16.08 -39.04 -17.54
C SER C 96 -16.80 -39.77 -18.66
N THR C 97 -16.28 -39.66 -19.89
CA THR C 97 -16.90 -40.27 -21.07
C THR C 97 -16.66 -41.77 -21.15
N LYS C 98 -15.89 -42.33 -20.21
CA LYS C 98 -15.67 -43.76 -20.03
C LYS C 98 -16.41 -44.24 -18.78
N ILE C 99 -16.89 -45.49 -18.82
CA ILE C 99 -17.77 -45.99 -17.76
C ILE C 99 -17.01 -46.09 -16.43
N ASP C 100 -15.74 -46.49 -16.47
CA ASP C 100 -14.91 -46.62 -15.28
C ASP C 100 -13.94 -45.46 -15.11
N GLY C 101 -14.03 -44.45 -15.96
CA GLY C 101 -13.14 -43.32 -15.85
C GLY C 101 -11.78 -43.54 -16.46
N LEU C 102 -11.47 -44.77 -16.88
CA LEU C 102 -10.20 -45.26 -17.37
C LEU C 102 -10.15 -45.28 -18.89
N PRO C 103 -8.97 -44.98 -19.44
CA PRO C 103 -7.76 -44.53 -18.74
C PRO C 103 -7.85 -43.05 -18.38
N TYR C 104 -7.14 -42.60 -17.35
CA TYR C 104 -7.16 -41.18 -16.99
C TYR C 104 -6.64 -40.34 -18.15
N ILE C 105 -6.94 -39.06 -18.09
CA ILE C 105 -6.56 -38.11 -19.14
C ILE C 105 -5.92 -36.90 -18.48
N ARG C 106 -5.07 -36.21 -19.20
CA ARG C 106 -4.22 -35.19 -18.61
C ARG C 106 -4.82 -33.80 -18.81
N LYS C 107 -4.80 -33.00 -17.75
CA LYS C 107 -5.19 -31.59 -17.83
C LYS C 107 -4.06 -30.82 -17.18
N ASP C 108 -3.12 -30.35 -18.01
CA ASP C 108 -1.88 -29.77 -17.50
C ASP C 108 -2.18 -28.62 -16.57
N GLY C 109 -1.65 -28.69 -15.37
CA GLY C 109 -1.75 -27.60 -14.43
C GLY C 109 -2.91 -27.69 -13.46
N GLU C 110 -3.88 -28.57 -13.73
CA GLU C 110 -5.05 -28.69 -12.88
C GLU C 110 -4.89 -29.95 -12.02
N ARG C 111 -4.64 -29.73 -10.73
CA ARG C 111 -4.35 -30.80 -9.80
C ARG C 111 -5.63 -31.55 -9.42
N ASN C 112 -5.67 -32.83 -9.71
CA ASN C 112 -6.79 -33.67 -9.31
C ASN C 112 -6.74 -33.89 -7.81
N PRO C 113 -7.77 -33.50 -7.07
CA PRO C 113 -7.77 -33.72 -5.61
C PRO C 113 -7.61 -35.18 -5.21
N GLU C 114 -7.81 -36.14 -6.11
CA GLU C 114 -7.55 -37.54 -5.75
C GLU C 114 -6.12 -37.76 -5.26
N VAL C 115 -5.21 -36.84 -5.57
CA VAL C 115 -3.83 -37.02 -5.11
C VAL C 115 -3.79 -37.19 -3.59
N TYR C 116 -4.72 -36.56 -2.87
CA TYR C 116 -4.67 -36.54 -1.41
C TYR C 116 -5.14 -37.85 -0.76
N GLU C 117 -5.66 -38.80 -1.54
CA GLU C 117 -5.96 -40.12 -1.03
C GLU C 117 -4.69 -40.95 -0.88
N TYR C 118 -3.54 -40.40 -1.25
CA TYR C 118 -2.26 -41.08 -1.07
C TYR C 118 -1.54 -40.34 0.03
N PRO C 119 -1.53 -40.88 1.25
CA PRO C 119 -1.02 -40.11 2.40
C PRO C 119 0.41 -39.62 2.25
N GLU C 120 1.28 -40.38 1.54
CA GLU C 120 2.68 -39.98 1.48
C GLU C 120 2.89 -38.71 0.68
N ARG C 121 1.92 -38.28 -0.13
CA ARG C 121 2.10 -37.04 -0.86
C ARG C 121 2.37 -35.90 0.12
N GLU C 122 1.44 -35.69 1.05
CA GLU C 122 1.63 -34.68 2.07
C GLU C 122 2.55 -35.18 3.19
N ASN C 123 2.59 -36.48 3.45
CA ASN C 123 3.36 -36.92 4.60
C ASN C 123 4.85 -36.80 4.36
N ALA C 124 5.29 -37.00 3.12
CA ALA C 124 6.71 -36.80 2.84
C ALA C 124 7.06 -35.33 3.00
N ASN C 125 6.14 -34.47 2.61
CA ASN C 125 6.30 -33.04 2.84
C ASN C 125 6.37 -32.73 4.33
N ARG C 126 5.51 -33.35 5.14
CA ARG C 126 5.55 -33.07 6.57
C ARG C 126 6.82 -33.61 7.20
N PHE C 127 7.18 -34.84 6.87
CA PHE C 127 8.43 -35.43 7.35
C PHE C 127 9.65 -34.60 6.91
N GLY C 128 9.73 -34.26 5.63
CA GLY C 128 10.90 -33.54 5.14
C GLY C 128 11.07 -32.19 5.81
N ASP C 129 9.98 -31.43 5.96
CA ASP C 129 10.03 -30.19 6.72
C ASP C 129 10.53 -30.43 8.14
N ALA C 130 9.96 -31.42 8.83
CA ALA C 130 10.29 -31.67 10.23
C ALA C 130 11.77 -31.99 10.39
N ALA C 131 12.27 -32.93 9.57
CA ALA C 131 13.65 -33.38 9.76
C ALA C 131 14.64 -32.28 9.39
N TYR C 132 14.33 -31.52 8.34
CA TYR C 132 15.22 -30.44 7.93
C TYR C 132 15.34 -29.40 9.04
N CYS C 133 14.20 -28.90 9.54
CA CYS C 133 14.22 -27.89 10.60
C CYS C 133 14.98 -28.37 11.83
N LEU C 134 14.62 -29.53 12.35
CA LEU C 134 15.31 -30.06 13.52
C LEU C 134 16.81 -30.21 13.25
N GLY C 135 17.18 -30.73 12.07
CA GLY C 135 18.59 -30.90 11.76
C GLY C 135 19.35 -29.58 11.67
N VAL C 136 18.73 -28.57 11.04
CA VAL C 136 19.37 -27.25 10.98
C VAL C 136 19.48 -26.64 12.37
N LEU C 137 18.42 -26.76 13.19
CA LEU C 137 18.48 -26.21 14.53
C LEU C 137 19.56 -26.89 15.37
N TYR C 138 19.75 -28.20 15.20
CA TYR C 138 20.81 -28.87 15.94
C TYR C 138 22.18 -28.38 15.51
N TYR C 139 22.40 -28.20 14.20
CA TYR C 139 23.69 -27.72 13.76
C TYR C 139 23.98 -26.35 14.36
N ILE C 140 22.97 -25.48 14.38
CA ILE C 140 23.20 -24.12 14.86
C ILE C 140 23.40 -24.10 16.37
N THR C 141 22.51 -24.77 17.12
CA THR C 141 22.54 -24.66 18.57
C THR C 141 23.31 -25.77 19.27
N GLY C 142 23.51 -26.92 18.62
CA GLY C 142 24.17 -28.02 19.29
C GLY C 142 23.35 -28.65 20.38
N LYS C 143 22.08 -28.25 20.54
CA LYS C 143 21.22 -28.79 21.58
C LYS C 143 20.74 -30.18 21.20
N GLU C 144 21.07 -31.16 22.05
CA GLU C 144 20.75 -32.57 21.77
C GLU C 144 19.26 -32.83 21.55
N VAL C 145 18.36 -31.96 22.02
CA VAL C 145 16.94 -32.25 21.87
C VAL C 145 16.51 -32.20 20.40
N TYR C 146 17.23 -31.46 19.55
CA TYR C 146 16.86 -31.40 18.14
C TYR C 146 17.38 -32.63 17.38
N ALA C 147 18.60 -33.06 17.69
CA ALA C 147 19.14 -34.27 17.09
C ALA C 147 18.31 -35.50 17.48
N LYS C 148 17.85 -35.56 18.73
CA LYS C 148 17.07 -36.72 19.12
C LYS C 148 15.75 -36.76 18.36
N ALA C 149 15.10 -35.61 18.20
CA ALA C 149 13.82 -35.59 17.47
C ALA C 149 14.05 -35.89 16.00
N CYS C 150 15.05 -35.24 15.41
CA CYS C 150 15.38 -35.46 14.00
C CYS C 150 15.66 -36.93 13.73
N ALA C 151 16.45 -37.57 14.59
CA ALA C 151 16.77 -38.98 14.40
C ALA C 151 15.53 -39.87 14.44
N ASN C 152 14.59 -39.57 15.32
CA ASN C 152 13.35 -40.34 15.35
C ASN C 152 12.63 -40.27 14.00
N HIS C 153 12.57 -39.07 13.40
CA HIS C 153 11.93 -38.92 12.09
C HIS C 153 12.71 -39.64 11.00
N LEU C 154 14.05 -39.57 11.02
CA LEU C 154 14.88 -40.22 10.00
C LEU C 154 14.75 -41.75 10.06
N ARG C 155 14.90 -42.32 11.25
CA ARG C 155 14.73 -43.76 11.47
C ARG C 155 13.38 -44.25 10.98
N THR C 156 12.33 -43.53 11.34
CA THR C 156 11.00 -44.01 11.03
C THR C 156 10.72 -43.92 9.53
N TRP C 157 11.15 -42.83 8.89
CA TRP C 157 10.85 -42.67 7.47
C TRP C 157 11.73 -43.55 6.59
N PHE C 158 13.03 -43.66 6.92
CA PHE C 158 14.02 -44.24 6.01
C PHE C 158 14.38 -45.69 6.32
N THR C 159 14.89 -45.97 7.53
CA THR C 159 15.60 -47.21 7.77
C THR C 159 14.83 -48.25 8.56
N ASP C 160 13.73 -47.88 9.22
CA ASP C 160 13.02 -48.83 10.06
C ASP C 160 12.61 -50.11 9.30
N PRO C 161 12.84 -51.30 9.86
CA PRO C 161 12.58 -52.55 9.10
C PRO C 161 11.12 -52.82 8.80
N LYS C 162 10.18 -52.14 9.48
CA LYS C 162 8.77 -52.26 9.17
C LYS C 162 8.16 -50.97 8.66
N LEU C 163 8.62 -49.82 9.15
CA LEU C 163 8.02 -48.54 8.79
C LEU C 163 8.79 -47.76 7.73
N GLY C 164 10.06 -48.12 7.48
CA GLY C 164 10.86 -47.39 6.53
C GLY C 164 10.45 -47.66 5.09
N MET C 165 10.56 -46.61 4.26
CA MET C 165 10.18 -46.78 2.85
C MET C 165 11.21 -47.64 2.14
N ASN C 166 10.74 -48.45 1.21
CA ASN C 166 11.65 -49.15 0.33
C ASN C 166 12.45 -48.12 -0.48
N PRO C 167 13.75 -48.37 -0.73
CA PRO C 167 14.55 -47.42 -1.51
C PRO C 167 14.22 -47.44 -3.00
N ASN C 168 13.04 -46.97 -3.41
CA ASN C 168 12.68 -46.95 -4.84
C ASN C 168 11.56 -45.93 -5.01
N MET C 169 11.31 -45.56 -6.26
CA MET C 169 10.16 -44.71 -6.56
C MET C 169 9.37 -45.28 -7.73
N THR C 170 9.27 -46.61 -7.75
CA THR C 170 8.54 -47.31 -8.80
C THR C 170 7.12 -46.79 -8.96
N TYR C 171 6.38 -46.67 -7.84
CA TYR C 171 4.98 -46.31 -7.90
C TYR C 171 4.76 -44.84 -7.58
N ALA C 172 5.78 -44.01 -7.78
CA ALA C 172 5.59 -42.57 -7.67
C ALA C 172 4.83 -42.07 -8.89
N GLN C 173 3.93 -41.11 -8.66
CA GLN C 173 3.02 -40.55 -9.68
C GLN C 173 2.54 -41.56 -10.72
N ALA C 174 1.99 -42.68 -10.23
CA ALA C 174 1.29 -43.59 -11.12
C ALA C 174 0.05 -42.92 -11.71
N VAL C 175 -0.42 -43.46 -12.84
CA VAL C 175 -1.61 -42.98 -13.51
C VAL C 175 -2.52 -44.18 -13.80
N PRO C 176 -3.72 -44.25 -13.20
CA PRO C 176 -4.63 -45.38 -13.48
C PRO C 176 -4.93 -45.53 -14.97
N GLY C 177 -4.87 -46.77 -15.45
CA GLY C 177 -5.14 -47.04 -16.84
C GLY C 177 -3.94 -46.83 -17.75
N MET C 178 -2.87 -46.23 -17.28
CA MET C 178 -1.71 -46.13 -18.14
C MET C 178 -0.96 -47.44 -18.11
N LYS C 179 -0.55 -47.88 -19.30
CA LYS C 179 0.14 -49.13 -19.57
C LYS C 179 1.65 -49.05 -19.37
N LYS C 180 2.25 -47.96 -19.83
CA LYS C 180 3.68 -47.78 -19.79
C LYS C 180 4.14 -47.44 -18.37
N MET C 181 5.39 -47.76 -18.12
CA MET C 181 6.06 -47.43 -16.88
C MET C 181 6.78 -46.10 -17.04
N ARG C 182 6.53 -45.14 -16.12
CA ARG C 182 7.21 -43.85 -16.17
C ARG C 182 8.01 -43.55 -14.93
N GLY C 183 8.94 -42.62 -15.16
CA GLY C 183 9.81 -42.09 -14.14
C GLY C 183 9.53 -40.67 -13.72
N SER C 184 8.45 -40.06 -14.19
CA SER C 184 8.23 -38.65 -13.90
C SER C 184 7.94 -38.42 -12.42
N GLY C 185 7.48 -39.44 -11.72
CA GLY C 185 7.20 -39.32 -10.31
C GLY C 185 8.42 -39.21 -9.44
N PHE C 186 9.60 -39.53 -9.99
CA PHE C 186 10.83 -39.47 -9.22
C PHE C 186 11.02 -38.12 -8.55
N ILE C 187 10.49 -37.06 -9.17
CA ILE C 187 10.59 -35.71 -8.65
C ILE C 187 9.99 -35.59 -7.25
N ASP C 188 9.07 -36.49 -6.88
CA ASP C 188 8.57 -36.45 -5.51
C ASP C 188 9.71 -36.62 -4.52
N SER C 189 10.79 -37.28 -4.92
CA SER C 189 11.87 -37.59 -3.98
C SER C 189 12.44 -36.33 -3.34
N ARG C 190 12.30 -35.18 -4.00
CA ARG C 190 12.88 -33.95 -3.45
C ARG C 190 12.31 -33.61 -2.08
N ARG C 191 11.13 -34.13 -1.74
CA ARG C 191 10.54 -33.83 -0.44
C ARG C 191 11.30 -34.52 0.71
N PHE C 192 11.78 -35.75 0.50
CA PHE C 192 12.56 -36.42 1.54
C PHE C 192 14.06 -36.46 1.27
N SER C 193 14.53 -36.07 0.08
CA SER C 193 15.96 -36.16 -0.18
C SER C 193 16.75 -35.06 0.53
N ARG C 194 16.13 -33.89 0.78
CA ARG C 194 16.79 -32.87 1.60
C ARG C 194 16.90 -33.33 3.05
N ALA C 195 15.90 -34.06 3.55
CA ALA C 195 16.05 -34.59 4.91
C ALA C 195 17.16 -35.62 4.95
N LEU C 196 17.31 -36.41 3.88
CA LEU C 196 18.44 -37.31 3.79
C LEU C 196 19.76 -36.55 3.96
N GLY C 197 19.90 -35.42 3.25
CA GLY C 197 21.14 -34.64 3.34
C GLY C 197 21.35 -34.03 4.72
N VAL C 198 20.26 -33.60 5.36
CA VAL C 198 20.39 -32.96 6.66
C VAL C 198 20.81 -33.96 7.73
N ALA C 199 20.65 -35.27 7.46
CA ALA C 199 21.09 -36.25 8.47
C ALA C 199 22.57 -36.09 8.79
N LYS C 200 23.39 -35.61 7.83
CA LYS C 200 24.81 -35.39 8.09
C LYS C 200 25.02 -34.44 9.27
N LEU C 201 24.12 -33.44 9.43
CA LEU C 201 24.26 -32.43 10.47
C LEU C 201 24.12 -33.02 11.87
N ILE C 202 23.35 -34.09 12.06
CA ILE C 202 23.19 -34.63 13.40
C ILE C 202 24.21 -35.73 13.68
N GLU C 203 25.06 -36.05 12.71
CA GLU C 203 26.15 -37.00 12.92
C GLU C 203 27.09 -36.47 13.99
N GLY C 204 27.42 -37.32 14.95
CA GLY C 204 28.21 -36.90 16.09
C GLY C 204 27.41 -36.56 17.33
N SER C 205 26.11 -36.32 17.17
CA SER C 205 25.22 -36.19 18.31
C SER C 205 25.12 -37.52 19.05
N LYS C 206 24.61 -37.45 20.27
CA LYS C 206 24.40 -38.68 21.05
C LYS C 206 23.25 -39.51 20.52
N SER C 207 22.25 -38.88 19.86
CA SER C 207 21.06 -39.61 19.43
C SER C 207 21.25 -40.36 18.12
N TRP C 208 22.09 -39.88 17.21
CA TRP C 208 22.33 -40.53 15.92
C TRP C 208 23.53 -41.46 16.07
N THR C 209 23.26 -42.73 16.35
CA THR C 209 24.35 -43.64 16.68
C THR C 209 25.08 -44.11 15.43
N PRO C 210 26.29 -44.66 15.57
CA PRO C 210 26.98 -45.24 14.41
C PRO C 210 26.12 -46.23 13.66
N SER C 211 25.30 -46.98 14.39
CA SER C 211 24.36 -47.92 13.79
C SER C 211 23.28 -47.18 13.01
N ASP C 212 22.75 -46.08 13.55
CA ASP C 212 21.83 -45.25 12.79
C ASP C 212 22.45 -44.80 11.47
N LYS C 213 23.70 -44.34 11.52
CA LYS C 213 24.36 -43.85 10.32
C LYS C 213 24.59 -44.95 9.30
N LYS C 214 25.02 -46.14 9.76
CA LYS C 214 25.26 -47.26 8.86
C LYS C 214 24.00 -47.67 8.13
N LYS C 215 22.89 -47.81 8.86
CA LYS C 215 21.65 -48.19 8.19
C LYS C 215 21.26 -47.15 7.15
N LEU C 216 21.37 -45.86 7.51
CA LEU C 216 20.96 -44.80 6.59
C LEU C 216 21.90 -44.72 5.39
N ASP C 217 23.18 -44.96 5.61
CA ASP C 217 24.11 -45.05 4.48
C ASP C 217 23.67 -46.14 3.52
N ASP C 218 23.38 -47.35 4.06
CA ASP C 218 23.03 -48.47 3.19
C ASP C 218 21.75 -48.19 2.43
N TRP C 219 20.75 -47.59 3.08
CA TRP C 219 19.54 -47.22 2.38
C TRP C 219 19.85 -46.22 1.27
N ALA C 220 20.65 -45.20 1.58
CA ALA C 220 20.96 -44.18 0.58
C ALA C 220 21.73 -44.81 -0.58
N THR C 221 22.67 -45.70 -0.27
CA THR C 221 23.36 -46.43 -1.34
C THR C 221 22.37 -47.17 -2.23
N ALA C 222 21.39 -47.84 -1.61
CA ALA C 222 20.39 -48.60 -2.36
C ALA C 222 19.50 -47.68 -3.18
N PHE C 223 19.18 -46.52 -2.64
CA PHE C 223 18.37 -45.57 -3.40
C PHE C 223 19.17 -45.02 -4.57
N CYS C 224 20.46 -44.77 -4.36
CA CYS C 224 21.31 -44.31 -5.45
C CYS C 224 21.40 -45.35 -6.56
N TYR C 225 21.56 -46.63 -6.21
CA TYR C 225 21.59 -47.65 -7.24
C TYR C 225 20.26 -47.65 -7.98
N TRP C 226 19.15 -47.59 -7.25
CA TRP C 226 17.85 -47.59 -7.92
C TRP C 226 17.73 -46.39 -8.88
N MET C 227 18.17 -45.19 -8.45
CA MET C 227 18.08 -43.99 -9.29
C MET C 227 18.85 -44.15 -10.57
N GLU C 228 19.97 -44.88 -10.52
CA GLU C 228 20.92 -44.95 -11.62
C GLU C 228 20.67 -46.10 -12.59
N ASN C 229 20.01 -47.16 -12.16
CA ASN C 229 19.94 -48.40 -12.91
C ASN C 229 18.53 -48.83 -13.25
N SER C 230 17.52 -48.38 -12.50
CA SER C 230 16.16 -48.74 -12.85
C SER C 230 15.80 -48.04 -14.16
N THR C 231 14.90 -48.66 -14.92
CA THR C 231 14.43 -48.02 -16.16
C THR C 231 13.83 -46.65 -15.86
N GLN C 232 13.07 -46.53 -14.78
CA GLN C 232 12.47 -45.24 -14.47
C GLN C 232 13.53 -44.20 -14.14
N GLY C 233 14.56 -44.58 -13.38
CA GLY C 233 15.65 -43.67 -13.08
C GLY C 233 16.45 -43.24 -14.31
N GLN C 234 16.79 -44.20 -15.19
CA GLN C 234 17.49 -43.90 -16.43
C GLN C 234 16.69 -42.94 -17.28
N ARG C 235 15.42 -43.27 -17.55
CA ARG C 235 14.56 -42.35 -18.29
C ARG C 235 14.60 -40.97 -17.67
N GLU C 236 14.33 -40.89 -16.36
CA GLU C 236 14.24 -39.59 -15.72
C GLU C 236 15.59 -38.88 -15.77
N SER C 237 16.68 -39.62 -15.71
CA SER C 237 17.99 -39.00 -15.82
C SER C 237 18.22 -38.39 -17.20
N HIS C 238 17.40 -38.77 -18.18
CA HIS C 238 17.54 -38.28 -19.54
C HIS C 238 16.57 -37.18 -19.86
N ALA C 239 15.67 -36.85 -18.93
CA ALA C 239 14.59 -35.91 -19.21
C ALA C 239 15.15 -34.55 -19.59
N ALA C 240 14.49 -33.91 -20.56
CA ALA C 240 14.99 -32.69 -21.17
C ALA C 240 14.39 -31.41 -20.59
N ASN C 241 13.62 -31.51 -19.51
CA ASN C 241 12.97 -30.34 -18.93
C ASN C 241 13.36 -30.29 -17.45
N ASN C 242 12.56 -29.58 -16.65
CA ASN C 242 12.89 -29.45 -15.23
C ASN C 242 12.91 -30.80 -14.51
N HIS C 243 12.35 -31.87 -15.10
CA HIS C 243 12.48 -33.20 -14.51
C HIS C 243 13.93 -33.66 -14.47
N GLY C 244 14.67 -33.41 -15.56
CA GLY C 244 16.08 -33.75 -15.56
C GLY C 244 16.88 -32.92 -14.57
N LEU C 245 16.60 -31.62 -14.49
CA LEU C 245 17.30 -30.79 -13.54
C LEU C 245 17.02 -31.27 -12.11
N TRP C 246 15.74 -31.48 -11.77
CA TRP C 246 15.41 -31.95 -10.42
C TRP C 246 15.97 -33.34 -10.16
N TYR C 247 15.99 -34.19 -11.19
CA TYR C 247 16.60 -35.49 -11.02
C TYR C 247 18.04 -35.33 -10.56
N GLU C 248 18.79 -34.44 -11.21
CA GLU C 248 20.19 -34.30 -10.85
C GLU C 248 20.35 -33.59 -9.52
N ALA C 249 19.52 -32.59 -9.24
CA ALA C 249 19.56 -31.99 -7.90
C ALA C 249 19.36 -33.05 -6.82
N ILE C 250 18.38 -33.96 -7.00
CA ILE C 250 18.21 -35.04 -6.04
C ILE C 250 19.44 -35.95 -6.03
N HIS C 251 19.96 -36.27 -7.21
CA HIS C 251 21.14 -37.12 -7.31
C HIS C 251 22.28 -36.56 -6.47
N LEU C 252 22.51 -35.26 -6.58
CA LEU C 252 23.56 -34.61 -5.80
C LEU C 252 23.31 -34.69 -4.29
N MET C 253 22.05 -34.55 -3.84
CA MET C 253 21.76 -34.67 -2.41
C MET C 253 22.07 -36.07 -1.90
N VAL C 254 21.75 -37.09 -2.68
CA VAL C 254 22.12 -38.45 -2.28
C VAL C 254 23.62 -38.59 -2.26
N LEU C 255 24.30 -38.13 -3.33
CA LEU C 255 25.75 -38.29 -3.43
C LEU C 255 26.46 -37.46 -2.37
N ALA C 256 25.98 -36.25 -2.11
CA ALA C 256 26.60 -35.44 -1.06
C ALA C 256 26.43 -36.11 0.30
N TYR C 257 25.26 -36.70 0.56
CA TYR C 257 25.10 -37.43 1.81
C TYR C 257 26.12 -38.55 1.93
N LEU C 258 26.41 -39.24 0.83
CA LEU C 258 27.36 -40.35 0.80
C LEU C 258 28.81 -39.92 0.61
N ASP C 259 29.12 -38.62 0.62
CA ASP C 259 30.48 -38.14 0.41
C ASP C 259 30.98 -38.49 -1.00
N ARG C 260 30.14 -38.70 -2.01
CA ARG C 260 30.75 -38.99 -3.31
C ARG C 260 31.02 -37.67 -4.04
N THR C 261 32.10 -36.99 -3.62
CA THR C 261 32.47 -35.72 -4.24
C THR C 261 32.97 -35.93 -5.66
N ASP C 262 33.63 -37.06 -5.90
CA ASP C 262 34.03 -37.42 -7.25
C ASP C 262 32.82 -37.48 -8.18
N ARG C 263 31.72 -38.09 -7.72
CA ARG C 263 30.52 -38.20 -8.55
C ARG C 263 29.80 -36.86 -8.67
N ILE C 264 29.77 -36.08 -7.59
CA ILE C 264 29.18 -34.73 -7.66
C ILE C 264 29.81 -33.92 -8.79
N ARG C 265 31.14 -33.97 -8.91
CA ARG C 265 31.81 -33.25 -9.98
C ARG C 265 31.37 -33.77 -11.34
N GLU C 266 31.38 -35.10 -11.49
CA GLU C 266 31.00 -35.67 -12.79
C GLU C 266 29.56 -35.33 -13.14
N VAL C 267 28.64 -35.41 -12.18
CA VAL C 267 27.26 -35.10 -12.52
C VAL C 267 27.13 -33.63 -12.88
N ALA C 268 27.79 -32.73 -12.12
CA ALA C 268 27.75 -31.31 -12.48
C ALA C 268 28.31 -31.09 -13.88
N GLU C 269 29.46 -31.69 -14.18
CA GLU C 269 30.19 -31.40 -15.41
C GLU C 269 29.62 -32.13 -16.62
N GLN C 270 29.16 -33.36 -16.45
CA GLN C 270 28.72 -34.20 -17.57
C GLN C 270 27.21 -34.28 -17.73
N SER C 271 26.43 -33.88 -16.72
CA SER C 271 24.99 -34.02 -16.84
C SER C 271 24.21 -32.73 -16.60
N ILE C 272 24.40 -32.06 -15.45
CA ILE C 272 23.57 -30.89 -15.15
C ILE C 272 23.82 -29.78 -16.16
N LEU C 273 25.09 -29.42 -16.35
CA LEU C 273 25.40 -28.29 -17.23
C LEU C 273 24.98 -28.57 -18.67
N PRO C 274 25.26 -29.73 -19.27
CA PRO C 274 24.68 -30.02 -20.59
C PRO C 274 23.16 -29.87 -20.63
N LYS C 275 22.45 -30.35 -19.60
CA LYS C 275 20.99 -30.25 -19.57
C LYS C 275 20.54 -28.80 -19.51
N MET C 276 21.14 -28.00 -18.62
CA MET C 276 20.80 -26.59 -18.55
C MET C 276 21.09 -25.88 -19.87
N GLY C 277 22.24 -26.13 -20.48
CA GLY C 277 22.54 -25.52 -21.74
C GLY C 277 21.59 -25.93 -22.83
N ALA C 278 21.07 -27.16 -22.75
CA ALA C 278 20.16 -27.62 -23.80
C ALA C 278 18.78 -27.01 -23.63
N GLN C 279 18.46 -26.50 -22.46
CA GLN C 279 17.13 -25.96 -22.18
C GLN C 279 17.07 -24.44 -22.30
N ILE C 280 18.20 -23.75 -22.32
CA ILE C 280 18.19 -22.29 -22.45
C ILE C 280 18.28 -21.90 -23.91
N ALA C 281 17.31 -21.11 -24.39
CA ALA C 281 17.28 -20.63 -25.75
C ALA C 281 18.01 -19.27 -25.81
N ASP C 282 18.17 -18.73 -27.02
CA ASP C 282 19.05 -17.58 -27.20
C ASP C 282 18.60 -16.36 -26.42
N ASP C 283 17.30 -16.22 -26.18
CA ASP C 283 16.87 -15.07 -25.38
C ASP C 283 17.00 -15.28 -23.88
N GLY C 284 17.34 -16.51 -23.42
CA GLY C 284 17.36 -16.84 -22.01
C GLY C 284 16.08 -17.50 -21.52
N SER C 285 15.05 -17.59 -22.35
CA SER C 285 13.84 -18.30 -22.00
C SER C 285 14.11 -19.82 -21.98
N LEU C 286 13.19 -20.54 -21.33
CA LEU C 286 13.21 -22.01 -21.24
C LEU C 286 12.04 -22.55 -22.06
N PRO C 287 12.27 -22.90 -23.33
CA PRO C 287 11.15 -23.32 -24.21
C PRO C 287 10.33 -24.49 -23.68
N GLN C 288 10.96 -25.44 -22.98
CA GLN C 288 10.21 -26.58 -22.47
C GLN C 288 9.17 -26.15 -21.45
N GLU C 289 9.49 -25.15 -20.61
CA GLU C 289 8.53 -24.67 -19.62
C GLU C 289 7.53 -23.67 -20.19
N LEU C 290 7.89 -22.96 -21.27
CA LEU C 290 6.99 -21.96 -21.83
C LEU C 290 5.70 -22.59 -22.36
N LYS C 291 5.72 -23.86 -22.75
CA LYS C 291 4.56 -24.54 -23.31
C LYS C 291 3.65 -25.16 -22.25
N ARG C 292 3.92 -24.95 -20.96
CA ARG C 292 3.05 -25.44 -19.91
C ARG C 292 2.01 -24.39 -19.54
N THR C 293 0.88 -24.86 -18.98
CA THR C 293 -0.17 -23.93 -18.55
C THR C 293 0.25 -23.12 -17.31
N LEU C 294 1.34 -23.51 -16.65
CA LEU C 294 1.89 -22.79 -15.50
C LEU C 294 3.34 -22.39 -15.81
N SER C 295 3.51 -21.57 -16.86
CA SER C 295 4.80 -21.37 -17.52
C SER C 295 5.78 -20.50 -16.70
N LEU C 296 5.29 -19.52 -15.94
CA LEU C 296 6.20 -18.76 -15.09
C LEU C 296 6.53 -19.52 -13.81
N HIS C 297 5.58 -20.33 -13.33
CA HIS C 297 5.89 -21.21 -12.22
C HIS C 297 6.94 -22.24 -12.61
N TYR C 298 6.79 -22.83 -13.80
CA TYR C 298 7.69 -23.90 -14.19
C TYR C 298 9.04 -23.39 -14.66
N SER C 299 9.11 -22.17 -15.21
CA SER C 299 10.42 -21.58 -15.44
C SER C 299 11.15 -21.39 -14.13
N THR C 300 10.46 -20.86 -13.12
CA THR C 300 11.05 -20.72 -11.79
C THR C 300 11.40 -22.08 -11.20
N PHE C 301 10.58 -23.09 -11.47
CA PHE C 301 10.83 -24.41 -10.90
C PHE C 301 12.07 -25.06 -11.49
N ALA C 302 12.34 -24.85 -12.79
CA ALA C 302 13.57 -25.33 -13.37
C ALA C 302 14.78 -24.72 -12.65
N LEU C 303 14.76 -23.40 -12.47
CA LEU C 303 15.88 -22.71 -11.83
C LEU C 303 16.01 -23.09 -10.35
N GLU C 304 14.92 -23.48 -9.68
CA GLU C 304 15.03 -23.93 -8.31
C GLU C 304 15.79 -25.26 -8.21
N ALA C 305 15.61 -26.14 -9.20
CA ALA C 305 16.43 -27.35 -9.23
C ALA C 305 17.91 -26.99 -9.32
N LEU C 306 18.25 -26.11 -10.27
CA LEU C 306 19.65 -25.74 -10.46
C LEU C 306 20.19 -25.01 -9.24
N MET C 307 19.37 -24.11 -8.66
CA MET C 307 19.75 -23.45 -7.42
C MET C 307 20.06 -24.46 -6.33
N GLU C 308 19.22 -25.48 -6.18
CA GLU C 308 19.46 -26.44 -5.10
C GLU C 308 20.63 -27.35 -5.41
N ALA C 309 20.86 -27.66 -6.70
CA ALA C 309 22.08 -28.40 -7.03
C ALA C 309 23.33 -27.56 -6.77
N ASN C 310 23.30 -26.28 -7.18
CA ASN C 310 24.47 -25.42 -7.00
C ASN C 310 24.82 -25.25 -5.54
N GLN C 311 23.85 -25.29 -4.63
CA GLN C 311 24.20 -25.20 -3.22
C GLN C 311 25.15 -26.31 -2.84
N ILE C 312 25.04 -27.47 -3.51
CA ILE C 312 25.95 -28.58 -3.24
C ILE C 312 27.24 -28.46 -4.05
N THR C 313 27.14 -28.21 -5.36
CA THR C 313 28.36 -28.12 -6.18
C THR C 313 29.25 -26.97 -5.73
N SER C 314 28.66 -25.84 -5.34
CA SER C 314 29.50 -24.71 -4.95
C SER C 314 30.28 -25.00 -3.67
N GLN C 315 29.80 -25.91 -2.82
CA GLN C 315 30.59 -26.32 -1.66
C GLN C 315 31.82 -27.12 -2.06
N ILE C 316 31.93 -27.58 -3.30
CA ILE C 316 33.18 -28.19 -3.76
C ILE C 316 33.81 -27.39 -4.91
N GLY C 317 33.40 -26.14 -5.08
CA GLY C 317 34.04 -25.20 -5.98
C GLY C 317 33.50 -25.11 -7.40
N ILE C 318 32.31 -25.66 -7.68
CA ILE C 318 31.70 -25.56 -9.00
C ILE C 318 30.47 -24.66 -8.90
N ASN C 319 30.50 -23.54 -9.62
CA ASN C 319 29.42 -22.56 -9.58
C ASN C 319 28.55 -22.76 -10.82
N LEU C 320 27.36 -23.32 -10.63
CA LEU C 320 26.50 -23.63 -11.77
C LEU C 320 25.81 -22.38 -12.32
N TRP C 321 25.76 -21.29 -11.54
CA TRP C 321 25.16 -20.06 -12.04
C TRP C 321 26.05 -19.39 -13.08
N SER C 322 27.40 -19.45 -12.90
CA SER C 322 28.35 -18.78 -13.78
C SER C 322 29.17 -19.69 -14.70
N THR C 323 29.10 -21.03 -14.54
CA THR C 323 29.85 -21.95 -15.41
C THR C 323 29.12 -22.26 -16.72
N PRO C 324 29.65 -21.84 -17.86
CA PRO C 324 28.96 -22.11 -19.12
C PRO C 324 29.05 -23.58 -19.50
N ALA C 325 28.00 -24.04 -20.16
CA ALA C 325 27.95 -25.35 -20.80
C ALA C 325 28.75 -25.36 -22.09
N SER C 326 28.87 -26.56 -22.67
CA SER C 326 29.64 -26.73 -23.89
C SER C 326 29.08 -25.93 -25.05
N ASN C 327 27.77 -25.66 -25.05
CA ASN C 327 27.22 -24.88 -26.15
C ASN C 327 27.24 -23.39 -25.88
N GLY C 328 27.86 -22.94 -24.80
CA GLY C 328 27.91 -21.53 -24.50
C GLY C 328 26.78 -21.01 -23.64
N LYS C 329 25.69 -21.77 -23.49
CA LYS C 329 24.61 -21.30 -22.63
C LYS C 329 25.06 -21.34 -21.17
N VAL C 330 24.67 -20.33 -20.42
CA VAL C 330 25.04 -20.21 -19.02
C VAL C 330 23.76 -19.86 -18.26
N ALA C 331 23.61 -20.40 -17.04
CA ALA C 331 22.32 -20.30 -16.36
C ALA C 331 21.91 -18.86 -16.06
N SER C 332 22.88 -17.95 -15.91
CA SER C 332 22.53 -16.55 -15.69
C SER C 332 21.65 -15.99 -16.81
N GLN C 333 21.79 -16.50 -18.03
CA GLN C 333 20.93 -16.06 -19.13
C GLN C 333 19.47 -16.35 -18.85
N ALA C 334 19.17 -17.46 -18.15
CA ALA C 334 17.80 -17.78 -17.79
C ALA C 334 17.29 -16.89 -16.67
N VAL C 335 18.16 -16.51 -15.72
CA VAL C 335 17.75 -15.54 -14.72
C VAL C 335 17.51 -14.18 -15.35
N ASP C 336 18.38 -13.76 -16.27
CA ASP C 336 18.22 -12.48 -16.92
C ASP C 336 16.86 -12.38 -17.59
N TYR C 337 16.47 -13.43 -18.32
CA TYR C 337 15.21 -13.42 -19.03
C TYR C 337 14.01 -13.24 -18.09
N LEU C 338 14.04 -13.91 -16.93
CA LEU C 338 12.93 -13.92 -15.97
C LEU C 338 12.98 -12.78 -14.97
N TYR C 339 14.08 -12.05 -14.85
CA TYR C 339 14.13 -10.99 -13.85
C TYR C 339 13.05 -9.92 -14.01
N PRO C 340 12.78 -9.37 -15.22
CA PRO C 340 11.72 -8.36 -15.32
C PRO C 340 10.37 -8.89 -14.88
N PHE C 341 10.08 -10.14 -15.26
CA PHE C 341 8.83 -10.75 -14.86
C PHE C 341 8.79 -11.12 -13.39
N TYR C 342 9.93 -11.13 -12.69
CA TYR C 342 9.83 -11.24 -11.24
C TYR C 342 9.52 -9.88 -10.62
N LEU C 343 10.01 -8.80 -11.24
CA LEU C 343 9.61 -7.47 -10.79
C LEU C 343 8.12 -7.24 -11.01
N ASN C 344 7.60 -7.67 -12.15
CA ASN C 344 6.23 -7.39 -12.56
C ASN C 344 5.65 -8.65 -13.17
N PRO C 345 5.24 -9.60 -12.33
CA PRO C 345 4.69 -10.86 -12.85
C PRO C 345 3.54 -10.68 -13.82
N GLU C 346 2.78 -9.58 -13.73
CA GLU C 346 1.65 -9.42 -14.65
C GLU C 346 2.12 -9.30 -16.10
N ASP C 347 3.39 -8.89 -16.32
CA ASP C 347 3.93 -8.75 -17.67
C ASP C 347 4.19 -10.09 -18.35
N TRP C 348 4.18 -11.20 -17.60
CA TRP C 348 4.39 -12.52 -18.18
C TRP C 348 3.36 -12.81 -19.25
N LYS C 349 3.82 -13.12 -20.45
CA LYS C 349 2.90 -13.30 -21.54
C LYS C 349 2.52 -14.76 -21.75
N PHE C 350 3.13 -15.70 -21.04
CA PHE C 350 2.76 -17.05 -21.37
C PHE C 350 1.73 -17.59 -20.39
N LYS C 351 1.18 -18.74 -20.76
CA LYS C 351 -0.01 -19.26 -20.10
C LYS C 351 0.30 -19.53 -18.64
N GLN C 352 -0.48 -18.93 -17.74
CA GLN C 352 -0.22 -19.08 -16.32
C GLN C 352 -1.58 -19.04 -15.62
N ILE C 353 -2.22 -20.21 -15.55
CA ILE C 353 -3.63 -20.36 -15.17
C ILE C 353 -3.84 -20.33 -13.65
N LYS C 354 -2.78 -20.07 -12.89
CA LYS C 354 -2.90 -19.88 -11.45
C LYS C 354 -1.96 -18.74 -11.07
N PRO C 355 -2.24 -18.02 -9.99
CA PRO C 355 -1.39 -16.88 -9.63
C PRO C 355 0.02 -17.33 -9.26
N PHE C 356 1.02 -16.54 -9.71
CA PHE C 356 2.41 -16.84 -9.42
C PHE C 356 2.85 -16.22 -8.10
N ASP C 357 3.43 -17.06 -7.25
CA ASP C 357 3.89 -16.69 -5.91
C ASP C 357 5.19 -15.91 -6.07
N GLN C 358 5.10 -14.59 -5.98
CA GLN C 358 6.28 -13.73 -6.17
C GLN C 358 7.37 -13.99 -5.14
N SER C 359 7.02 -14.48 -3.95
CA SER C 359 8.06 -14.66 -2.95
C SER C 359 9.06 -15.72 -3.38
N ARG C 360 8.66 -16.64 -4.26
CA ARG C 360 9.56 -17.72 -4.69
C ARG C 360 10.82 -17.14 -5.34
N ALA C 361 10.69 -15.93 -5.89
CA ALA C 361 11.81 -15.20 -6.48
C ALA C 361 12.80 -14.68 -5.44
N ALA C 362 12.40 -14.55 -4.17
CA ALA C 362 13.27 -13.94 -3.17
C ALA C 362 14.53 -14.77 -2.96
N ILE C 363 14.37 -16.04 -2.56
CA ILE C 363 15.52 -16.91 -2.35
C ILE C 363 16.28 -17.16 -3.64
N LEU C 364 15.56 -17.39 -4.74
CA LEU C 364 16.22 -17.66 -6.01
C LEU C 364 17.15 -16.52 -6.42
N LEU C 365 16.65 -15.28 -6.38
CA LEU C 365 17.47 -14.14 -6.80
C LEU C 365 18.58 -13.89 -5.81
N TYR C 366 18.39 -14.21 -4.54
CA TYR C 366 19.51 -14.08 -3.63
C TYR C 366 20.60 -15.08 -3.98
N GLU C 367 20.21 -16.34 -4.21
CA GLU C 367 21.18 -17.39 -4.51
C GLU C 367 21.99 -17.07 -5.76
N ALA C 368 21.29 -16.84 -6.88
CA ALA C 368 21.93 -16.49 -8.13
C ALA C 368 22.61 -15.12 -8.06
N GLY C 369 22.05 -14.19 -7.29
CA GLY C 369 22.71 -12.90 -7.14
C GLY C 369 24.07 -13.03 -6.48
N THR C 370 24.11 -13.73 -5.34
CA THR C 370 25.38 -13.90 -4.64
C THR C 370 26.35 -14.75 -5.46
N ALA C 371 25.86 -15.78 -6.13
CA ALA C 371 26.74 -16.61 -6.97
C ALA C 371 27.37 -15.78 -8.10
N LEU C 372 26.62 -14.83 -8.64
CA LEU C 372 27.03 -14.04 -9.79
C LEU C 372 27.61 -12.68 -9.41
N GLY C 373 27.64 -12.35 -8.11
CA GLY C 373 28.02 -11.02 -7.70
C GLY C 373 27.11 -9.91 -8.20
N ASN C 374 25.86 -10.20 -8.50
CA ASN C 374 24.95 -9.23 -9.10
C ASN C 374 24.17 -8.53 -7.99
N GLN C 375 24.52 -7.27 -7.71
CA GLN C 375 23.91 -6.55 -6.60
C GLN C 375 22.46 -6.20 -6.89
N LYS C 376 22.12 -5.97 -8.17
CA LYS C 376 20.71 -5.74 -8.53
C LYS C 376 19.86 -6.92 -8.08
N TYR C 377 20.33 -8.14 -8.40
CA TYR C 377 19.60 -9.34 -8.01
C TYR C 377 19.54 -9.47 -6.49
N VAL C 378 20.67 -9.24 -5.81
CA VAL C 378 20.64 -9.36 -4.36
C VAL C 378 19.73 -8.31 -3.76
N ASP C 379 19.74 -7.09 -4.33
CA ASP C 379 18.93 -5.99 -3.81
C ASP C 379 17.43 -6.29 -3.96
N THR C 380 17.02 -6.72 -5.16
CA THR C 380 15.63 -7.08 -5.41
C THR C 380 15.19 -8.24 -4.52
N ALA C 381 16.08 -9.21 -4.31
CA ALA C 381 15.77 -10.31 -3.40
C ALA C 381 15.38 -9.77 -2.03
N LYS C 382 16.19 -8.85 -1.50
CA LYS C 382 15.89 -8.29 -0.18
C LYS C 382 14.65 -7.41 -0.23
N ARG C 383 14.45 -6.67 -1.32
CA ARG C 383 13.26 -5.82 -1.43
C ARG C 383 11.99 -6.67 -1.35
N ILE C 384 11.91 -7.73 -2.16
CA ILE C 384 10.78 -8.66 -2.08
C ILE C 384 10.74 -9.33 -0.71
N GLY C 385 11.88 -9.85 -0.26
CA GLY C 385 12.03 -10.31 1.11
C GLY C 385 11.18 -11.50 1.48
N LEU C 386 11.43 -12.04 2.67
CA LEU C 386 10.60 -13.09 3.26
C LEU C 386 10.14 -12.61 4.62
N LYS C 387 8.99 -13.12 5.07
CA LYS C 387 8.45 -12.62 6.32
C LYS C 387 9.34 -13.04 7.48
N TYR C 388 9.73 -12.06 8.30
CA TYR C 388 10.63 -12.33 9.42
C TYR C 388 10.18 -13.53 10.22
N SER C 389 8.87 -13.63 10.48
CA SER C 389 8.31 -14.58 11.43
C SER C 389 7.74 -15.84 10.77
N THR C 390 8.02 -16.07 9.50
CA THR C 390 7.45 -17.24 8.82
C THR C 390 8.00 -18.55 9.37
N SER C 391 7.19 -19.60 9.29
CA SER C 391 7.56 -20.93 9.75
C SER C 391 7.95 -21.87 8.62
N ASP C 392 7.97 -21.38 7.38
CA ASP C 392 8.46 -22.11 6.22
C ASP C 392 9.91 -22.55 6.44
N VAL C 393 10.15 -23.86 6.50
CA VAL C 393 11.43 -24.34 7.02
C VAL C 393 12.57 -24.08 6.06
N GLU C 394 12.29 -24.03 4.75
CA GLU C 394 13.33 -23.75 3.77
C GLU C 394 13.89 -22.35 3.91
N THR C 395 13.21 -21.47 4.64
CA THR C 395 13.69 -20.10 4.85
C THR C 395 14.52 -19.92 6.11
N ILE C 396 14.76 -20.99 6.90
CA ILE C 396 15.59 -20.86 8.10
C ILE C 396 16.94 -20.23 7.81
N PRO C 397 17.69 -20.63 6.77
CA PRO C 397 19.02 -20.03 6.55
C PRO C 397 19.02 -18.56 6.17
N TYR C 398 17.88 -18.01 5.78
CA TYR C 398 17.84 -16.68 5.14
C TYR C 398 17.36 -15.58 6.07
N LEU C 399 17.98 -15.40 7.24
CA LEU C 399 17.78 -14.16 7.98
C LEU C 399 18.07 -12.94 7.09
N VAL C 400 19.05 -13.05 6.20
CA VAL C 400 19.46 -11.97 5.30
C VAL C 400 18.30 -11.40 4.49
N LEU C 401 17.23 -12.18 4.28
CA LEU C 401 16.10 -11.74 3.49
C LEU C 401 14.88 -11.33 4.33
N LYS C 402 15.01 -11.30 5.67
CA LYS C 402 13.84 -11.18 6.55
C LYS C 402 13.84 -9.93 7.43
N SER D 23 -47.10 -34.99 -15.19
CA SER D 23 -46.32 -34.27 -14.19
C SER D 23 -45.61 -35.22 -13.20
N ALA D 24 -44.31 -34.99 -13.02
CA ALA D 24 -43.50 -35.73 -12.07
C ALA D 24 -43.82 -35.29 -10.64
N PRO D 25 -43.32 -36.01 -9.63
CA PRO D 25 -43.35 -35.45 -8.27
C PRO D 25 -42.54 -34.17 -8.22
N LEU D 26 -42.92 -33.29 -7.29
CA LEU D 26 -42.23 -32.02 -7.08
C LEU D 26 -40.82 -32.29 -6.56
N GLY D 27 -39.80 -31.81 -7.28
CA GLY D 27 -38.43 -32.08 -6.90
C GLY D 27 -37.38 -31.22 -7.59
N PRO D 28 -36.09 -31.45 -7.25
CA PRO D 28 -34.98 -30.61 -7.77
C PRO D 28 -34.44 -31.11 -9.10
N PHE D 29 -35.22 -30.91 -10.16
CA PHE D 29 -34.86 -31.31 -11.51
C PHE D 29 -35.75 -30.56 -12.48
N ASN D 30 -35.35 -30.57 -13.75
CA ASN D 30 -36.23 -30.14 -14.83
C ASN D 30 -37.29 -31.20 -15.01
N ALA D 31 -38.51 -30.92 -14.53
CA ALA D 31 -39.54 -31.96 -14.56
C ALA D 31 -40.01 -32.26 -15.98
N THR D 32 -39.90 -31.31 -16.91
CA THR D 32 -40.36 -31.57 -18.27
C THR D 32 -39.47 -32.63 -18.93
N LEU D 33 -38.16 -32.45 -18.84
CA LEU D 33 -37.23 -33.40 -19.46
C LEU D 33 -37.32 -34.78 -18.81
N LEU D 34 -37.63 -34.85 -17.52
CA LEU D 34 -37.67 -36.16 -16.87
C LEU D 34 -38.90 -36.95 -17.29
N GLU D 35 -40.07 -36.32 -17.27
CA GLU D 35 -41.29 -36.97 -17.77
C GLU D 35 -41.10 -37.42 -19.20
N GLN D 36 -40.67 -36.49 -20.06
CA GLN D 36 -40.45 -36.77 -21.47
C GLN D 36 -39.58 -38.01 -21.68
N LEU D 37 -38.50 -38.14 -20.89
CA LEU D 37 -37.64 -39.32 -21.00
C LEU D 37 -38.34 -40.57 -20.48
N LYS D 38 -39.12 -40.42 -19.40
CA LYS D 38 -39.90 -41.56 -18.92
C LYS D 38 -40.91 -41.96 -19.97
N ASN D 39 -41.61 -40.96 -20.52
CA ASN D 39 -42.60 -41.22 -21.57
C ASN D 39 -41.99 -41.98 -22.74
N ASP D 40 -40.91 -41.44 -23.29
CA ASP D 40 -40.33 -42.04 -24.49
C ASP D 40 -39.68 -43.38 -24.17
N TYR D 41 -39.00 -43.49 -23.02
CA TYR D 41 -38.48 -44.79 -22.60
C TYR D 41 -39.61 -45.82 -22.52
N GLN D 42 -40.79 -45.39 -22.07
CA GLN D 42 -41.88 -46.34 -21.96
C GLN D 42 -42.46 -46.69 -23.32
N LYS D 43 -42.51 -45.72 -24.25
CA LYS D 43 -43.04 -46.01 -25.58
C LYS D 43 -42.17 -47.02 -26.34
N GLY D 44 -40.87 -47.08 -26.01
CA GLY D 44 -39.93 -47.90 -26.74
C GLY D 44 -39.02 -47.15 -27.68
N GLU D 45 -39.10 -45.82 -27.73
CA GLU D 45 -38.26 -45.02 -28.63
C GLU D 45 -36.80 -45.42 -28.50
N LYS D 46 -36.15 -45.65 -29.65
CA LYS D 46 -34.80 -46.21 -29.67
C LYS D 46 -33.80 -45.27 -29.03
N GLU D 47 -33.86 -43.99 -29.41
CA GLU D 47 -32.87 -43.04 -28.90
C GLU D 47 -32.88 -43.02 -27.37
N VAL D 48 -34.05 -42.76 -26.77
CA VAL D 48 -34.12 -42.72 -25.32
C VAL D 48 -33.83 -44.09 -24.72
N THR D 49 -34.30 -45.18 -25.32
CA THR D 49 -34.02 -46.50 -24.75
C THR D 49 -32.53 -46.78 -24.68
N ARG D 50 -31.79 -46.42 -25.73
CA ARG D 50 -30.35 -46.67 -25.70
C ARG D 50 -29.65 -45.73 -24.72
N TYR D 51 -30.09 -44.48 -24.65
CA TYR D 51 -29.53 -43.53 -23.70
C TYR D 51 -29.73 -44.00 -22.25
N ILE D 52 -30.96 -44.43 -21.92
CA ILE D 52 -31.25 -44.88 -20.56
C ILE D 52 -30.47 -46.15 -20.23
N GLU D 53 -30.17 -46.97 -21.23
CA GLU D 53 -29.37 -48.17 -20.99
C GLU D 53 -27.93 -47.83 -20.66
N LEU D 54 -27.36 -46.84 -21.34
CA LEU D 54 -26.04 -46.33 -20.97
C LEU D 54 -26.05 -45.82 -19.53
N GLN D 55 -27.07 -44.99 -19.19
CA GLN D 55 -27.21 -44.50 -17.83
C GLN D 55 -27.29 -45.65 -16.82
N GLU D 56 -27.99 -46.73 -17.17
CA GLU D 56 -28.09 -47.86 -16.27
C GLU D 56 -26.73 -48.52 -16.06
N LYS D 57 -25.85 -48.46 -17.06
CA LYS D 57 -24.50 -49.01 -16.89
C LYS D 57 -23.65 -48.13 -15.98
N VAL D 58 -23.72 -46.82 -16.17
CA VAL D 58 -23.07 -45.89 -15.25
C VAL D 58 -23.57 -46.09 -13.83
N ALA D 59 -24.88 -46.32 -13.67
CA ALA D 59 -25.46 -46.42 -12.34
C ALA D 59 -25.10 -47.72 -11.62
N GLU D 60 -24.35 -48.63 -12.25
CA GLU D 60 -24.02 -49.87 -11.54
C GLU D 60 -23.05 -49.63 -10.40
N LYS D 61 -22.15 -48.66 -10.53
CA LYS D 61 -21.21 -48.40 -9.44
C LYS D 61 -21.95 -47.93 -8.18
N TYR D 62 -23.11 -47.29 -8.36
CA TYR D 62 -23.90 -46.85 -7.23
C TYR D 62 -24.68 -47.98 -6.60
N ILE D 63 -24.96 -49.05 -7.36
CA ILE D 63 -25.61 -50.19 -6.75
C ILE D 63 -24.63 -50.93 -5.87
N LYS D 64 -23.39 -51.05 -6.33
CA LYS D 64 -22.34 -51.71 -5.57
C LYS D 64 -21.82 -50.85 -4.42
N MET D 65 -21.88 -49.53 -4.58
CA MET D 65 -21.30 -48.59 -3.61
C MET D 65 -21.73 -48.88 -2.17
N THR D 66 -20.76 -48.83 -1.28
CA THR D 66 -21.05 -48.83 0.16
C THR D 66 -21.63 -47.47 0.58
N PRO D 67 -22.78 -47.44 1.26
CA PRO D 67 -23.35 -46.15 1.71
C PRO D 67 -22.39 -45.35 2.57
N LEU D 68 -22.15 -44.11 2.18
CA LEU D 68 -21.32 -43.18 2.94
C LEU D 68 -22.05 -42.64 4.18
N SER D 69 -21.28 -42.10 5.12
CA SER D 69 -21.85 -41.51 6.31
C SER D 69 -20.96 -40.37 6.77
N VAL D 70 -21.57 -39.32 7.32
CA VAL D 70 -20.83 -38.16 7.81
C VAL D 70 -19.95 -38.52 9.01
N THR D 71 -20.20 -39.67 9.65
CA THR D 71 -19.44 -40.08 10.83
C THR D 71 -18.06 -40.65 10.49
N ALA D 72 -17.78 -40.96 9.23
CA ALA D 72 -16.49 -41.55 8.85
C ALA D 72 -15.38 -40.51 8.87
N LYS D 73 -15.15 -39.94 10.04
CA LYS D 73 -14.18 -38.87 10.23
C LYS D 73 -13.43 -39.14 11.51
N LYS D 74 -12.18 -38.68 11.61
CA LYS D 74 -11.41 -38.91 12.84
C LYS D 74 -11.29 -37.67 13.70
N LYS D 75 -11.01 -36.52 13.11
CA LYS D 75 -11.06 -35.28 13.87
C LYS D 75 -12.51 -34.89 14.05
N LEU D 76 -12.97 -34.80 15.31
CA LEU D 76 -14.36 -34.46 15.58
C LEU D 76 -14.55 -32.95 15.62
N PRO D 77 -15.80 -32.47 15.45
CA PRO D 77 -16.09 -31.03 15.65
C PRO D 77 -15.99 -30.67 17.13
N PRO D 78 -16.16 -29.38 17.48
CA PRO D 78 -16.14 -29.02 18.91
C PRO D 78 -17.23 -29.71 19.72
N SER D 79 -18.29 -30.20 19.10
CA SER D 79 -19.33 -30.95 19.80
C SER D 79 -18.94 -32.39 20.13
N LYS D 80 -17.75 -32.83 19.72
CA LYS D 80 -17.32 -34.22 19.91
C LYS D 80 -18.34 -35.23 19.38
N ASP D 81 -19.13 -34.83 18.38
CA ASP D 81 -20.23 -35.65 17.86
C ASP D 81 -19.98 -35.93 16.38
N PRO D 82 -19.67 -37.18 16.00
CA PRO D 82 -19.30 -37.45 14.60
C PRO D 82 -20.46 -37.27 13.64
N ARG D 83 -21.68 -37.28 14.15
CA ARG D 83 -22.85 -37.06 13.33
C ARG D 83 -23.04 -35.59 12.91
N ASP D 84 -22.18 -34.67 13.37
CA ASP D 84 -22.23 -33.26 12.98
C ASP D 84 -21.36 -33.06 11.76
N TYR D 85 -21.96 -32.48 10.71
CA TYR D 85 -21.23 -32.16 9.50
C TYR D 85 -20.19 -31.09 9.80
N MET D 86 -19.00 -31.24 9.22
CA MET D 86 -17.96 -30.25 9.43
C MET D 86 -17.05 -30.20 8.23
N THR D 87 -16.83 -28.99 7.70
CA THR D 87 -15.82 -28.79 6.68
C THR D 87 -14.97 -27.57 7.03
N LEU D 88 -13.89 -27.39 6.27
CA LEU D 88 -13.05 -26.20 6.41
C LEU D 88 -13.42 -25.21 5.32
N SER D 89 -13.57 -23.94 5.70
CA SER D 89 -13.86 -22.94 4.71
C SER D 89 -12.74 -22.95 3.67
N PRO D 90 -13.06 -23.10 2.39
CA PRO D 90 -12.02 -23.51 1.41
C PRO D 90 -10.92 -22.48 1.17
N TYR D 91 -11.18 -21.18 1.37
CA TYR D 91 -10.21 -20.13 1.07
C TYR D 91 -9.51 -19.60 2.31
N TRP D 92 -9.42 -20.39 3.38
CA TRP D 92 -8.81 -19.95 4.62
C TRP D 92 -7.60 -20.80 4.92
N TRP D 93 -6.43 -20.16 5.04
CA TRP D 93 -5.13 -20.79 5.12
C TRP D 93 -4.41 -20.44 6.42
N PRO D 94 -3.54 -21.33 6.91
CA PRO D 94 -2.70 -20.98 8.06
C PRO D 94 -1.84 -19.76 7.76
N ASP D 95 -1.66 -18.93 8.78
CA ASP D 95 -0.84 -17.73 8.69
C ASP D 95 0.56 -18.07 9.14
N SER D 96 1.51 -18.09 8.19
CA SER D 96 2.85 -18.60 8.48
C SER D 96 3.57 -17.75 9.53
N THR D 97 3.25 -16.47 9.60
CA THR D 97 3.91 -15.58 10.54
C THR D 97 3.46 -15.79 11.99
N LYS D 98 2.54 -16.71 12.24
CA LYS D 98 2.14 -17.09 13.58
C LYS D 98 2.79 -18.43 13.93
N ILE D 99 3.07 -18.64 15.21
CA ILE D 99 3.78 -19.84 15.62
C ILE D 99 2.89 -21.08 15.46
N ASP D 100 1.59 -20.94 15.73
CA ASP D 100 0.63 -22.03 15.53
C ASP D 100 -0.24 -21.83 14.29
N GLY D 101 -0.02 -20.76 13.52
CA GLY D 101 -0.73 -20.52 12.29
C GLY D 101 -2.09 -19.88 12.44
N LEU D 102 -2.58 -19.73 13.68
CA LEU D 102 -3.87 -19.17 14.08
C LEU D 102 -3.77 -17.65 14.25
N PRO D 103 -4.80 -16.92 13.80
CA PRO D 103 -5.99 -17.41 13.10
C PRO D 103 -5.74 -17.51 11.60
N TYR D 104 -6.45 -18.40 10.90
CA TYR D 104 -6.28 -18.52 9.47
C TYR D 104 -6.61 -17.20 8.78
N ILE D 105 -6.12 -17.08 7.55
CA ILE D 105 -6.27 -15.88 6.77
C ILE D 105 -6.84 -16.24 5.40
N ARG D 106 -7.59 -15.31 4.83
CA ARG D 106 -8.37 -15.58 3.64
C ARG D 106 -7.55 -15.29 2.38
N LYS D 107 -7.60 -16.21 1.42
CA LYS D 107 -7.01 -16.01 0.11
C LYS D 107 -8.11 -16.35 -0.91
N ASP D 108 -8.88 -15.33 -1.29
CA ASP D 108 -10.06 -15.54 -2.12
C ASP D 108 -9.67 -16.15 -3.45
N GLY D 109 -10.24 -17.33 -3.75
CA GLY D 109 -10.02 -18.03 -4.99
C GLY D 109 -9.07 -19.20 -4.89
N GLU D 110 -8.21 -19.20 -3.89
CA GLU D 110 -7.19 -20.22 -3.73
C GLU D 110 -7.66 -21.18 -2.66
N ARG D 111 -7.88 -22.44 -3.07
CA ARG D 111 -8.46 -23.43 -2.18
C ARG D 111 -7.35 -24.10 -1.37
N ASN D 112 -7.37 -23.88 -0.06
CA ASN D 112 -6.48 -24.60 0.85
C ASN D 112 -6.71 -26.09 0.69
N PRO D 113 -5.71 -26.89 0.30
CA PRO D 113 -5.90 -28.34 0.21
C PRO D 113 -6.15 -29.04 1.53
N GLU D 114 -6.20 -28.30 2.65
CA GLU D 114 -6.63 -28.90 3.92
C GLU D 114 -8.11 -29.25 3.93
N VAL D 115 -8.90 -28.72 2.98
CA VAL D 115 -10.33 -29.04 2.95
C VAL D 115 -10.53 -30.55 2.87
N TYR D 116 -9.61 -31.26 2.21
CA TYR D 116 -9.85 -32.68 1.98
C TYR D 116 -9.52 -33.52 3.20
N GLU D 117 -9.02 -32.92 4.28
CA GLU D 117 -8.88 -33.65 5.53
C GLU D 117 -10.23 -33.87 6.21
N TYR D 118 -11.29 -33.20 5.73
CA TYR D 118 -12.65 -33.40 6.23
C TYR D 118 -13.38 -34.32 5.25
N PRO D 119 -13.54 -35.60 5.58
CA PRO D 119 -14.06 -36.57 4.59
C PRO D 119 -15.42 -36.20 4.02
N GLU D 120 -16.28 -35.49 4.78
CA GLU D 120 -17.62 -35.18 4.28
C GLU D 120 -17.60 -34.19 3.12
N ARG D 121 -16.52 -33.46 2.90
CA ARG D 121 -16.51 -32.55 1.77
C ARG D 121 -16.73 -33.31 0.46
N GLU D 122 -15.93 -34.34 0.20
CA GLU D 122 -16.15 -35.16 -0.97
C GLU D 122 -17.20 -36.24 -0.76
N ASN D 123 -17.53 -36.60 0.49
CA ASN D 123 -18.52 -37.65 0.65
C ASN D 123 -19.94 -37.14 0.46
N ALA D 124 -20.22 -35.88 0.84
CA ALA D 124 -21.54 -35.33 0.57
C ALA D 124 -21.79 -35.24 -0.93
N ASN D 125 -20.71 -35.07 -1.71
CA ASN D 125 -20.76 -35.12 -3.17
C ASN D 125 -21.00 -36.54 -3.67
N ARG D 126 -20.28 -37.50 -3.12
CA ARG D 126 -20.38 -38.88 -3.60
C ARG D 126 -21.74 -39.45 -3.26
N PHE D 127 -22.20 -39.28 -2.01
CA PHE D 127 -23.55 -39.69 -1.66
C PHE D 127 -24.60 -38.98 -2.52
N GLY D 128 -24.49 -37.65 -2.63
CA GLY D 128 -25.44 -36.89 -3.42
C GLY D 128 -25.58 -37.39 -4.86
N ASP D 129 -24.45 -37.63 -5.53
CA ASP D 129 -24.49 -38.18 -6.88
C ASP D 129 -25.16 -39.55 -6.93
N ALA D 130 -24.73 -40.47 -6.05
CA ALA D 130 -25.30 -41.82 -6.01
C ALA D 130 -26.81 -41.80 -5.92
N ALA D 131 -27.33 -41.09 -4.92
CA ALA D 131 -28.77 -41.15 -4.66
C ALA D 131 -29.55 -40.40 -5.72
N TYR D 132 -28.96 -39.33 -6.27
CA TYR D 132 -29.62 -38.58 -7.33
C TYR D 132 -29.71 -39.41 -8.60
N CYS D 133 -28.66 -40.15 -8.92
CA CYS D 133 -28.71 -40.96 -10.13
C CYS D 133 -29.68 -42.12 -9.99
N LEU D 134 -29.66 -42.80 -8.83
CA LEU D 134 -30.52 -43.95 -8.63
C LEU D 134 -31.99 -43.56 -8.55
N GLY D 135 -32.29 -42.43 -7.89
CA GLY D 135 -33.67 -42.01 -7.76
C GLY D 135 -34.28 -41.58 -9.08
N VAL D 136 -33.51 -40.84 -9.87
CA VAL D 136 -33.98 -40.49 -11.20
C VAL D 136 -34.19 -41.76 -12.03
N LEU D 137 -33.19 -42.66 -12.04
CA LEU D 137 -33.34 -43.88 -12.84
C LEU D 137 -34.51 -44.71 -12.36
N TYR D 138 -34.84 -44.66 -11.07
CA TYR D 138 -36.04 -45.37 -10.64
C TYR D 138 -37.28 -44.73 -11.25
N TYR D 139 -37.38 -43.40 -11.16
CA TYR D 139 -38.50 -42.70 -11.79
C TYR D 139 -38.67 -43.12 -13.24
N ILE D 140 -37.56 -43.20 -14.00
CA ILE D 140 -37.64 -43.39 -15.43
C ILE D 140 -37.85 -44.86 -15.79
N THR D 141 -37.17 -45.77 -15.10
CA THR D 141 -37.37 -47.18 -15.43
C THR D 141 -38.42 -47.86 -14.55
N GLY D 142 -38.75 -47.31 -13.40
CA GLY D 142 -39.58 -48.07 -12.49
C GLY D 142 -38.95 -49.33 -11.92
N LYS D 143 -37.66 -49.58 -12.16
CA LYS D 143 -37.00 -50.80 -11.71
C LYS D 143 -36.67 -50.74 -10.22
N GLU D 144 -37.18 -51.70 -9.45
CA GLU D 144 -37.08 -51.67 -7.98
C GLU D 144 -35.63 -51.62 -7.48
N VAL D 145 -34.67 -52.14 -8.25
CA VAL D 145 -33.31 -52.21 -7.75
C VAL D 145 -32.76 -50.80 -7.54
N TYR D 146 -33.07 -49.88 -8.44
CA TYR D 146 -32.58 -48.52 -8.27
C TYR D 146 -33.18 -47.86 -7.05
N ALA D 147 -34.43 -48.20 -6.71
CA ALA D 147 -35.03 -47.69 -5.49
C ALA D 147 -34.36 -48.27 -4.26
N LYS D 148 -34.10 -49.56 -4.26
CA LYS D 148 -33.50 -50.21 -3.11
C LYS D 148 -32.10 -49.67 -2.83
N ALA D 149 -31.33 -49.42 -3.89
CA ALA D 149 -30.02 -48.82 -3.68
C ALA D 149 -30.16 -47.40 -3.16
N CYS D 150 -30.99 -46.60 -3.82
CA CYS D 150 -31.21 -45.21 -3.40
C CYS D 150 -31.64 -45.14 -1.93
N ALA D 151 -32.60 -45.98 -1.54
CA ALA D 151 -33.05 -46.02 -0.16
C ALA D 151 -31.90 -46.25 0.80
N ASN D 152 -31.03 -47.20 0.47
CA ASN D 152 -29.91 -47.53 1.34
C ASN D 152 -29.01 -46.35 1.55
N HIS D 153 -28.73 -45.61 0.47
CA HIS D 153 -27.96 -44.39 0.59
C HIS D 153 -28.68 -43.35 1.44
N LEU D 154 -30.00 -43.25 1.29
CA LEU D 154 -30.75 -42.21 1.99
C LEU D 154 -30.83 -42.51 3.50
N ARG D 155 -31.17 -43.74 3.86
CA ARG D 155 -31.20 -44.11 5.29
C ARG D 155 -29.86 -43.84 5.96
N THR D 156 -28.76 -44.26 5.32
CA THR D 156 -27.47 -44.22 5.98
C THR D 156 -27.01 -42.78 6.15
N TRP D 157 -27.25 -41.93 5.16
CA TRP D 157 -26.75 -40.57 5.25
C TRP D 157 -27.64 -39.69 6.12
N PHE D 158 -28.96 -39.88 6.07
CA PHE D 158 -29.89 -38.96 6.72
C PHE D 158 -30.41 -39.45 8.06
N THR D 159 -31.07 -40.62 8.07
CA THR D 159 -31.94 -41.00 9.18
C THR D 159 -31.38 -42.05 10.13
N ASP D 160 -30.30 -42.75 9.77
CA ASP D 160 -29.80 -43.83 10.63
C ASP D 160 -29.44 -43.29 12.02
N PRO D 161 -29.86 -43.96 13.10
CA PRO D 161 -29.66 -43.41 14.46
C PRO D 161 -28.21 -43.40 14.91
N LYS D 162 -27.32 -44.09 14.22
CA LYS D 162 -25.91 -44.02 14.53
C LYS D 162 -25.08 -43.33 13.45
N LEU D 163 -25.48 -43.50 12.18
CA LEU D 163 -24.68 -43.04 11.06
C LEU D 163 -25.21 -41.80 10.37
N GLY D 164 -26.51 -41.52 10.48
CA GLY D 164 -27.07 -40.36 9.79
C GLY D 164 -26.54 -39.06 10.36
N MET D 165 -26.50 -38.04 9.50
CA MET D 165 -26.02 -36.74 9.94
C MET D 165 -27.06 -36.03 10.81
N ASN D 166 -26.59 -35.34 11.85
CA ASN D 166 -27.47 -34.45 12.60
C ASN D 166 -28.04 -33.40 11.66
N PRO D 167 -29.31 -33.02 11.81
CA PRO D 167 -29.93 -32.12 10.82
C PRO D 167 -29.60 -30.65 11.08
N ASN D 168 -28.31 -30.36 11.15
CA ASN D 168 -27.83 -28.99 11.26
C ASN D 168 -26.63 -28.78 10.34
N MET D 169 -26.09 -27.57 10.38
CA MET D 169 -24.87 -27.24 9.66
C MET D 169 -23.98 -26.36 10.49
N THR D 170 -24.15 -26.41 11.82
CA THR D 170 -23.34 -25.64 12.76
C THR D 170 -21.88 -25.51 12.34
N TYR D 171 -21.26 -26.63 11.91
CA TYR D 171 -19.81 -26.66 11.68
C TYR D 171 -19.43 -26.79 10.20
N ALA D 172 -20.34 -26.45 9.30
CA ALA D 172 -19.98 -26.35 7.90
C ALA D 172 -19.05 -25.15 7.70
N GLN D 173 -17.92 -25.39 7.04
CA GLN D 173 -16.94 -24.37 6.72
C GLN D 173 -16.47 -23.63 7.97
N ALA D 174 -16.06 -24.40 8.95
CA ALA D 174 -15.37 -23.85 10.10
C ALA D 174 -14.09 -23.16 9.66
N VAL D 175 -13.68 -22.15 10.41
CA VAL D 175 -12.39 -21.49 10.24
C VAL D 175 -11.61 -21.61 11.56
N PRO D 176 -10.40 -22.14 11.55
CA PRO D 176 -9.64 -22.26 12.80
C PRO D 176 -9.27 -20.88 13.36
N GLY D 177 -9.52 -20.68 14.66
CA GLY D 177 -9.18 -19.43 15.31
C GLY D 177 -10.18 -18.30 15.13
N MET D 178 -11.15 -18.40 14.23
CA MET D 178 -12.13 -17.34 14.09
C MET D 178 -13.03 -17.28 15.32
N LYS D 179 -13.27 -16.05 15.81
CA LYS D 179 -14.00 -15.86 17.06
C LYS D 179 -15.51 -16.00 16.87
N LYS D 180 -16.05 -15.37 15.84
CA LYS D 180 -17.49 -15.45 15.64
C LYS D 180 -17.87 -16.77 14.97
N MET D 181 -19.18 -17.06 15.01
CA MET D 181 -19.75 -18.15 14.23
C MET D 181 -20.34 -17.57 12.94
N ARG D 182 -20.16 -18.28 11.84
CA ARG D 182 -20.60 -17.81 10.54
C ARG D 182 -21.57 -18.82 9.95
N GLY D 183 -22.47 -18.32 9.12
CA GLY D 183 -23.43 -19.12 8.41
C GLY D 183 -23.09 -19.41 6.97
N SER D 184 -21.86 -19.13 6.53
CA SER D 184 -21.52 -19.27 5.12
C SER D 184 -21.30 -20.71 4.68
N GLY D 185 -21.02 -21.61 5.62
CA GLY D 185 -20.86 -23.01 5.26
C GLY D 185 -22.16 -23.68 4.85
N PHE D 186 -23.29 -23.03 5.11
CA PHE D 186 -24.56 -23.65 4.77
C PHE D 186 -24.65 -23.96 3.28
N ILE D 187 -23.85 -23.27 2.46
CA ILE D 187 -23.84 -23.50 1.03
C ILE D 187 -23.44 -24.92 0.70
N ASP D 188 -22.72 -25.59 1.61
CA ASP D 188 -22.38 -27.01 1.43
C ASP D 188 -23.61 -27.90 1.32
N SER D 189 -24.74 -27.47 1.88
CA SER D 189 -25.91 -28.31 1.97
C SER D 189 -26.44 -28.74 0.61
N ARG D 190 -26.13 -27.98 -0.45
CA ARG D 190 -26.67 -28.30 -1.77
C ARG D 190 -26.22 -29.66 -2.23
N ARG D 191 -25.06 -30.11 -1.74
CA ARG D 191 -24.52 -31.38 -2.18
C ARG D 191 -25.42 -32.55 -1.74
N PHE D 192 -25.96 -32.51 -0.52
CA PHE D 192 -26.87 -33.57 -0.12
C PHE D 192 -28.35 -33.20 -0.24
N SER D 193 -28.69 -31.94 -0.45
CA SER D 193 -30.10 -31.55 -0.47
C SER D 193 -30.79 -31.90 -1.79
N ARG D 194 -30.08 -31.89 -2.92
CA ARG D 194 -30.66 -32.45 -4.15
C ARG D 194 -31.02 -33.93 -3.96
N ALA D 195 -30.26 -34.65 -3.13
CA ALA D 195 -30.59 -36.04 -2.84
C ALA D 195 -31.85 -36.12 -1.98
N LEU D 196 -31.94 -35.25 -0.97
CA LEU D 196 -33.14 -35.21 -0.15
C LEU D 196 -34.40 -35.09 -1.00
N GLY D 197 -34.35 -34.27 -2.06
CA GLY D 197 -35.54 -34.06 -2.87
C GLY D 197 -35.86 -35.25 -3.75
N VAL D 198 -34.82 -35.91 -4.28
CA VAL D 198 -35.03 -37.06 -5.14
C VAL D 198 -35.61 -38.25 -4.37
N ALA D 199 -35.54 -38.23 -3.03
CA ALA D 199 -36.24 -39.25 -2.25
C ALA D 199 -37.72 -39.34 -2.63
N LYS D 200 -38.33 -38.21 -3.01
CA LYS D 200 -39.72 -38.27 -3.41
C LYS D 200 -39.95 -39.25 -4.55
N LEU D 201 -38.99 -39.34 -5.48
CA LEU D 201 -39.16 -40.21 -6.65
C LEU D 201 -39.24 -41.71 -6.31
N ILE D 202 -38.68 -42.16 -5.18
CA ILE D 202 -38.72 -43.56 -4.81
C ILE D 202 -39.87 -43.89 -3.85
N GLU D 203 -40.63 -42.88 -3.44
CA GLU D 203 -41.85 -43.14 -2.69
C GLU D 203 -42.79 -43.97 -3.55
N GLY D 204 -43.43 -44.96 -2.93
CA GLY D 204 -44.28 -45.87 -3.64
C GLY D 204 -43.60 -47.16 -4.04
N SER D 205 -42.26 -47.17 -4.11
CA SER D 205 -41.53 -48.41 -4.29
C SER D 205 -41.78 -49.36 -3.13
N LYS D 206 -41.32 -50.60 -3.28
CA LYS D 206 -41.38 -51.52 -2.15
C LYS D 206 -40.29 -51.25 -1.15
N SER D 207 -39.16 -50.68 -1.61
CA SER D 207 -38.01 -50.56 -0.73
C SER D 207 -38.14 -49.40 0.27
N TRP D 208 -38.85 -48.34 -0.10
CA TRP D 208 -38.97 -47.14 0.73
C TRP D 208 -40.26 -47.21 1.54
N THR D 209 -40.15 -47.75 2.73
CA THR D 209 -41.34 -48.05 3.51
C THR D 209 -41.95 -46.79 4.11
N PRO D 210 -43.22 -46.85 4.54
CA PRO D 210 -43.79 -45.70 5.27
C PRO D 210 -42.92 -45.24 6.43
N SER D 211 -42.34 -46.17 7.18
CA SER D 211 -41.43 -45.83 8.27
C SER D 211 -40.22 -45.05 7.78
N ASP D 212 -39.59 -45.51 6.69
CA ASP D 212 -38.47 -44.78 6.10
C ASP D 212 -38.88 -43.33 5.82
N LYS D 213 -39.97 -43.15 5.08
CA LYS D 213 -40.46 -41.81 4.75
C LYS D 213 -40.72 -40.98 5.99
N LYS D 214 -41.33 -41.59 7.00
CA LYS D 214 -41.64 -40.84 8.22
C LYS D 214 -40.35 -40.31 8.84
N LYS D 215 -39.33 -41.17 8.95
CA LYS D 215 -38.05 -40.74 9.53
C LYS D 215 -37.43 -39.62 8.70
N LEU D 216 -37.46 -39.75 7.37
CA LEU D 216 -36.90 -38.72 6.49
C LEU D 216 -37.68 -37.40 6.60
N ASP D 217 -39.01 -37.48 6.59
CA ASP D 217 -39.88 -36.33 6.87
C ASP D 217 -39.46 -35.61 8.14
N ASP D 218 -39.35 -36.34 9.26
CA ASP D 218 -38.96 -35.71 10.51
C ASP D 218 -37.57 -35.10 10.43
N TRP D 219 -36.65 -35.75 9.72
CA TRP D 219 -35.32 -35.18 9.56
C TRP D 219 -35.41 -33.87 8.80
N ALA D 220 -36.10 -33.89 7.66
CA ALA D 220 -36.19 -32.67 6.85
C ALA D 220 -36.98 -31.59 7.57
N THR D 221 -37.93 -31.97 8.44
CA THR D 221 -38.62 -30.96 9.24
C THR D 221 -37.69 -30.40 10.31
N ALA D 222 -36.82 -31.23 10.88
CA ALA D 222 -35.82 -30.74 11.83
C ALA D 222 -34.77 -29.87 11.14
N PHE D 223 -34.28 -30.30 9.97
CA PHE D 223 -33.30 -29.53 9.22
C PHE D 223 -33.90 -28.19 8.78
N CYS D 224 -35.15 -28.22 8.30
CA CYS D 224 -35.80 -26.98 7.88
C CYS D 224 -35.89 -26.00 9.04
N TYR D 225 -36.28 -26.49 10.22
CA TYR D 225 -36.36 -25.63 11.39
C TYR D 225 -35.01 -25.01 11.69
N TRP D 226 -33.97 -25.85 11.81
CA TRP D 226 -32.65 -25.32 12.10
C TRP D 226 -32.28 -24.19 11.14
N MET D 227 -32.57 -24.38 9.84
CA MET D 227 -32.13 -23.41 8.83
C MET D 227 -32.96 -22.14 8.85
N GLU D 228 -34.18 -22.22 9.37
CA GLU D 228 -34.98 -21.02 9.54
C GLU D 228 -34.76 -20.34 10.88
N ASN D 229 -34.39 -21.07 11.92
CA ASN D 229 -34.34 -20.49 13.26
C ASN D 229 -32.97 -20.44 13.92
N SER D 230 -31.98 -21.17 13.44
CA SER D 230 -30.67 -20.97 14.03
C SER D 230 -30.12 -19.59 13.65
N THR D 231 -29.19 -19.09 14.47
CA THR D 231 -28.55 -17.81 14.21
C THR D 231 -27.82 -17.81 12.87
N GLN D 232 -27.10 -18.91 12.57
CA GLN D 232 -26.41 -19.00 11.29
C GLN D 232 -27.38 -19.03 10.13
N GLY D 233 -28.50 -19.74 10.30
CA GLY D 233 -29.44 -19.88 9.19
C GLY D 233 -30.19 -18.60 8.89
N GLN D 234 -30.54 -17.84 9.94
CA GLN D 234 -31.09 -16.51 9.74
C GLN D 234 -30.13 -15.65 8.95
N ARG D 235 -28.88 -15.55 9.41
CA ARG D 235 -27.90 -14.72 8.73
C ARG D 235 -27.72 -15.13 7.28
N GLU D 236 -27.59 -16.42 7.02
CA GLU D 236 -27.41 -16.87 5.66
C GLU D 236 -28.61 -16.51 4.81
N SER D 237 -29.81 -16.57 5.39
CA SER D 237 -31.01 -16.20 4.65
C SER D 237 -30.99 -14.74 4.20
N HIS D 238 -30.16 -13.90 4.84
CA HIS D 238 -30.05 -12.48 4.53
C HIS D 238 -28.69 -12.11 3.95
N ALA D 239 -27.95 -13.08 3.41
CA ALA D 239 -26.71 -12.77 2.73
C ALA D 239 -27.02 -12.07 1.42
N ALA D 240 -26.20 -11.09 1.05
CA ALA D 240 -26.46 -10.23 -0.09
C ALA D 240 -25.90 -10.76 -1.41
N ASN D 241 -25.18 -11.87 -1.41
CA ASN D 241 -24.59 -12.35 -2.65
C ASN D 241 -25.19 -13.68 -3.06
N ASN D 242 -24.42 -14.48 -3.79
CA ASN D 242 -24.87 -15.81 -4.19
C ASN D 242 -25.15 -16.70 -3.00
N HIS D 243 -24.61 -16.37 -1.82
CA HIS D 243 -24.94 -17.15 -0.64
C HIS D 243 -26.43 -17.07 -0.35
N GLY D 244 -26.98 -15.85 -0.36
CA GLY D 244 -28.42 -15.70 -0.19
C GLY D 244 -29.22 -16.50 -1.21
N LEU D 245 -28.80 -16.49 -2.47
CA LEU D 245 -29.53 -17.24 -3.50
C LEU D 245 -29.41 -18.74 -3.26
N TRP D 246 -28.20 -19.25 -3.03
CA TRP D 246 -28.06 -20.69 -2.83
C TRP D 246 -28.85 -21.15 -1.62
N TYR D 247 -28.86 -20.37 -0.56
CA TYR D 247 -29.63 -20.74 0.62
C TYR D 247 -31.09 -20.97 0.25
N GLU D 248 -31.62 -20.13 -0.64
CA GLU D 248 -33.04 -20.27 -0.96
C GLU D 248 -33.27 -21.42 -1.94
N ALA D 249 -32.36 -21.63 -2.88
CA ALA D 249 -32.37 -22.86 -3.67
C ALA D 249 -32.49 -24.08 -2.74
N ILE D 250 -31.66 -24.13 -1.69
CA ILE D 250 -31.64 -25.27 -0.78
C ILE D 250 -32.94 -25.33 0.01
N HIS D 251 -33.39 -24.19 0.56
CA HIS D 251 -34.71 -24.07 1.17
C HIS D 251 -35.80 -24.69 0.30
N LEU D 252 -35.81 -24.35 -0.99
CA LEU D 252 -36.85 -24.84 -1.87
C LEU D 252 -36.82 -26.35 -1.99
N MET D 253 -35.61 -26.93 -2.14
CA MET D 253 -35.51 -28.39 -2.18
C MET D 253 -36.08 -29.01 -0.91
N VAL D 254 -35.83 -28.41 0.26
CA VAL D 254 -36.36 -28.96 1.50
C VAL D 254 -37.88 -28.82 1.51
N LEU D 255 -38.36 -27.59 1.24
CA LEU D 255 -39.80 -27.34 1.20
C LEU D 255 -40.51 -28.21 0.16
N ALA D 256 -39.87 -28.45 -0.99
CA ALA D 256 -40.50 -29.32 -1.98
C ALA D 256 -40.55 -30.78 -1.50
N TYR D 257 -39.52 -31.24 -0.80
CA TYR D 257 -39.61 -32.56 -0.20
C TYR D 257 -40.75 -32.62 0.82
N LEU D 258 -40.89 -31.59 1.65
CA LEU D 258 -41.96 -31.56 2.65
C LEU D 258 -43.33 -31.26 2.05
N ASP D 259 -43.41 -31.04 0.73
CA ASP D 259 -44.64 -30.71 0.01
C ASP D 259 -45.26 -29.38 0.46
N ARG D 260 -44.43 -28.42 0.85
CA ARG D 260 -44.93 -27.12 1.33
C ARG D 260 -45.02 -26.14 0.16
N THR D 261 -46.00 -26.37 -0.73
CA THR D 261 -46.11 -25.49 -1.90
C THR D 261 -46.43 -24.05 -1.52
N ASP D 262 -47.12 -23.82 -0.39
CA ASP D 262 -47.30 -22.44 0.05
C ASP D 262 -45.96 -21.78 0.36
N ARG D 263 -45.10 -22.49 1.08
CA ARG D 263 -43.80 -21.91 1.44
C ARG D 263 -42.94 -21.66 0.21
N ILE D 264 -42.94 -22.58 -0.75
CA ILE D 264 -42.17 -22.42 -1.99
C ILE D 264 -42.54 -21.11 -2.68
N ARG D 265 -43.83 -20.88 -2.88
CA ARG D 265 -44.29 -19.62 -3.47
C ARG D 265 -43.86 -18.44 -2.63
N GLU D 266 -44.02 -18.55 -1.30
CA GLU D 266 -43.61 -17.46 -0.41
C GLU D 266 -42.13 -17.18 -0.56
N VAL D 267 -41.30 -18.22 -0.70
CA VAL D 267 -39.87 -17.99 -0.75
C VAL D 267 -39.49 -17.34 -2.07
N ALA D 268 -40.07 -17.82 -3.17
CA ALA D 268 -39.80 -17.21 -4.47
C ALA D 268 -40.22 -15.74 -4.49
N GLU D 269 -41.34 -15.42 -3.86
CA GLU D 269 -41.84 -14.06 -4.03
C GLU D 269 -41.33 -13.11 -2.96
N GLN D 270 -41.21 -13.54 -1.71
CA GLN D 270 -40.77 -12.64 -0.66
C GLN D 270 -39.25 -12.67 -0.43
N SER D 271 -38.51 -13.55 -1.11
CA SER D 271 -37.08 -13.64 -0.84
C SER D 271 -36.23 -13.74 -2.11
N ILE D 272 -36.48 -14.73 -2.97
CA ILE D 272 -35.60 -14.96 -4.11
C ILE D 272 -35.67 -13.78 -5.08
N LEU D 273 -36.86 -13.28 -5.36
CA LEU D 273 -37.05 -12.20 -6.32
C LEU D 273 -36.57 -10.87 -5.75
N PRO D 274 -36.87 -10.52 -4.50
CA PRO D 274 -36.19 -9.36 -3.90
C PRO D 274 -34.68 -9.47 -3.93
N LYS D 275 -34.14 -10.66 -3.73
CA LYS D 275 -32.69 -10.81 -3.76
C LYS D 275 -32.13 -10.64 -5.15
N MET D 276 -32.85 -11.11 -6.17
CA MET D 276 -32.43 -10.84 -7.54
C MET D 276 -32.53 -9.36 -7.87
N GLY D 277 -33.52 -8.66 -7.29
CA GLY D 277 -33.68 -7.25 -7.53
C GLY D 277 -32.61 -6.39 -6.90
N ALA D 278 -31.92 -6.91 -5.89
CA ALA D 278 -30.83 -6.20 -5.27
C ALA D 278 -29.48 -6.55 -5.87
N GLN D 279 -29.34 -7.71 -6.50
CA GLN D 279 -28.03 -8.17 -6.93
C GLN D 279 -27.77 -7.89 -8.41
N ILE D 280 -28.79 -7.55 -9.19
CA ILE D 280 -28.62 -7.18 -10.59
C ILE D 280 -28.40 -5.67 -10.67
N ALA D 281 -27.32 -5.27 -11.34
CA ALA D 281 -27.05 -3.87 -11.63
C ALA D 281 -27.63 -3.51 -12.99
N ASP D 282 -27.57 -2.22 -13.34
CA ASP D 282 -28.37 -1.72 -14.45
C ASP D 282 -27.97 -2.31 -15.79
N ASP D 283 -26.70 -2.66 -15.97
CA ASP D 283 -26.28 -3.30 -17.19
C ASP D 283 -26.56 -4.80 -17.20
N GLY D 284 -27.03 -5.36 -16.09
CA GLY D 284 -27.22 -6.79 -15.96
C GLY D 284 -26.09 -7.51 -15.26
N SER D 285 -25.12 -6.78 -14.73
CA SER D 285 -24.03 -7.41 -14.01
C SER D 285 -24.45 -7.68 -12.58
N LEU D 286 -23.70 -8.57 -11.92
CA LEU D 286 -23.89 -8.89 -10.52
C LEU D 286 -22.71 -8.29 -9.77
N PRO D 287 -22.82 -7.05 -9.29
CA PRO D 287 -21.69 -6.40 -8.61
C PRO D 287 -21.08 -7.23 -7.51
N GLN D 288 -21.89 -8.08 -6.87
CA GLN D 288 -21.38 -8.88 -5.76
C GLN D 288 -20.32 -9.85 -6.23
N GLU D 289 -20.59 -10.59 -7.31
CA GLU D 289 -19.60 -11.55 -7.79
C GLU D 289 -18.45 -10.89 -8.53
N LEU D 290 -18.61 -9.64 -8.97
CA LEU D 290 -17.58 -8.99 -9.79
C LEU D 290 -16.37 -8.58 -8.97
N LYS D 291 -16.50 -8.44 -7.65
CA LYS D 291 -15.38 -8.15 -6.77
C LYS D 291 -14.65 -9.41 -6.31
N ARG D 292 -15.04 -10.57 -6.82
CA ARG D 292 -14.37 -11.82 -6.47
C ARG D 292 -13.28 -12.16 -7.48
N THR D 293 -12.23 -12.82 -6.98
CA THR D 293 -11.10 -13.23 -7.81
C THR D 293 -11.48 -14.31 -8.82
N LEU D 294 -12.66 -14.90 -8.72
CA LEU D 294 -13.15 -15.82 -9.75
C LEU D 294 -14.50 -15.32 -10.26
N SER D 295 -14.52 -14.08 -10.77
CA SER D 295 -15.76 -13.35 -10.97
C SER D 295 -16.70 -14.05 -11.95
N LEU D 296 -16.19 -14.50 -13.10
CA LEU D 296 -17.08 -15.18 -14.06
C LEU D 296 -17.67 -16.44 -13.45
N HIS D 297 -16.84 -17.21 -12.73
CA HIS D 297 -17.31 -18.42 -12.05
C HIS D 297 -18.40 -18.09 -11.03
N TYR D 298 -18.19 -17.08 -10.20
CA TYR D 298 -19.17 -16.77 -9.18
C TYR D 298 -20.42 -16.08 -9.77
N SER D 299 -20.27 -15.32 -10.85
CA SER D 299 -21.45 -14.79 -11.51
C SER D 299 -22.31 -15.92 -12.06
N THR D 300 -21.66 -16.94 -12.60
CA THR D 300 -22.38 -18.12 -13.06
C THR D 300 -22.96 -18.91 -11.90
N PHE D 301 -22.18 -19.08 -10.83
CA PHE D 301 -22.63 -19.86 -9.68
C PHE D 301 -23.90 -19.26 -9.07
N ALA D 302 -24.02 -17.93 -9.08
CA ALA D 302 -25.23 -17.28 -8.60
C ALA D 302 -26.42 -17.59 -9.50
N LEU D 303 -26.22 -17.55 -10.82
CA LEU D 303 -27.33 -17.91 -11.70
C LEU D 303 -27.66 -19.40 -11.59
N GLU D 304 -26.66 -20.25 -11.30
CA GLU D 304 -26.97 -21.67 -11.10
C GLU D 304 -27.80 -21.90 -9.85
N ALA D 305 -27.69 -21.01 -8.84
CA ALA D 305 -28.59 -21.08 -7.69
C ALA D 305 -30.01 -20.79 -8.13
N LEU D 306 -30.18 -19.72 -8.91
CA LEU D 306 -31.49 -19.39 -9.42
C LEU D 306 -31.99 -20.44 -10.39
N MET D 307 -31.10 -21.05 -11.16
CA MET D 307 -31.52 -22.10 -12.08
C MET D 307 -32.18 -23.25 -11.33
N GLU D 308 -31.61 -23.66 -10.20
CA GLU D 308 -32.14 -24.83 -9.52
C GLU D 308 -33.35 -24.46 -8.67
N ALA D 309 -33.38 -23.25 -8.14
CA ALA D 309 -34.60 -22.72 -7.55
C ALA D 309 -35.72 -22.71 -8.58
N ASN D 310 -35.41 -22.30 -9.81
CA ASN D 310 -36.44 -22.14 -10.81
C ASN D 310 -37.02 -23.48 -11.24
N GLN D 311 -36.19 -24.53 -11.30
CA GLN D 311 -36.73 -25.84 -11.64
C GLN D 311 -37.88 -26.24 -10.73
N ILE D 312 -37.83 -25.80 -9.47
CA ILE D 312 -38.87 -26.10 -8.48
C ILE D 312 -40.04 -25.11 -8.61
N THR D 313 -39.74 -23.81 -8.56
CA THR D 313 -40.79 -22.79 -8.63
C THR D 313 -41.59 -22.90 -9.92
N SER D 314 -40.92 -23.19 -11.04
CA SER D 314 -41.66 -23.31 -12.28
C SER D 314 -42.65 -24.47 -12.21
N GLN D 315 -42.37 -25.46 -11.37
CA GLN D 315 -43.32 -26.54 -11.16
C GLN D 315 -44.59 -26.11 -10.42
N ILE D 316 -44.66 -24.89 -9.88
CA ILE D 316 -45.90 -24.34 -9.37
C ILE D 316 -46.25 -23.03 -10.09
N GLY D 317 -45.76 -22.87 -11.32
CA GLY D 317 -46.13 -21.73 -12.15
C GLY D 317 -45.44 -20.42 -11.81
N ILE D 318 -44.24 -20.47 -11.25
CA ILE D 318 -43.47 -19.27 -10.94
C ILE D 318 -42.15 -19.35 -11.69
N ASN D 319 -42.01 -18.52 -12.74
CA ASN D 319 -40.87 -18.54 -13.64
C ASN D 319 -39.92 -17.43 -13.21
N LEU D 320 -38.82 -17.82 -12.53
CA LEU D 320 -37.89 -16.87 -11.92
C LEU D 320 -36.98 -16.19 -12.93
N TRP D 321 -36.80 -16.79 -14.11
CA TRP D 321 -36.06 -16.15 -15.20
C TRP D 321 -36.79 -14.92 -15.74
N SER D 322 -38.12 -15.03 -15.93
CA SER D 322 -38.92 -13.97 -16.55
C SER D 322 -39.64 -13.04 -15.57
N THR D 323 -39.83 -13.43 -14.30
CA THR D 323 -40.63 -12.62 -13.38
C THR D 323 -39.79 -11.49 -12.80
N PRO D 324 -40.12 -10.23 -13.07
CA PRO D 324 -39.31 -9.13 -12.55
C PRO D 324 -39.40 -9.05 -11.04
N ALA D 325 -38.36 -8.48 -10.44
CA ALA D 325 -38.46 -8.04 -9.07
C ALA D 325 -39.32 -6.79 -9.02
N SER D 326 -39.64 -6.36 -7.80
CA SER D 326 -40.55 -5.23 -7.65
C SER D 326 -39.93 -3.94 -8.14
N ASN D 327 -38.60 -3.89 -8.25
CA ASN D 327 -37.93 -2.73 -8.84
C ASN D 327 -37.70 -2.89 -10.33
N GLY D 328 -38.26 -3.91 -10.95
CA GLY D 328 -38.17 -4.06 -12.39
C GLY D 328 -37.00 -4.88 -12.88
N LYS D 329 -35.95 -5.06 -12.06
CA LYS D 329 -34.87 -5.94 -12.44
C LYS D 329 -35.37 -7.36 -12.58
N VAL D 330 -34.96 -8.03 -13.66
CA VAL D 330 -35.38 -9.39 -13.95
C VAL D 330 -34.16 -10.19 -14.36
N ALA D 331 -34.10 -11.45 -13.92
CA ALA D 331 -32.86 -12.22 -14.00
C ALA D 331 -32.42 -12.47 -15.43
N SER D 332 -33.33 -12.32 -16.41
CA SER D 332 -32.94 -12.51 -17.79
C SER D 332 -31.92 -11.46 -18.22
N GLN D 333 -31.92 -10.30 -17.57
CA GLN D 333 -30.86 -9.31 -17.80
C GLN D 333 -29.49 -9.87 -17.46
N ALA D 334 -29.40 -10.66 -16.39
CA ALA D 334 -28.12 -11.20 -15.94
C ALA D 334 -27.57 -12.23 -16.93
N VAL D 335 -28.45 -13.02 -17.56
CA VAL D 335 -27.98 -13.95 -18.58
C VAL D 335 -27.64 -13.22 -19.88
N ASP D 336 -28.38 -12.15 -20.19
CA ASP D 336 -28.02 -11.31 -21.33
C ASP D 336 -26.61 -10.74 -21.16
N TYR D 337 -26.34 -10.15 -19.99
CA TYR D 337 -25.02 -9.58 -19.74
C TYR D 337 -23.92 -10.61 -19.96
N LEU D 338 -24.06 -11.80 -19.35
CA LEU D 338 -22.99 -12.80 -19.37
C LEU D 338 -22.91 -13.56 -20.69
N TYR D 339 -24.02 -13.66 -21.42
CA TYR D 339 -24.05 -14.49 -22.63
C TYR D 339 -22.85 -14.29 -23.54
N PRO D 340 -22.47 -13.07 -23.93
CA PRO D 340 -21.30 -12.93 -24.81
C PRO D 340 -20.04 -13.57 -24.23
N PHE D 341 -19.82 -13.42 -22.92
CA PHE D 341 -18.68 -14.04 -22.29
C PHE D 341 -18.82 -15.55 -22.16
N TYR D 342 -20.04 -16.07 -22.24
CA TYR D 342 -20.16 -17.53 -22.36
C TYR D 342 -19.70 -17.99 -23.74
N LEU D 343 -19.92 -17.16 -24.77
CA LEU D 343 -19.47 -17.48 -26.12
C LEU D 343 -17.96 -17.35 -26.25
N ASN D 344 -17.37 -16.38 -25.56
CA ASN D 344 -15.93 -16.12 -25.65
C ASN D 344 -15.46 -15.64 -24.29
N PRO D 345 -15.19 -16.59 -23.38
CA PRO D 345 -14.85 -16.20 -22.00
C PRO D 345 -13.59 -15.33 -21.90
N GLU D 346 -12.71 -15.39 -22.90
CA GLU D 346 -11.49 -14.59 -22.89
C GLU D 346 -11.78 -13.10 -22.81
N ASP D 347 -12.92 -12.66 -23.37
CA ASP D 347 -13.30 -11.26 -23.34
C ASP D 347 -13.59 -10.73 -21.94
N TRP D 348 -13.68 -11.60 -20.94
CA TRP D 348 -14.07 -11.19 -19.59
C TRP D 348 -13.09 -10.14 -19.04
N LYS D 349 -13.65 -9.05 -18.53
CA LYS D 349 -12.88 -7.87 -18.14
C LYS D 349 -12.60 -7.78 -16.65
N PHE D 350 -12.94 -8.81 -15.86
CA PHE D 350 -12.75 -8.73 -14.42
C PHE D 350 -11.95 -9.93 -13.94
N LYS D 351 -11.52 -9.86 -12.68
CA LYS D 351 -10.56 -10.81 -12.14
C LYS D 351 -11.09 -12.25 -12.19
N GLN D 352 -10.30 -13.12 -12.82
CA GLN D 352 -10.69 -14.53 -12.94
C GLN D 352 -9.38 -15.33 -12.93
N ILE D 353 -8.93 -15.69 -11.73
CA ILE D 353 -7.57 -16.18 -11.49
C ILE D 353 -7.39 -17.67 -11.82
N LYS D 354 -8.40 -18.28 -12.40
CA LYS D 354 -8.35 -19.65 -12.92
C LYS D 354 -9.21 -19.69 -14.16
N PRO D 355 -8.96 -20.62 -15.08
CA PRO D 355 -9.74 -20.63 -16.32
C PRO D 355 -11.18 -21.02 -16.07
N PHE D 356 -12.11 -20.32 -16.74
CA PHE D 356 -13.54 -20.61 -16.65
C PHE D 356 -13.90 -21.76 -17.59
N ASP D 357 -14.59 -22.77 -17.04
CA ASP D 357 -15.02 -23.94 -17.81
C ASP D 357 -16.33 -23.61 -18.53
N GLN D 358 -16.22 -23.32 -19.83
CA GLN D 358 -17.37 -22.89 -20.64
C GLN D 358 -18.51 -23.90 -20.65
N SER D 359 -18.27 -25.15 -20.24
CA SER D 359 -19.32 -26.16 -20.35
C SER D 359 -20.39 -25.99 -19.27
N ARG D 360 -20.07 -25.33 -18.16
CA ARG D 360 -21.09 -25.05 -17.15
C ARG D 360 -22.26 -24.30 -17.76
N ALA D 361 -22.04 -23.55 -18.83
CA ALA D 361 -23.09 -22.75 -19.44
C ALA D 361 -24.08 -23.56 -20.28
N ALA D 362 -23.75 -24.80 -20.65
CA ALA D 362 -24.66 -25.55 -21.52
C ALA D 362 -26.02 -25.75 -20.84
N ILE D 363 -26.03 -26.37 -19.66
CA ILE D 363 -27.28 -26.56 -18.94
C ILE D 363 -27.90 -25.21 -18.57
N LEU D 364 -27.09 -24.26 -18.14
CA LEU D 364 -27.60 -22.97 -17.73
C LEU D 364 -28.31 -22.27 -18.89
N LEU D 365 -27.68 -22.24 -20.07
CA LEU D 365 -28.30 -21.55 -21.21
C LEU D 365 -29.50 -22.34 -21.75
N TYR D 366 -29.46 -23.68 -21.68
CA TYR D 366 -30.66 -24.44 -22.00
C TYR D 366 -31.80 -24.09 -21.07
N GLU D 367 -31.50 -23.91 -19.78
CA GLU D 367 -32.56 -23.68 -18.81
C GLU D 367 -33.19 -22.30 -19.00
N ALA D 368 -32.39 -21.25 -18.87
CA ALA D 368 -32.91 -19.90 -19.08
C ALA D 368 -33.36 -19.68 -20.52
N GLY D 369 -32.84 -20.45 -21.46
CA GLY D 369 -33.30 -20.30 -22.83
C GLY D 369 -34.73 -20.78 -23.01
N THR D 370 -35.00 -22.02 -22.60
CA THR D 370 -36.36 -22.54 -22.72
C THR D 370 -37.32 -21.81 -21.81
N ALA D 371 -36.86 -21.30 -20.66
CA ALA D 371 -37.76 -20.53 -19.81
C ALA D 371 -38.15 -19.21 -20.45
N LEU D 372 -37.22 -18.58 -21.16
CA LEU D 372 -37.43 -17.26 -21.76
C LEU D 372 -37.89 -17.33 -23.22
N GLY D 373 -38.15 -18.51 -23.76
CA GLY D 373 -38.41 -18.62 -25.19
C GLY D 373 -37.33 -18.02 -26.07
N ASN D 374 -36.07 -18.07 -25.62
CA ASN D 374 -34.95 -17.46 -26.33
C ASN D 374 -34.22 -18.56 -27.10
N GLN D 375 -34.45 -18.62 -28.42
CA GLN D 375 -33.88 -19.68 -29.24
C GLN D 375 -32.36 -19.55 -29.38
N LYS D 376 -31.83 -18.33 -29.24
CA LYS D 376 -30.37 -18.12 -29.31
C LYS D 376 -29.67 -18.77 -28.14
N TYR D 377 -30.29 -18.73 -26.97
CA TYR D 377 -29.76 -19.42 -25.80
C TYR D 377 -29.81 -20.93 -25.98
N VAL D 378 -30.95 -21.47 -26.45
CA VAL D 378 -31.05 -22.93 -26.61
C VAL D 378 -30.10 -23.42 -27.69
N ASP D 379 -29.91 -22.60 -28.74
CA ASP D 379 -28.99 -22.96 -29.82
C ASP D 379 -27.55 -23.02 -29.33
N THR D 380 -27.08 -21.93 -28.70
CA THR D 380 -25.75 -21.94 -28.09
C THR D 380 -25.61 -23.09 -27.11
N ALA D 381 -26.63 -23.32 -26.29
CA ALA D 381 -26.59 -24.41 -25.31
C ALA D 381 -26.35 -25.75 -26.00
N LYS D 382 -27.09 -26.02 -27.09
CA LYS D 382 -26.86 -27.25 -27.84
C LYS D 382 -25.48 -27.25 -28.50
N ARG D 383 -24.94 -26.08 -28.83
CA ARG D 383 -23.63 -25.99 -29.46
C ARG D 383 -22.54 -26.39 -28.48
N ILE D 384 -22.51 -25.73 -27.31
CA ILE D 384 -21.57 -26.07 -26.25
C ILE D 384 -21.69 -27.56 -25.90
N GLY D 385 -22.92 -28.04 -25.74
CA GLY D 385 -23.20 -29.46 -25.61
C GLY D 385 -22.65 -30.14 -24.38
N LEU D 386 -23.10 -31.36 -24.19
CA LEU D 386 -22.59 -32.24 -23.15
C LEU D 386 -22.19 -33.54 -23.83
N LYS D 387 -21.16 -34.19 -23.30
CA LYS D 387 -20.75 -35.45 -23.89
C LYS D 387 -21.83 -36.52 -23.69
N TYR D 388 -22.17 -37.20 -24.78
CA TYR D 388 -23.23 -38.20 -24.72
C TYR D 388 -22.93 -39.27 -23.67
N SER D 389 -21.68 -39.70 -23.56
CA SER D 389 -21.32 -40.79 -22.66
C SER D 389 -20.74 -40.30 -21.33
N THR D 390 -20.97 -39.04 -20.97
CA THR D 390 -20.46 -38.55 -19.69
C THR D 390 -21.26 -39.16 -18.55
N SER D 391 -20.58 -39.37 -17.42
CA SER D 391 -21.19 -39.94 -16.23
C SER D 391 -21.49 -38.89 -15.16
N ASP D 392 -21.28 -37.61 -15.44
CA ASP D 392 -21.79 -36.54 -14.59
C ASP D 392 -23.29 -36.72 -14.37
N VAL D 393 -23.69 -37.07 -13.14
CA VAL D 393 -25.09 -37.40 -12.89
C VAL D 393 -26.00 -36.19 -13.13
N GLU D 394 -25.52 -34.97 -12.85
CA GLU D 394 -26.37 -33.78 -13.04
C GLU D 394 -26.87 -33.65 -14.47
N THR D 395 -26.24 -34.33 -15.43
CA THR D 395 -26.62 -34.23 -16.84
C THR D 395 -27.52 -35.36 -17.30
N ILE D 396 -28.03 -36.18 -16.39
CA ILE D 396 -28.96 -37.26 -16.79
C ILE D 396 -30.18 -36.70 -17.50
N PRO D 397 -30.83 -35.63 -17.04
CA PRO D 397 -32.01 -35.14 -17.77
C PRO D 397 -31.72 -34.61 -19.16
N TYR D 398 -30.46 -34.30 -19.47
CA TYR D 398 -30.19 -33.40 -20.59
C TYR D 398 -29.73 -34.12 -21.86
N LEU D 399 -30.45 -35.17 -22.27
CA LEU D 399 -30.20 -35.80 -23.57
C LEU D 399 -30.39 -34.80 -24.70
N VAL D 400 -31.30 -33.85 -24.53
CA VAL D 400 -31.48 -32.79 -25.52
C VAL D 400 -30.18 -32.04 -25.81
N LEU D 401 -29.15 -32.18 -24.95
CA LEU D 401 -27.85 -31.56 -25.16
C LEU D 401 -26.73 -32.57 -25.44
N LYS D 402 -27.07 -33.81 -25.75
CA LYS D 402 -26.07 -34.85 -25.88
C LYS D 402 -26.16 -35.56 -27.24
C1 LGU E . 4.47 14.33 -12.53
C2 LGU E . 4.95 14.92 -11.19
O2 LGU E . 5.39 13.92 -10.30
C3 LGU E . 6.08 15.97 -11.32
O3 LGU E . 7.37 15.33 -11.24
C4 LGU E . 5.94 16.85 -12.58
O4 LGU E . 4.92 17.80 -12.32
C5 LGU E . 5.59 15.99 -13.80
O5 LGU E . 4.36 15.33 -13.51
C6 LGU E . 5.42 16.74 -15.16
O6B LGU E . 6.43 16.89 -15.87
O6A LGU E . 4.24 17.14 -15.45
O1 LGU E . 5.24 13.22 -12.93
C1 LGU E . 5.35 19.16 -12.53
C2 LGU E . 4.14 20.13 -12.64
O2 LGU E . 3.19 19.82 -13.64
C3 LGU E . 3.36 20.27 -11.33
O3 LGU E . 2.55 19.13 -11.02
C4 LGU E . 4.34 20.57 -10.19
O4 LGU E . 4.83 21.89 -10.39
C5 LGU E . 5.49 19.56 -10.19
O5 LGU E . 6.16 19.59 -11.45
C6 LGU E . 6.58 19.78 -9.11
O6B LGU E . 7.73 20.01 -9.49
O6A LGU E . 6.17 19.70 -7.92
C1 LGU E . 4.46 22.71 -9.28
C2 LGU E . 5.49 23.88 -9.19
O2 LGU E . 6.11 24.25 -10.40
C3 LGU E . 4.86 25.17 -8.64
O3 LGU E . 5.78 26.25 -8.69
C4 LGU E . 3.62 25.56 -9.44
O4 LGU E . 2.69 26.01 -8.50
C5 LGU E . 3.12 24.36 -10.26
O5 LGU E . 3.15 23.21 -9.44
C6 LGU E . 1.74 24.42 -10.92
O6B LGU E . 1.11 23.36 -10.97
O6A LGU E . 1.39 25.54 -11.36
C1 LGU E . 2.60 27.46 -8.60
C2 LGU E . 1.30 27.96 -7.89
O2 LGU E . 0.88 27.22 -6.77
C3 LGU E . 1.47 29.39 -7.40
O3 LGU E . 0.20 29.70 -6.86
C4 LGU E . 2.61 29.46 -6.35
O4 LGU E . 3.09 30.77 -6.18
C5 LGU E . 3.75 28.45 -6.67
O5 LGU E . 3.76 28.12 -8.06
C6 LGU E . 5.18 28.92 -6.32
O6B LGU E . 5.48 28.74 -5.15
O6A LGU E . 5.92 29.41 -7.22
C1 LGU F . -5.78 35.39 21.66
C2 LGU F . -4.82 35.54 20.45
O2 LGU F . -5.32 36.32 19.39
C3 LGU F . -3.46 36.12 20.83
O3 LGU F . -3.49 37.51 21.18
C4 LGU F . -2.86 35.33 22.01
O4 LGU F . -2.49 34.05 21.52
C5 LGU F . -3.88 35.25 23.16
O5 LGU F . -5.16 34.72 22.74
C6 LGU F . -3.39 34.30 24.29
O6B LGU F . -2.39 34.69 24.93
O6A LGU F . -4.03 33.22 24.42
O1 LGU F . -6.43 36.55 22.10
C1 LGU F . -1.08 33.83 21.70
C2 LGU F . -0.84 32.32 21.87
O2 LGU F . -1.42 31.75 23.03
C3 LGU F . -1.36 31.58 20.64
O3 LGU F . -2.78 31.63 20.51
C4 LGU F . -0.72 32.19 19.39
O4 LGU F . 0.64 31.91 19.43
C5 LGU F . -0.94 33.71 19.41
O5 LGU F . -0.36 34.26 20.58
C6 LGU F . -0.35 34.50 18.21
O6B LGU F . 0.16 35.59 18.44
O6A LGU F . -0.46 33.93 17.08
C1 LGU F . 1.08 31.21 18.26
C2 LGU F . 2.57 31.58 18.01
O2 LGU F . 3.18 32.13 19.17
C3 LGU F . 3.39 30.38 17.47
O3 LGU F . 4.80 30.54 17.39
C4 LGU F . 3.25 29.15 18.35
O4 LGU F . 3.23 28.08 17.44
C5 LGU F . 2.00 29.30 19.23
O5 LGU F . 0.94 29.82 18.44
C6 LGU F . 1.53 28.08 20.07
O6B LGU F . 0.33 27.80 20.03
O6A LGU F . 2.41 27.51 20.76
C1 LGU F . 4.50 27.34 17.54
C2 LGU F . 4.26 25.85 17.08
O2 LGU F . 3.21 25.65 16.16
C3 LGU F . 5.51 25.24 16.44
O3 LGU F . 5.19 23.93 15.98
C4 LGU F . 6.00 26.11 15.25
O4 LGU F . 7.39 25.96 15.08
C5 LGU F . 5.57 27.58 15.40
O5 LGU F . 5.54 27.96 16.77
C6 LGU F . 6.46 28.58 14.63
O6B LGU F . 6.24 28.61 13.43
O6A LGU F . 7.30 29.25 15.28
C1 LGU G . 4.09 -35.04 -22.80
C2 LGU G . 3.35 -35.60 -21.57
O2 LGU G . 2.14 -36.25 -21.92
C3 LGU G . 4.20 -36.66 -20.89
O3 LGU G . 4.52 -37.70 -21.78
C4 LGU G . 5.55 -36.07 -20.51
O4 LGU G . 5.32 -35.03 -19.58
C5 LGU G . 6.24 -35.61 -21.81
O5 LGU G . 5.42 -34.66 -22.51
C6 LGU G . 7.63 -34.92 -21.61
O6B LGU G . 8.05 -34.79 -20.46
O6A LGU G . 8.24 -34.52 -22.65
O1 LGU G . 3.99 -35.88 -23.91
C1 LGU G . 5.77 -35.44 -18.27
C2 LGU G . 6.51 -34.30 -17.52
O2 LGU G . 7.68 -33.82 -18.14
C3 LGU G . 5.56 -33.11 -17.32
O3 LGU G . 5.20 -32.54 -18.56
C4 LGU G . 4.28 -33.59 -16.61
O4 LGU G . 4.58 -34.00 -15.30
C5 LGU G . 3.69 -34.76 -17.37
O5 LGU G . 4.64 -35.82 -17.53
C6 LGU G . 2.50 -35.34 -16.58
O6B LGU G . 2.47 -36.57 -16.43
O6A LGU G . 1.70 -34.47 -16.16
C1 LGU G . 3.96 -33.16 -14.31
C2 LGU G . 3.90 -33.93 -12.95
O2 LGU G . 4.83 -35.01 -12.90
C3 LGU G . 4.11 -33.03 -11.73
O3 LGU G . 4.35 -33.71 -10.51
C4 LGU G . 5.36 -32.18 -11.87
O4 LGU G . 5.03 -30.92 -11.34
C5 LGU G . 5.81 -32.15 -13.33
O5 LGU G . 4.68 -31.96 -14.16
C6 LGU G . 6.81 -31.02 -13.67
O6B LGU G . 6.34 -29.91 -13.60
O6A LGU G . 7.99 -31.34 -13.96
C1 LGU G . 5.69 -30.70 -10.04
C2 LGU G . 5.71 -29.18 -9.70
O2 LGU G . 4.67 -28.44 -10.29
C3 LGU G . 5.59 -28.90 -8.21
O3 LGU G . 5.54 -27.50 -8.01
C4 LGU G . 4.29 -29.52 -7.64
O4 LGU G . 4.42 -29.76 -6.26
C5 LGU G . 3.90 -30.78 -8.42
O5 LGU G . 5.05 -31.42 -8.98
C6 LGU G . 3.18 -31.83 -7.54
O6B LGU G . 3.83 -32.77 -7.10
O6A LGU G . 1.96 -31.59 -7.36
C1 LGU H . -16.11 -10.43 3.33
C2 LGU H . -15.25 -11.71 3.22
O2 LGU H . -13.89 -11.53 3.58
C3 LGU H . -15.78 -12.86 4.09
O3 LGU H . -15.37 -12.70 5.45
C4 LGU H . -17.31 -13.02 3.97
O4 LGU H . -17.63 -13.56 2.70
C5 LGU H . -18.01 -11.66 4.13
O5 LGU H . -17.48 -10.75 3.17
C6 LGU H . -19.55 -11.70 3.87
O6B LGU H . -20.26 -12.02 4.83
O6A LGU H . -19.92 -11.39 2.70
O1 LGU H . -15.88 -9.64 4.46
C1 LGU H . -18.18 -14.89 2.77
C2 LGU H . -18.82 -15.30 1.41
O2 LGU H . -19.95 -14.57 0.97
C3 LGU H . -17.75 -15.25 0.32
O3 LGU H . -17.17 -13.96 0.11
C4 LGU H . -16.66 -16.22 0.76
O4 LGU H . -17.30 -17.45 0.89
C5 LGU H . -16.11 -15.83 2.13
O5 LGU H . -17.19 -15.83 3.08
C6 LGU H . -15.02 -16.80 2.67
O6B LGU H . -15.12 -17.17 3.84
O6A LGU H . -14.13 -17.11 1.87
C1 LGU H . -16.76 -18.37 -0.06
C2 LGU H . -16.92 -19.78 0.52
O2 LGU H . -18.02 -19.94 1.39
C3 LGU H . -17.10 -20.83 -0.57
O3 LGU H . -17.44 -22.07 0.02
C4 LGU H . -18.23 -20.46 -1.53
O4 LGU H . -17.74 -20.78 -2.81
C5 LGU H . -18.61 -18.99 -1.38
O5 LGU H . -17.44 -18.20 -1.28
C6 LGU H . -19.44 -18.38 -2.54
O6B LGU H . -19.14 -17.25 -2.93
O6A LGU H . -20.38 -19.11 -2.95
C1 LGU H . -18.28 -22.06 -3.28
C2 LGU H . -18.05 -22.19 -4.82
O2 LGU H . -16.85 -21.61 -5.31
C3 LGU H . -18.02 -23.64 -5.23
O3 LGU H . -17.87 -23.67 -6.64
C4 LGU H . -16.84 -24.36 -4.58
O4 LGU H . -17.09 -25.73 -4.57
C5 LGU H . -16.57 -23.85 -3.16
O5 LGU H . -17.71 -23.19 -2.60
C6 LGU H . -16.16 -24.98 -2.18
O6B LGU H . -15.12 -25.57 -2.46
O6A LGU H . -16.92 -25.19 -1.19
S SO4 I . -0.24 34.66 -9.13
O1 SO4 I . 0.15 33.71 -8.01
O2 SO4 I . -0.26 33.91 -10.42
O3 SO4 I . -1.62 35.22 -8.86
O4 SO4 I . 0.77 35.77 -9.19
S SO4 J . 9.65 21.50 17.53
O1 SO4 J . 8.59 22.39 16.94
O2 SO4 J . 11.04 22.02 17.20
O3 SO4 J . 9.47 21.44 19.03
O4 SO4 J . 9.50 20.10 16.99
S SO4 K . 9.30 -27.41 -3.41
O1 SO4 K . 9.82 -27.97 -4.71
O2 SO4 K . 10.45 -26.95 -2.55
O3 SO4 K . 8.42 -26.23 -3.71
O4 SO4 K . 8.52 -28.49 -2.70
#